data_2BN4
#
_entry.id   2BN4
#
_cell.length_a   78.140
_cell.length_b   77.843
_cell.length_c   261.495
_cell.angle_alpha   90.00
_cell.angle_beta   90.00
_cell.angle_gamma   90.00
#
_symmetry.space_group_name_H-M   'P 21 21 21'
#
loop_
_entity.id
_entity.type
_entity.pdbx_description
1 polymer 'NADPH CYTOCHROME P450 REDUCTASE'
2 non-polymer 'FLAVIN-ADENINE DINUCLEOTIDE'
3 non-polymer 'FLAVIN MONONUCLEOTIDE'
4 non-polymer 'NADP NICOTINAMIDE-ADENINE-DINUCLEOTIDE PHOSPHATE'
5 water water
#
_entity_poly.entity_id   1
_entity_poly.type   'polypeptide(L)'
_entity_poly.pdbx_seq_one_letter_code
;MGSSHHHHHHSSGLVPRGSHMLDIMSDDGDITAVSSGNRDIAQVVTENNKNYLVLYASQTGTAEDYAKKFSKELVAKFNL
NVMCADVENYDFESLNDVPVIVSIFISTYGEGDFPDGAVNFEDFICNAEAGALSNLRYNMFGLGNSTYEFFNGAAKKAEK
HLSAAGAIRLGKLGEADDGAGTTDEDYMAWKDSILEVLKDELHLDEQEAKFTSQFQYTVLNEITDSMSLGEPSAHYLPSH
QLNRNADGIQLGPFDLSQPYIAPIVKSRELFSSNDRNCIHSEFDLSGSNIKYSTGDHLAVWPSNPLEKVEQFLSIFNLDP
ETIFDLKPLDPTVKVPFPTPTTIGAAIKHYLEITGPVSRQLFSSLIQFAPNADVKEKLTLLSKDKDQFAVEITSKYFNIA
DALKYLSDGAKWDTVPMQFLVESVPQMTPRYYSISSSSLSEKQTVHVTSIVENFPNPELPDAPPVVGVTTNLLRNIQLAQ
NNVNIAETNLPVHYDLNGPRKLFANYKLPVHVRRSNFRLPSNPSTPVIMIGPGTGVAPFRGFIRERVAFLESQKKGGNNV
SLGKHILFYGSRNTDDFLYQDEWPEYAKKLDGSFEMVVAHSRLPNTKKVYVQDKLKDYEDQVFEMINNGAFIYVCGDAKG
MAKGVSTALVGILSRGKSITTDEATELIKMLKTSGRYQEDVW
;
_entity_poly.pdbx_strand_id   A,B
#
loop_
_chem_comp.id
_chem_comp.type
_chem_comp.name
_chem_comp.formula
FAD non-polymer 'FLAVIN-ADENINE DINUCLEOTIDE' 'C27 H33 N9 O15 P2'
FMN non-polymer 'FLAVIN MONONUCLEOTIDE' 'C17 H21 N4 O9 P'
NAP non-polymer 'NADP NICOTINAMIDE-ADENINE-DINUCLEOTIDE PHOSPHATE' 'C21 H28 N7 O17 P3'
#
# COMPACT_ATOMS: atom_id res chain seq x y z
N ASN A 38 -13.51 6.90 -8.32
CA ASN A 38 -13.80 7.81 -9.46
C ASN A 38 -12.62 8.74 -9.74
N ARG A 39 -12.41 9.68 -8.83
CA ARG A 39 -11.33 10.63 -8.94
C ARG A 39 -10.42 10.47 -7.73
N ASP A 40 -10.58 9.37 -7.01
CA ASP A 40 -9.75 9.11 -5.83
C ASP A 40 -8.60 8.16 -6.17
N ILE A 41 -7.38 8.67 -6.00
CA ILE A 41 -6.15 7.95 -6.30
C ILE A 41 -6.05 6.55 -5.69
N ALA A 42 -5.79 6.47 -4.38
CA ALA A 42 -5.64 5.18 -3.70
C ALA A 42 -6.70 4.17 -4.10
N GLN A 43 -7.89 4.68 -4.37
CA GLN A 43 -9.02 3.86 -4.76
C GLN A 43 -8.93 3.40 -6.20
N VAL A 44 -8.52 4.29 -7.09
CA VAL A 44 -8.39 3.98 -8.52
C VAL A 44 -7.32 2.92 -8.75
N VAL A 45 -6.19 3.09 -8.09
CA VAL A 45 -5.08 2.15 -8.23
C VAL A 45 -5.42 0.75 -7.75
N THR A 46 -6.04 0.65 -6.57
CA THR A 46 -6.39 -0.64 -6.00
C THR A 46 -7.47 -1.36 -6.81
N GLU A 47 -8.57 -0.67 -7.09
CA GLU A 47 -9.65 -1.29 -7.85
C GLU A 47 -9.13 -1.86 -9.17
N ASN A 48 -8.18 -1.18 -9.80
CA ASN A 48 -7.64 -1.65 -11.07
C ASN A 48 -6.45 -2.60 -10.96
N ASN A 49 -6.09 -2.95 -9.73
CA ASN A 49 -4.97 -3.86 -9.47
C ASN A 49 -3.69 -3.39 -10.11
N LYS A 50 -3.32 -2.14 -9.83
CA LYS A 50 -2.11 -1.57 -10.38
C LYS A 50 -1.00 -1.84 -9.37
N ASN A 51 0.20 -2.16 -9.85
CA ASN A 51 1.30 -2.40 -8.94
C ASN A 51 2.38 -1.32 -9.07
N TYR A 52 2.06 -0.24 -9.77
CA TYR A 52 3.00 0.87 -9.93
C TYR A 52 2.25 2.10 -10.43
N LEU A 53 2.45 3.21 -9.75
CA LEU A 53 1.80 4.47 -10.07
C LEU A 53 2.80 5.53 -10.55
N VAL A 54 2.61 5.98 -11.79
CA VAL A 54 3.45 7.04 -12.36
C VAL A 54 2.59 8.29 -12.45
N LEU A 55 3.08 9.37 -11.86
CA LEU A 55 2.35 10.63 -11.83
C LEU A 55 3.12 11.68 -12.60
N TYR A 56 2.42 12.48 -13.39
CA TYR A 56 3.08 13.56 -14.12
C TYR A 56 2.38 14.89 -13.89
N ALA A 57 3.18 15.94 -13.69
CA ALA A 57 2.65 17.28 -13.48
C ALA A 57 3.33 18.11 -14.55
N SER A 58 2.75 18.03 -15.75
CA SER A 58 3.28 18.73 -16.92
C SER A 58 2.34 19.79 -17.46
N GLN A 59 2.89 20.79 -18.14
CA GLN A 59 2.08 21.84 -18.74
C GLN A 59 2.13 21.76 -20.27
N THR A 60 3.30 21.44 -20.82
CA THR A 60 3.43 21.35 -22.27
C THR A 60 3.71 19.93 -22.69
N GLY A 61 3.14 18.97 -21.97
CA GLY A 61 3.29 17.57 -22.29
C GLY A 61 4.65 16.91 -22.15
N THR A 62 5.70 17.71 -21.95
CA THR A 62 7.06 17.17 -21.83
C THR A 62 7.21 16.13 -20.70
N ALA A 63 6.64 16.43 -19.54
CA ALA A 63 6.70 15.53 -18.39
C ALA A 63 5.73 14.40 -18.66
N GLU A 64 4.58 14.71 -19.26
CA GLU A 64 3.64 13.66 -19.58
C GLU A 64 4.30 12.77 -20.59
N ASP A 65 5.09 13.36 -21.48
CA ASP A 65 5.73 12.54 -22.47
C ASP A 65 6.64 11.53 -21.80
N TYR A 66 7.61 12.00 -21.03
CA TYR A 66 8.52 11.05 -20.38
C TYR A 66 7.87 10.13 -19.34
N ALA A 67 6.92 10.66 -18.57
CA ALA A 67 6.20 9.85 -17.59
C ALA A 67 5.72 8.61 -18.33
N LYS A 68 5.28 8.79 -19.57
CA LYS A 68 4.80 7.67 -20.37
C LYS A 68 5.92 6.76 -20.86
N LYS A 69 7.00 7.34 -21.40
CA LYS A 69 8.13 6.53 -21.88
C LYS A 69 8.58 5.57 -20.79
N PHE A 70 8.59 6.10 -19.57
CA PHE A 70 9.01 5.38 -18.39
C PHE A 70 7.97 4.32 -18.05
N SER A 71 6.70 4.71 -17.94
CA SER A 71 5.64 3.75 -17.61
C SER A 71 5.54 2.61 -18.62
N LYS A 72 5.63 2.95 -19.90
CA LYS A 72 5.56 1.95 -20.96
C LYS A 72 6.74 0.99 -20.85
N GLU A 73 7.95 1.53 -20.68
CA GLU A 73 9.15 0.71 -20.55
C GLU A 73 9.16 -0.13 -19.26
N LEU A 74 8.29 0.24 -18.30
CA LEU A 74 8.19 -0.48 -17.03
C LEU A 74 7.33 -1.73 -17.23
N VAL A 75 6.67 -1.80 -18.39
CA VAL A 75 5.82 -2.94 -18.74
C VAL A 75 6.56 -3.62 -19.88
N ALA A 76 7.56 -2.91 -20.37
CA ALA A 76 8.36 -3.42 -21.47
C ALA A 76 9.38 -4.43 -20.96
N LYS A 77 9.76 -4.27 -19.69
CA LYS A 77 10.77 -5.14 -19.07
C LYS A 77 10.25 -5.87 -17.86
N PHE A 78 9.13 -5.43 -17.30
CA PHE A 78 8.60 -6.08 -16.11
C PHE A 78 7.13 -6.42 -16.19
N ASN A 79 6.44 -5.81 -17.16
CA ASN A 79 5.03 -6.05 -17.34
C ASN A 79 4.26 -5.72 -16.09
N LEU A 80 4.67 -4.64 -15.41
CA LEU A 80 3.95 -4.24 -14.23
C LEU A 80 2.69 -3.57 -14.78
N ASN A 81 1.60 -3.62 -14.04
CA ASN A 81 0.40 -2.97 -14.50
C ASN A 81 0.59 -1.56 -13.99
N VAL A 82 1.06 -0.67 -14.88
CA VAL A 82 1.32 0.68 -14.45
C VAL A 82 0.22 1.68 -14.78
N MET A 83 -0.08 2.53 -13.80
CA MET A 83 -1.08 3.56 -13.97
C MET A 83 -0.32 4.85 -14.11
N CYS A 84 -0.24 5.35 -15.35
CA CYS A 84 0.43 6.61 -15.65
C CYS A 84 -0.68 7.63 -15.73
N ALA A 85 -0.81 8.43 -14.69
CA ALA A 85 -1.88 9.40 -14.62
C ALA A 85 -1.46 10.86 -14.50
N ASP A 86 -2.36 11.72 -14.96
CA ASP A 86 -2.17 13.15 -14.93
C ASP A 86 -2.46 13.59 -13.50
N VAL A 87 -1.45 14.13 -12.82
CA VAL A 87 -1.63 14.54 -11.44
C VAL A 87 -2.74 15.59 -11.30
N GLU A 88 -3.45 15.81 -12.40
CA GLU A 88 -4.51 16.81 -12.45
C GLU A 88 -5.93 16.25 -12.50
N ASN A 89 -6.05 15.02 -12.97
CA ASN A 89 -7.35 14.38 -13.09
C ASN A 89 -7.83 13.75 -11.79
N TYR A 90 -6.89 13.40 -10.91
CA TYR A 90 -7.23 12.74 -9.65
C TYR A 90 -7.19 13.61 -8.41
N ASP A 91 -7.58 13.00 -7.29
CA ASP A 91 -7.62 13.66 -5.99
C ASP A 91 -6.64 12.88 -5.09
N PHE A 92 -5.65 13.58 -4.56
CA PHE A 92 -4.63 12.95 -3.72
C PHE A 92 -4.80 12.95 -2.21
N GLU A 93 -6.04 12.91 -1.75
CA GLU A 93 -6.27 12.89 -0.31
C GLU A 93 -5.84 11.51 0.19
N SER A 94 -6.17 10.48 -0.59
CA SER A 94 -5.87 9.10 -0.25
C SER A 94 -4.49 8.63 -0.71
N LEU A 95 -3.57 9.57 -0.90
CA LEU A 95 -2.22 9.23 -1.37
C LEU A 95 -1.56 8.19 -0.48
N ASN A 96 -1.54 8.46 0.81
CA ASN A 96 -0.90 7.55 1.75
C ASN A 96 -1.45 6.13 1.71
N ASP A 97 -2.69 5.99 1.26
CA ASP A 97 -3.31 4.67 1.20
C ASP A 97 -2.85 3.92 -0.05
N VAL A 98 -2.05 4.56 -0.89
CA VAL A 98 -1.58 3.86 -2.07
C VAL A 98 -0.68 2.71 -1.62
N PRO A 99 -0.92 1.52 -2.16
CA PRO A 99 -0.17 0.30 -1.84
C PRO A 99 1.05 0.05 -2.75
N VAL A 100 1.27 0.89 -3.74
CA VAL A 100 2.42 0.66 -4.61
C VAL A 100 3.50 1.73 -4.44
N ILE A 101 4.53 1.67 -5.26
CA ILE A 101 5.62 2.64 -5.24
C ILE A 101 5.30 3.70 -6.31
N VAL A 102 5.64 4.96 -6.05
CA VAL A 102 5.25 6.00 -6.98
C VAL A 102 6.36 6.78 -7.67
N SER A 103 6.19 7.01 -8.97
CA SER A 103 7.12 7.78 -9.77
C SER A 103 6.48 9.13 -10.04
N ILE A 104 7.20 10.21 -9.76
CA ILE A 104 6.69 11.56 -9.98
C ILE A 104 7.53 12.29 -11.02
N PHE A 105 6.88 12.75 -12.08
CA PHE A 105 7.55 13.50 -13.12
C PHE A 105 6.93 14.91 -13.08
N ILE A 106 7.66 15.88 -12.53
CA ILE A 106 7.16 17.25 -12.43
C ILE A 106 8.10 18.27 -13.07
N SER A 107 7.51 19.32 -13.66
CA SER A 107 8.24 20.38 -14.33
C SER A 107 8.18 21.62 -13.46
N THR A 108 8.96 22.63 -13.80
CA THR A 108 9.03 23.85 -13.01
C THR A 108 8.56 25.06 -13.79
N TYR A 109 7.79 25.94 -13.14
CA TYR A 109 7.29 27.17 -13.76
C TYR A 109 7.33 28.38 -12.82
N GLY A 110 6.73 29.49 -13.26
CA GLY A 110 6.73 30.68 -12.44
C GLY A 110 8.05 30.73 -11.69
N GLU A 111 8.02 30.86 -10.38
CA GLU A 111 9.23 30.92 -9.59
C GLU A 111 9.30 29.71 -8.67
N GLY A 112 9.35 28.51 -9.26
CA GLY A 112 9.39 27.29 -8.48
C GLY A 112 7.96 26.79 -8.38
N ASP A 113 7.12 27.21 -9.33
CA ASP A 113 5.71 26.83 -9.34
C ASP A 113 5.43 25.56 -10.12
N PHE A 114 4.42 24.84 -9.65
CA PHE A 114 3.99 23.60 -10.25
C PHE A 114 3.11 23.99 -11.43
N PRO A 115 3.14 23.20 -12.51
CA PRO A 115 2.29 23.54 -13.66
C PRO A 115 0.85 23.80 -13.23
N ASP A 116 0.20 24.76 -13.87
CA ASP A 116 -1.18 25.10 -13.55
C ASP A 116 -2.03 23.84 -13.67
N GLY A 117 -3.26 23.88 -13.15
CA GLY A 117 -4.13 22.72 -13.22
C GLY A 117 -3.44 21.46 -12.75
N ALA A 118 -2.74 21.62 -11.64
CA ALA A 118 -1.98 20.56 -10.99
C ALA A 118 -1.51 21.36 -9.79
N VAL A 119 -2.43 22.16 -9.27
CA VAL A 119 -2.16 23.00 -8.12
C VAL A 119 -2.65 22.26 -6.90
N ASN A 120 -3.72 21.48 -7.07
CA ASN A 120 -4.28 20.69 -5.99
C ASN A 120 -3.13 19.90 -5.39
N PHE A 121 -2.52 19.08 -6.25
CA PHE A 121 -1.36 18.26 -5.92
C PHE A 121 -0.37 19.12 -5.17
N GLU A 122 0.01 20.24 -5.78
CA GLU A 122 0.97 21.17 -5.18
C GLU A 122 0.52 21.59 -3.79
N ASP A 123 -0.75 21.98 -3.65
CA ASP A 123 -1.22 22.39 -2.34
C ASP A 123 -1.06 21.21 -1.40
N PHE A 124 -1.80 20.14 -1.67
CA PHE A 124 -1.74 18.95 -0.83
C PHE A 124 -0.35 18.66 -0.34
N ILE A 125 0.53 18.32 -1.28
CA ILE A 125 1.91 18.00 -0.97
C ILE A 125 2.56 19.12 -0.15
N CYS A 126 2.46 20.35 -0.63
CA CYS A 126 3.06 21.46 0.07
C CYS A 126 2.39 21.75 1.40
N ASN A 127 1.34 20.99 1.73
CA ASN A 127 0.61 21.17 2.98
C ASN A 127 0.67 20.02 3.99
N ALA A 128 0.57 18.79 3.49
CA ALA A 128 0.62 17.62 4.35
C ALA A 128 1.68 17.84 5.44
N GLU A 129 1.32 17.59 6.70
CA GLU A 129 2.25 17.78 7.81
C GLU A 129 3.22 16.61 8.02
N ALA A 130 3.99 16.66 9.11
CA ALA A 130 4.98 15.63 9.45
C ALA A 130 4.41 14.23 9.44
N GLY A 131 5.21 13.27 8.98
CA GLY A 131 4.78 11.88 8.95
C GLY A 131 3.41 11.63 8.35
N ALA A 132 2.88 12.58 7.57
CA ALA A 132 1.57 12.45 6.94
C ALA A 132 1.54 11.60 5.67
N LEU A 133 2.72 11.17 5.22
CA LEU A 133 2.82 10.32 4.03
C LEU A 133 3.71 9.11 4.34
N SER A 134 3.86 8.84 5.64
CA SER A 134 4.68 7.75 6.14
C SER A 134 4.81 6.51 5.27
N ASN A 135 3.72 6.12 4.62
CA ASN A 135 3.72 4.92 3.79
C ASN A 135 4.22 5.11 2.37
N LEU A 136 4.44 6.34 1.95
CA LEU A 136 4.86 6.57 0.58
C LEU A 136 6.32 6.27 0.25
N ARG A 137 6.46 5.43 -0.77
CA ARG A 137 7.76 5.04 -1.30
C ARG A 137 7.70 5.64 -2.72
N TYR A 138 8.61 6.56 -3.03
CA TYR A 138 8.63 7.18 -4.35
C TYR A 138 10.03 7.51 -4.83
N ASN A 139 10.14 7.76 -6.13
CA ASN A 139 11.39 8.18 -6.78
C ASN A 139 10.92 9.30 -7.70
N MET A 140 11.78 10.28 -7.98
CA MET A 140 11.32 11.39 -8.82
C MET A 140 12.27 11.99 -9.87
N PHE A 141 11.64 12.48 -10.93
CA PHE A 141 12.30 13.09 -12.07
C PHE A 141 11.74 14.48 -12.32
N GLY A 142 12.60 15.51 -12.24
CA GLY A 142 12.12 16.87 -12.43
C GLY A 142 12.68 17.61 -13.63
N LEU A 143 11.81 17.96 -14.57
CA LEU A 143 12.23 18.67 -15.76
C LEU A 143 12.33 20.16 -15.47
N GLY A 144 13.35 20.82 -16.02
CA GLY A 144 13.53 22.23 -15.79
C GLY A 144 14.49 22.86 -16.79
N ASN A 145 14.82 24.13 -16.58
CA ASN A 145 15.73 24.84 -17.47
C ASN A 145 16.61 25.75 -16.61
N SER A 146 17.88 25.41 -16.48
CA SER A 146 18.80 26.16 -15.65
C SER A 146 19.01 27.63 -16.01
N THR A 147 18.29 28.12 -17.00
CA THR A 147 18.46 29.53 -17.38
C THR A 147 17.49 30.41 -16.61
N TYR A 148 16.65 29.78 -15.79
CA TYR A 148 15.71 30.52 -14.98
C TYR A 148 16.24 30.40 -13.58
N GLU A 149 15.78 31.29 -12.70
CA GLU A 149 16.16 31.20 -11.30
C GLU A 149 15.31 30.01 -10.86
N PHE A 150 15.55 29.49 -9.67
CA PHE A 150 14.75 28.37 -9.24
C PHE A 150 14.85 27.31 -10.33
N PHE A 151 16.03 26.72 -10.45
CA PHE A 151 16.26 25.67 -11.42
C PHE A 151 15.61 24.43 -10.83
N ASN A 152 14.66 23.86 -11.56
CA ASN A 152 13.95 22.68 -11.09
C ASN A 152 13.33 22.90 -9.72
N GLY A 153 12.91 24.13 -9.45
CA GLY A 153 12.28 24.43 -8.18
C GLY A 153 11.06 23.59 -7.86
N ALA A 154 10.20 23.38 -8.83
CA ALA A 154 9.00 22.59 -8.59
C ALA A 154 9.38 21.29 -7.92
N ALA A 155 10.08 20.44 -8.64
CA ALA A 155 10.48 19.17 -8.07
C ALA A 155 11.38 19.31 -6.83
N LYS A 156 12.21 20.34 -6.77
CA LYS A 156 13.05 20.52 -5.59
C LYS A 156 12.11 20.69 -4.39
N LYS A 157 11.20 21.66 -4.48
CA LYS A 157 10.23 21.91 -3.42
C LYS A 157 9.38 20.66 -3.11
N ALA A 158 8.75 20.09 -4.12
CA ALA A 158 7.90 18.90 -3.96
C ALA A 158 8.54 17.77 -3.19
N GLU A 159 9.85 17.62 -3.34
CA GLU A 159 10.57 16.56 -2.67
C GLU A 159 11.06 17.00 -1.29
N LYS A 160 10.95 18.29 -1.02
CA LYS A 160 11.32 18.85 0.27
C LYS A 160 10.13 18.52 1.16
N HIS A 161 8.93 18.84 0.70
CA HIS A 161 7.73 18.57 1.48
C HIS A 161 7.56 17.06 1.65
N LEU A 162 7.48 16.33 0.54
CA LEU A 162 7.31 14.88 0.64
C LEU A 162 8.21 14.29 1.71
N SER A 163 9.46 14.75 1.76
CA SER A 163 10.40 14.28 2.77
C SER A 163 9.79 14.53 4.13
N ALA A 164 9.60 15.80 4.46
CA ALA A 164 9.02 16.19 5.72
C ALA A 164 7.69 15.48 6.02
N ALA A 165 6.93 15.15 4.99
CA ALA A 165 5.66 14.46 5.17
C ALA A 165 5.93 13.00 5.54
N GLY A 166 7.19 12.70 5.78
CA GLY A 166 7.58 11.36 6.15
C GLY A 166 7.68 10.34 5.04
N ALA A 167 7.69 10.75 3.77
CA ALA A 167 7.76 9.75 2.68
C ALA A 167 9.22 9.35 2.45
N ILE A 168 9.45 8.27 1.70
CA ILE A 168 10.83 7.80 1.43
C ILE A 168 11.26 7.82 -0.05
N ARG A 169 12.14 8.75 -0.40
CA ARG A 169 12.63 8.85 -1.78
C ARG A 169 13.55 7.68 -2.08
N LEU A 170 13.35 7.03 -3.22
CA LEU A 170 14.14 5.85 -3.61
C LEU A 170 15.47 6.04 -4.33
N GLY A 171 15.48 6.63 -5.52
CA GLY A 171 16.75 6.79 -6.21
C GLY A 171 17.32 8.19 -6.00
N LYS A 172 18.06 8.70 -6.97
CA LYS A 172 18.59 10.06 -6.83
C LYS A 172 17.49 10.94 -7.45
N LEU A 173 17.46 12.23 -7.09
CA LEU A 173 16.43 13.13 -7.62
C LEU A 173 16.84 13.73 -8.96
N GLY A 174 16.19 13.26 -10.03
CA GLY A 174 16.50 13.71 -11.37
C GLY A 174 16.19 15.13 -11.82
N GLU A 175 17.14 15.75 -12.53
CA GLU A 175 16.98 17.11 -13.02
C GLU A 175 17.28 17.22 -14.53
N ALA A 176 16.24 17.30 -15.34
CA ALA A 176 16.43 17.46 -16.78
C ALA A 176 16.69 18.95 -16.92
N ASP A 177 17.59 19.34 -17.83
CA ASP A 177 17.90 20.75 -18.02
C ASP A 177 17.65 21.19 -19.45
N ASP A 178 16.44 21.65 -19.74
CA ASP A 178 16.15 22.06 -21.10
C ASP A 178 17.05 23.22 -21.45
N GLY A 179 17.51 23.92 -20.42
CA GLY A 179 18.41 25.04 -20.65
C GLY A 179 19.56 24.64 -21.54
N ALA A 180 20.29 23.61 -21.13
CA ALA A 180 21.45 23.15 -21.88
C ALA A 180 21.06 22.15 -22.97
N GLY A 181 19.76 21.92 -23.12
CA GLY A 181 19.29 20.97 -24.13
C GLY A 181 19.78 19.54 -23.91
N THR A 182 19.70 19.07 -22.67
CA THR A 182 20.14 17.71 -22.32
C THR A 182 18.98 16.86 -21.76
N THR A 183 17.82 17.49 -21.64
CA THR A 183 16.62 16.86 -21.13
C THR A 183 16.65 15.36 -21.39
N ASP A 184 16.44 14.98 -22.65
CA ASP A 184 16.40 13.56 -23.05
C ASP A 184 17.57 12.71 -22.56
N GLU A 185 18.79 13.17 -22.80
CA GLU A 185 19.94 12.43 -22.37
C GLU A 185 20.04 12.40 -20.84
N ASP A 186 19.40 13.38 -20.17
CA ASP A 186 19.37 13.42 -18.71
C ASP A 186 18.32 12.43 -18.23
N TYR A 187 17.22 12.31 -18.97
CA TYR A 187 16.16 11.35 -18.63
C TYR A 187 16.75 9.95 -18.76
N MET A 188 17.42 9.69 -19.87
CA MET A 188 17.98 8.38 -20.09
C MET A 188 18.78 7.93 -18.89
N ALA A 189 19.62 8.83 -18.37
CA ALA A 189 20.46 8.54 -17.21
C ALA A 189 19.63 8.24 -15.96
N TRP A 190 18.88 9.22 -15.48
CA TRP A 190 18.03 8.99 -14.32
C TRP A 190 17.28 7.68 -14.52
N LYS A 191 16.71 7.49 -15.71
CA LYS A 191 15.97 6.29 -16.05
C LYS A 191 16.71 5.01 -15.68
N ASP A 192 17.84 4.78 -16.35
CA ASP A 192 18.66 3.59 -16.10
C ASP A 192 18.79 3.31 -14.63
N SER A 193 19.26 4.31 -13.89
CA SER A 193 19.43 4.23 -12.44
C SER A 193 18.17 3.71 -11.72
N ILE A 194 17.11 4.51 -11.76
CA ILE A 194 15.86 4.14 -11.12
C ILE A 194 15.38 2.76 -11.56
N LEU A 195 15.60 2.39 -12.82
CA LEU A 195 15.17 1.06 -13.23
C LEU A 195 15.88 0.00 -12.40
N GLU A 196 17.16 0.24 -12.14
CA GLU A 196 17.98 -0.66 -11.34
C GLU A 196 17.42 -0.72 -9.92
N VAL A 197 17.24 0.46 -9.33
CA VAL A 197 16.71 0.55 -7.98
C VAL A 197 15.37 -0.14 -7.79
N LEU A 198 14.45 0.08 -8.71
CA LEU A 198 13.14 -0.54 -8.59
C LEU A 198 13.29 -2.05 -8.66
N LYS A 199 14.24 -2.50 -9.47
CA LYS A 199 14.47 -3.93 -9.65
C LYS A 199 14.72 -4.57 -8.29
N ASP A 200 15.48 -3.86 -7.45
CA ASP A 200 15.76 -4.37 -6.10
C ASP A 200 14.56 -4.21 -5.19
N GLU A 201 14.27 -2.97 -4.81
CA GLU A 201 13.15 -2.72 -3.94
C GLU A 201 12.05 -3.74 -4.19
N LEU A 202 11.65 -3.89 -5.44
CA LEU A 202 10.58 -4.80 -5.79
C LEU A 202 10.94 -6.24 -6.02
N HIS A 203 12.22 -6.57 -6.06
CA HIS A 203 12.59 -7.95 -6.33
C HIS A 203 11.85 -8.34 -7.60
N LEU A 204 12.16 -7.60 -8.66
CA LEU A 204 11.55 -7.79 -9.97
C LEU A 204 12.49 -8.55 -10.89
N ASP A 205 11.95 -9.52 -11.62
CA ASP A 205 12.77 -10.25 -12.57
C ASP A 205 12.69 -9.50 -13.87
N GLU A 206 13.80 -9.41 -14.58
CA GLU A 206 13.82 -8.70 -15.85
C GLU A 206 13.44 -9.65 -16.97
N GLN A 207 13.20 -9.09 -18.14
CA GLN A 207 12.88 -9.86 -19.33
C GLN A 207 13.33 -8.98 -20.49
N GLU A 208 13.16 -9.48 -21.69
CA GLU A 208 13.56 -8.73 -22.87
C GLU A 208 12.44 -7.69 -23.08
N ALA A 209 12.80 -6.53 -23.61
CA ALA A 209 11.82 -5.47 -23.88
C ALA A 209 10.78 -5.95 -24.88
N LYS A 210 9.55 -5.46 -24.74
CA LYS A 210 8.51 -5.87 -25.67
C LYS A 210 7.27 -5.00 -25.46
N PHE A 211 6.84 -4.35 -26.54
CA PHE A 211 5.70 -3.43 -26.53
C PHE A 211 4.32 -4.06 -26.23
N THR A 212 3.58 -3.45 -25.31
CA THR A 212 2.24 -3.93 -24.94
C THR A 212 1.21 -2.82 -25.07
N SER A 213 0.30 -2.91 -26.03
CA SER A 213 -0.69 -1.85 -26.19
C SER A 213 -1.63 -1.70 -25.03
N GLN A 214 -1.86 -0.45 -24.63
CA GLN A 214 -2.77 -0.16 -23.53
C GLN A 214 -4.17 -0.12 -24.10
N PHE A 215 -4.28 -0.22 -25.42
CA PHE A 215 -5.59 -0.18 -26.05
C PHE A 215 -5.85 -1.42 -26.87
N GLN A 216 -6.96 -1.37 -27.61
CA GLN A 216 -7.34 -2.44 -28.49
C GLN A 216 -7.53 -1.85 -29.88
N TYR A 217 -6.47 -1.94 -30.69
CA TYR A 217 -6.51 -1.42 -32.05
C TYR A 217 -7.36 -2.33 -32.93
N THR A 218 -8.50 -1.82 -33.37
CA THR A 218 -9.40 -2.58 -34.23
C THR A 218 -9.74 -1.75 -35.45
N VAL A 219 -9.06 -2.03 -36.55
CA VAL A 219 -9.30 -1.32 -37.80
C VAL A 219 -10.81 -1.32 -38.08
N LEU A 220 -11.28 -0.31 -38.83
CA LEU A 220 -12.68 -0.22 -39.17
C LEU A 220 -12.86 -0.04 -40.67
N ASN A 221 -14.10 0.22 -41.09
CA ASN A 221 -14.44 0.34 -42.51
C ASN A 221 -15.27 1.56 -42.95
N GLU A 222 -16.44 1.73 -42.35
CA GLU A 222 -17.35 2.81 -42.74
C GLU A 222 -17.30 4.15 -41.99
N ILE A 223 -16.54 5.11 -42.53
CA ILE A 223 -16.41 6.42 -41.91
C ILE A 223 -17.74 7.07 -41.50
N THR A 224 -18.08 6.97 -40.22
CA THR A 224 -19.31 7.55 -39.69
C THR A 224 -19.02 9.01 -39.34
N ASP A 225 -20.06 9.71 -38.95
CA ASP A 225 -19.93 11.10 -38.55
C ASP A 225 -19.92 11.13 -37.03
N SER A 226 -19.86 9.94 -36.45
CA SER A 226 -19.83 9.76 -35.01
C SER A 226 -18.36 9.65 -34.64
N MET A 227 -17.51 9.65 -35.66
CA MET A 227 -16.08 9.54 -35.49
C MET A 227 -15.44 10.92 -35.73
N SER A 228 -14.11 10.97 -35.84
CA SER A 228 -13.41 12.23 -36.05
C SER A 228 -12.41 12.21 -37.19
N LEU A 229 -12.34 13.31 -37.94
CA LEU A 229 -11.44 13.43 -39.06
C LEU A 229 -10.35 14.44 -38.74
N GLY A 230 -10.27 14.82 -37.46
CA GLY A 230 -9.25 15.78 -37.06
C GLY A 230 -9.79 16.82 -36.09
N GLU A 231 -11.10 16.80 -35.90
CA GLU A 231 -11.72 17.74 -34.99
C GLU A 231 -10.91 17.69 -33.71
N PRO A 232 -10.45 18.86 -33.23
CA PRO A 232 -9.65 18.95 -32.00
C PRO A 232 -10.35 18.24 -30.85
N SER A 233 -11.31 18.90 -30.22
CA SER A 233 -12.07 18.30 -29.13
C SER A 233 -13.14 17.43 -29.79
N ALA A 234 -13.75 16.54 -29.03
CA ALA A 234 -14.76 15.64 -29.56
C ALA A 234 -16.16 16.16 -29.41
N HIS A 235 -16.30 17.47 -29.34
CA HIS A 235 -17.61 18.10 -29.21
C HIS A 235 -17.89 18.69 -30.58
N TYR A 236 -16.80 18.90 -31.31
CA TYR A 236 -16.86 19.43 -32.66
C TYR A 236 -17.03 18.27 -33.63
N LEU A 237 -17.92 17.35 -33.29
CA LEU A 237 -18.19 16.21 -34.15
C LEU A 237 -19.57 16.45 -34.76
N PRO A 238 -19.75 16.06 -36.03
CA PRO A 238 -21.05 16.26 -36.67
C PRO A 238 -22.18 15.80 -35.76
N SER A 239 -22.09 14.55 -35.30
CA SER A 239 -23.10 13.96 -34.43
C SER A 239 -23.23 14.71 -33.12
N HIS A 240 -22.54 15.83 -33.00
CA HIS A 240 -22.59 16.62 -31.78
C HIS A 240 -23.09 18.04 -32.07
N ASN A 243 -24.14 21.23 -32.96
CA ASN A 243 -23.97 22.57 -32.41
C ASN A 243 -24.45 23.65 -33.39
N ARG A 244 -25.02 23.21 -34.51
CA ARG A 244 -25.54 24.11 -35.55
C ARG A 244 -24.47 25.05 -36.12
N ASN A 245 -23.90 24.64 -37.25
CA ASN A 245 -22.86 25.42 -37.93
C ASN A 245 -23.16 26.93 -37.96
N ALA A 246 -24.42 27.28 -38.22
CA ALA A 246 -24.84 28.68 -38.30
C ALA A 246 -25.43 29.22 -37.00
N ASP A 247 -25.13 28.57 -35.87
CA ASP A 247 -25.65 28.97 -34.55
C ASP A 247 -25.38 30.40 -34.08
N GLY A 248 -25.38 30.56 -32.75
CA GLY A 248 -25.16 31.86 -32.11
C GLY A 248 -23.87 32.02 -31.33
N ILE A 249 -23.93 32.75 -30.21
CA ILE A 249 -22.75 33.00 -29.39
C ILE A 249 -22.25 31.84 -28.54
N GLN A 250 -21.33 31.06 -29.12
CA GLN A 250 -20.74 29.89 -28.46
C GLN A 250 -20.30 30.16 -27.03
N LEU A 251 -20.68 29.25 -26.13
CA LEU A 251 -20.36 29.37 -24.72
C LEU A 251 -19.49 28.22 -24.28
N GLY A 252 -19.74 27.77 -23.05
CA GLY A 252 -19.01 26.67 -22.46
C GLY A 252 -17.57 27.02 -22.29
N PRO A 253 -16.94 26.57 -21.21
CA PRO A 253 -15.53 26.86 -20.97
C PRO A 253 -14.68 26.36 -22.14
N PHE A 254 -13.81 27.21 -22.66
CA PHE A 254 -12.94 26.80 -23.77
C PHE A 254 -11.52 26.68 -23.22
N ASP A 255 -10.86 25.57 -23.53
CA ASP A 255 -9.50 25.34 -23.06
C ASP A 255 -8.89 24.07 -23.64
N LEU A 256 -7.77 23.64 -23.08
CA LEU A 256 -7.07 22.46 -23.55
C LEU A 256 -8.00 21.30 -23.93
N SER A 257 -9.11 21.18 -23.20
CA SER A 257 -10.09 20.10 -23.44
C SER A 257 -11.06 20.47 -24.55
N GLN A 258 -11.40 21.75 -24.61
CA GLN A 258 -12.31 22.26 -25.62
C GLN A 258 -11.87 23.64 -26.07
N PRO A 259 -11.14 23.70 -27.19
CA PRO A 259 -10.64 24.94 -27.77
C PRO A 259 -11.72 25.56 -28.64
N TYR A 260 -11.73 26.87 -28.75
CA TYR A 260 -12.71 27.55 -29.57
C TYR A 260 -12.14 27.80 -30.94
N ILE A 261 -12.76 27.24 -31.98
CA ILE A 261 -12.27 27.50 -33.34
C ILE A 261 -12.59 28.96 -33.61
N ALA A 262 -11.53 29.74 -33.77
CA ALA A 262 -11.67 31.16 -34.01
C ALA A 262 -11.05 31.52 -35.35
N PRO A 263 -11.55 32.59 -35.98
CA PRO A 263 -11.05 33.02 -37.28
C PRO A 263 -10.07 34.19 -37.22
N ILE A 264 -9.01 34.07 -37.99
CA ILE A 264 -8.03 35.12 -38.08
C ILE A 264 -8.74 36.10 -39.00
N VAL A 265 -9.02 37.30 -38.51
CA VAL A 265 -9.72 38.28 -39.32
C VAL A 265 -8.75 39.32 -39.94
N LYS A 266 -7.49 39.26 -39.51
CA LYS A 266 -6.45 40.17 -40.03
C LYS A 266 -5.07 39.59 -39.81
N SER A 267 -4.19 39.80 -40.78
CA SER A 267 -2.82 39.30 -40.70
C SER A 267 -1.89 40.09 -41.60
N ARG A 268 -0.69 40.38 -41.10
CA ARG A 268 0.31 41.11 -41.88
C ARG A 268 1.71 40.58 -41.52
N GLU A 269 2.69 40.85 -42.37
CA GLU A 269 4.07 40.45 -42.13
C GLU A 269 4.62 41.56 -41.23
N LEU A 270 5.70 41.31 -40.50
CA LEU A 270 6.23 42.32 -39.60
C LEU A 270 7.71 42.62 -39.79
N PHE A 271 8.37 41.81 -40.61
CA PHE A 271 9.80 42.00 -40.85
C PHE A 271 10.10 42.41 -42.28
N SER A 272 11.01 43.37 -42.44
CA SER A 272 11.42 43.86 -43.75
C SER A 272 12.57 42.96 -44.21
N SER A 273 12.76 41.84 -43.51
CA SER A 273 13.84 40.93 -43.82
C SER A 273 13.55 40.00 -45.01
N ASN A 274 14.60 39.37 -45.51
CA ASN A 274 14.46 38.45 -46.63
C ASN A 274 14.38 37.04 -46.08
N ASP A 275 15.25 36.72 -45.12
CA ASP A 275 15.24 35.38 -44.52
C ASP A 275 14.12 35.23 -43.51
N ARG A 276 14.30 35.93 -42.38
CA ARG A 276 13.33 35.87 -41.29
C ARG A 276 12.01 36.59 -41.54
N ASN A 277 10.98 36.12 -40.84
CA ASN A 277 9.64 36.65 -40.96
C ASN A 277 8.90 36.50 -39.62
N CYS A 278 7.97 37.40 -39.35
CA CYS A 278 7.22 37.35 -38.10
C CYS A 278 5.79 37.82 -38.33
N ILE A 279 4.82 36.96 -38.04
CA ILE A 279 3.41 37.26 -38.26
C ILE A 279 2.58 37.87 -37.13
N HIS A 280 1.81 38.89 -37.51
CA HIS A 280 0.87 39.58 -36.62
C HIS A 280 -0.44 38.96 -37.02
N SER A 281 -1.14 38.36 -36.06
CA SER A 281 -2.41 37.74 -36.34
C SER A 281 -3.45 38.36 -35.43
N GLU A 282 -4.67 38.46 -35.94
CA GLU A 282 -5.80 39.03 -35.20
C GLU A 282 -6.97 38.03 -35.19
N PHE A 283 -7.15 37.29 -34.10
CA PHE A 283 -8.24 36.35 -34.06
C PHE A 283 -9.49 37.09 -33.62
N ASP A 284 -10.65 36.53 -33.94
CA ASP A 284 -11.91 37.14 -33.54
C ASP A 284 -12.60 36.15 -32.61
N LEU A 285 -12.74 36.54 -31.34
CA LEU A 285 -13.37 35.66 -30.35
C LEU A 285 -14.79 36.08 -30.02
N SER A 286 -15.32 37.09 -30.71
CA SER A 286 -16.67 37.56 -30.43
C SER A 286 -17.76 36.48 -30.51
N GLY A 287 -17.58 35.52 -31.42
CA GLY A 287 -18.55 34.45 -31.57
C GLY A 287 -18.75 33.61 -30.32
N SER A 288 -17.89 33.84 -29.32
CA SER A 288 -17.91 33.12 -28.05
C SER A 288 -17.86 34.11 -26.88
N ASN A 289 -17.98 33.60 -25.67
CA ASN A 289 -17.94 34.45 -24.48
C ASN A 289 -16.59 34.42 -23.77
N ILE A 290 -15.52 34.49 -24.56
CA ILE A 290 -14.16 34.47 -24.06
C ILE A 290 -13.64 35.88 -23.76
N LYS A 291 -13.62 36.23 -22.48
CA LYS A 291 -13.13 37.53 -22.04
C LYS A 291 -11.69 37.38 -21.55
N TYR A 292 -10.73 37.88 -22.32
CA TYR A 292 -9.32 37.78 -21.94
C TYR A 292 -8.86 39.10 -21.33
N SER A 293 -7.78 39.07 -20.56
CA SER A 293 -7.25 40.30 -19.99
C SER A 293 -5.97 40.67 -20.74
N THR A 294 -5.48 41.89 -20.54
CA THR A 294 -4.25 42.31 -21.19
C THR A 294 -3.13 41.63 -20.40
N GLY A 295 -2.25 40.93 -21.10
CA GLY A 295 -1.17 40.24 -20.41
C GLY A 295 -1.34 38.74 -20.47
N ASP A 296 -2.55 38.26 -20.75
CA ASP A 296 -2.83 36.83 -20.86
C ASP A 296 -2.07 36.19 -22.03
N HIS A 297 -2.32 34.90 -22.27
CA HIS A 297 -1.67 34.16 -23.37
C HIS A 297 -2.72 33.50 -24.26
N LEU A 298 -2.31 33.17 -25.48
CA LEU A 298 -3.21 32.52 -26.41
C LEU A 298 -2.63 31.16 -26.80
N ALA A 299 -3.44 30.11 -26.72
CA ALA A 299 -2.97 28.79 -27.08
C ALA A 299 -3.48 28.42 -28.46
N VAL A 300 -2.56 28.31 -29.40
CA VAL A 300 -2.90 27.98 -30.77
C VAL A 300 -2.60 26.51 -31.12
N TRP A 301 -3.66 25.73 -31.39
CA TRP A 301 -3.51 24.30 -31.74
C TRP A 301 -3.22 24.16 -33.24
N PRO A 302 -2.04 23.63 -33.58
CA PRO A 302 -1.65 23.46 -34.98
C PRO A 302 -2.12 22.18 -35.63
N SER A 303 -1.38 21.81 -36.67
CA SER A 303 -1.58 20.62 -37.50
C SER A 303 -0.30 20.57 -38.34
N ASN A 304 0.53 19.58 -38.11
CA ASN A 304 1.81 19.47 -38.81
C ASN A 304 1.79 19.74 -40.30
N PRO A 305 2.94 20.20 -40.84
CA PRO A 305 3.10 20.51 -42.25
C PRO A 305 2.62 19.34 -43.08
N LEU A 306 2.38 19.58 -44.36
CA LEU A 306 1.91 18.52 -45.25
C LEU A 306 3.09 17.72 -45.77
N GLU A 307 4.19 18.42 -46.04
CA GLU A 307 5.42 17.77 -46.50
C GLU A 307 5.89 16.78 -45.42
N LYS A 308 5.64 17.14 -44.17
CA LYS A 308 6.08 16.30 -43.05
C LYS A 308 5.12 15.15 -42.72
N VAL A 309 3.82 15.41 -42.67
CA VAL A 309 2.86 14.35 -42.38
C VAL A 309 3.03 13.25 -43.40
N GLU A 310 3.40 13.64 -44.61
CA GLU A 310 3.61 12.70 -45.68
C GLU A 310 4.87 11.89 -45.44
N GLN A 311 5.99 12.57 -45.23
CA GLN A 311 7.26 11.90 -44.97
C GLN A 311 7.10 10.85 -43.86
N PHE A 312 6.17 11.08 -42.95
CA PHE A 312 5.90 10.19 -41.83
C PHE A 312 5.11 8.95 -42.22
N LEU A 313 4.00 9.16 -42.92
CA LEU A 313 3.14 8.06 -43.38
C LEU A 313 3.93 7.15 -44.29
N SER A 314 4.81 7.76 -45.08
CA SER A 314 5.63 7.03 -46.03
C SER A 314 6.55 6.00 -45.38
N ILE A 315 7.60 6.47 -44.71
CA ILE A 315 8.56 5.54 -44.09
C ILE A 315 7.94 4.30 -43.42
N PHE A 316 6.76 4.45 -42.84
CA PHE A 316 6.09 3.32 -42.18
C PHE A 316 5.23 2.56 -43.15
N ASN A 317 4.92 3.20 -44.26
CA ASN A 317 4.09 2.59 -45.30
C ASN A 317 2.69 2.44 -44.72
N LEU A 318 2.13 3.55 -44.22
CA LEU A 318 0.79 3.53 -43.65
C LEU A 318 -0.18 4.10 -44.65
N ASP A 319 -1.45 3.72 -44.52
CA ASP A 319 -2.48 4.25 -45.39
C ASP A 319 -3.21 5.27 -44.55
N PRO A 320 -3.04 6.54 -44.87
CA PRO A 320 -3.68 7.63 -44.13
C PRO A 320 -5.19 7.41 -43.96
N GLU A 321 -5.77 6.70 -44.91
CA GLU A 321 -7.21 6.45 -44.87
C GLU A 321 -7.67 5.41 -43.84
N THR A 322 -6.79 4.46 -43.54
CA THR A 322 -7.10 3.41 -42.58
C THR A 322 -7.88 3.94 -41.39
N ILE A 323 -9.20 3.79 -41.39
CA ILE A 323 -10.01 4.24 -40.27
C ILE A 323 -9.64 3.31 -39.12
N PHE A 324 -9.76 3.78 -37.89
CA PHE A 324 -9.45 2.94 -36.72
C PHE A 324 -10.07 3.48 -35.45
N ASP A 325 -9.90 2.73 -34.36
CA ASP A 325 -10.45 3.12 -33.09
C ASP A 325 -9.58 2.61 -31.96
N LEU A 326 -9.73 3.19 -30.77
CA LEU A 326 -8.93 2.78 -29.61
C LEU A 326 -9.75 2.52 -28.35
N LYS A 327 -9.73 1.28 -27.88
CA LYS A 327 -10.44 0.95 -26.66
C LYS A 327 -9.47 0.87 -25.49
N PRO A 328 -9.76 1.60 -24.41
CA PRO A 328 -8.91 1.60 -23.22
C PRO A 328 -8.98 0.20 -22.62
N LEU A 329 -7.88 -0.31 -22.09
CA LEU A 329 -7.92 -1.65 -21.51
C LEU A 329 -8.35 -1.60 -20.05
N ASP A 330 -8.69 -0.40 -19.58
CA ASP A 330 -9.16 -0.22 -18.21
C ASP A 330 -9.40 1.27 -17.92
N PRO A 331 -10.24 1.57 -16.91
CA PRO A 331 -10.55 2.94 -16.53
C PRO A 331 -9.36 3.85 -16.21
N THR A 332 -8.15 3.31 -16.32
CA THR A 332 -6.98 4.12 -16.00
C THR A 332 -6.37 4.74 -17.25
N VAL A 333 -6.34 3.96 -18.34
CA VAL A 333 -5.79 4.42 -19.62
C VAL A 333 -6.80 5.32 -20.33
N LYS A 334 -6.40 6.57 -20.58
CA LYS A 334 -7.28 7.55 -21.23
C LYS A 334 -6.93 7.70 -22.70
N VAL A 335 -7.95 7.78 -23.54
CA VAL A 335 -7.73 7.88 -24.98
C VAL A 335 -7.10 9.21 -25.38
N PRO A 336 -5.91 9.16 -26.00
CA PRO A 336 -5.14 10.31 -26.45
C PRO A 336 -6.00 11.41 -27.06
N PHE A 337 -6.74 11.03 -28.09
CA PHE A 337 -7.54 11.98 -28.82
C PHE A 337 -8.93 11.50 -29.18
N PRO A 338 -9.67 12.30 -29.98
CA PRO A 338 -11.00 11.89 -30.38
C PRO A 338 -10.97 10.64 -31.25
N THR A 339 -11.83 9.69 -30.92
CA THR A 339 -11.89 8.42 -31.65
C THR A 339 -13.33 7.95 -31.88
N PRO A 340 -13.54 7.11 -32.92
CA PRO A 340 -12.54 6.59 -33.87
C PRO A 340 -12.03 7.70 -34.76
N THR A 341 -11.10 7.36 -35.64
CA THR A 341 -10.52 8.32 -36.57
C THR A 341 -9.67 7.63 -37.64
N THR A 342 -9.27 8.42 -38.64
CA THR A 342 -8.46 7.90 -39.72
C THR A 342 -7.01 8.09 -39.34
N ILE A 343 -6.12 7.29 -39.92
CA ILE A 343 -4.71 7.43 -39.57
C ILE A 343 -4.17 8.79 -39.99
N GLY A 344 -4.63 9.30 -41.12
CA GLY A 344 -4.18 10.59 -41.59
C GLY A 344 -4.46 11.73 -40.64
N ALA A 345 -5.68 11.77 -40.10
CA ALA A 345 -6.07 12.82 -39.16
C ALA A 345 -5.21 12.84 -37.91
N ALA A 346 -4.86 11.65 -37.42
CA ALA A 346 -4.05 11.51 -36.20
C ALA A 346 -2.59 11.91 -36.37
N ILE A 347 -2.12 11.82 -37.61
CA ILE A 347 -0.74 12.16 -37.95
C ILE A 347 -0.64 13.66 -38.31
N LYS A 348 -1.78 14.23 -38.66
CA LYS A 348 -1.89 15.63 -39.06
C LYS A 348 -2.45 16.53 -37.95
N HIS A 349 -3.28 15.97 -37.06
CA HIS A 349 -3.88 16.76 -35.98
C HIS A 349 -3.63 16.25 -34.55
N TYR A 350 -3.16 15.02 -34.41
CA TYR A 350 -2.97 14.41 -33.10
C TYR A 350 -1.57 14.04 -32.63
N LEU A 351 -0.69 13.70 -33.58
CA LEU A 351 0.66 13.28 -33.27
C LEU A 351 1.78 14.25 -33.59
N GLU A 352 2.51 14.65 -32.56
CA GLU A 352 3.64 15.55 -32.72
C GLU A 352 4.75 14.74 -33.40
N ILE A 353 4.66 14.57 -34.72
CA ILE A 353 5.66 13.78 -35.45
C ILE A 353 6.96 14.54 -35.66
N THR A 354 6.82 15.85 -35.76
CA THR A 354 7.96 16.71 -36.00
C THR A 354 8.70 16.90 -34.68
N GLY A 355 9.89 17.51 -34.70
CA GLY A 355 10.63 17.72 -33.46
C GLY A 355 11.73 16.70 -33.21
N PRO A 356 12.69 17.00 -32.30
CA PRO A 356 13.82 16.14 -31.94
C PRO A 356 13.40 14.69 -31.70
N VAL A 357 14.32 13.76 -31.91
CA VAL A 357 13.99 12.37 -31.71
C VAL A 357 14.57 11.87 -30.41
N SER A 358 13.72 11.25 -29.60
CA SER A 358 14.12 10.72 -28.30
C SER A 358 14.88 9.43 -28.46
N ARG A 359 16.06 9.36 -27.87
CA ARG A 359 16.86 8.15 -27.96
C ARG A 359 16.11 6.94 -27.44
N GLN A 360 15.12 7.18 -26.58
CA GLN A 360 14.31 6.12 -26.00
C GLN A 360 13.40 5.52 -27.08
N LEU A 361 13.05 6.31 -28.08
CA LEU A 361 12.19 5.85 -29.15
C LEU A 361 12.94 4.88 -30.04
N PHE A 362 14.27 4.99 -30.07
CA PHE A 362 15.10 4.09 -30.87
C PHE A 362 15.18 2.74 -30.15
N SER A 363 15.45 2.80 -28.85
CA SER A 363 15.55 1.58 -28.06
C SER A 363 14.22 0.81 -28.09
N SER A 364 13.11 1.52 -28.24
CA SER A 364 11.80 0.88 -28.28
C SER A 364 11.44 0.37 -29.68
N LEU A 365 12.29 0.63 -30.67
CA LEU A 365 12.00 0.19 -32.03
C LEU A 365 12.65 -1.13 -32.44
N ILE A 366 13.77 -1.49 -31.83
CA ILE A 366 14.45 -2.74 -32.18
C ILE A 366 13.43 -3.84 -32.49
N GLN A 367 12.39 -3.90 -31.68
CA GLN A 367 11.32 -4.89 -31.85
C GLN A 367 10.77 -4.95 -33.27
N PHE A 368 10.64 -3.78 -33.89
CA PHE A 368 10.07 -3.73 -35.22
C PHE A 368 11.06 -3.37 -36.29
N ALA A 369 12.34 -3.64 -36.04
CA ALA A 369 13.35 -3.35 -37.04
C ALA A 369 12.88 -3.92 -38.40
N PRO A 370 13.28 -3.29 -39.51
CA PRO A 370 12.92 -3.70 -40.86
C PRO A 370 13.67 -4.97 -41.30
N ASN A 371 14.95 -5.00 -40.97
CA ASN A 371 15.81 -6.13 -41.34
C ASN A 371 16.96 -6.26 -40.35
N ALA A 372 17.42 -7.50 -40.17
CA ALA A 372 18.49 -7.84 -39.25
C ALA A 372 19.64 -6.84 -39.11
N ASP A 373 20.06 -6.24 -40.21
CA ASP A 373 21.16 -5.28 -40.16
C ASP A 373 20.72 -4.00 -39.44
N VAL A 374 19.43 -3.69 -39.57
CA VAL A 374 18.86 -2.52 -38.91
C VAL A 374 18.81 -2.79 -37.42
N LYS A 375 18.07 -3.83 -37.06
CA LYS A 375 17.90 -4.21 -35.66
C LYS A 375 19.19 -4.06 -34.89
N GLU A 376 20.31 -4.31 -35.57
CA GLU A 376 21.63 -4.22 -34.95
C GLU A 376 22.11 -2.79 -34.77
N LYS A 377 21.97 -1.94 -35.79
CA LYS A 377 22.41 -0.56 -35.63
C LYS A 377 21.48 0.19 -34.69
N LEU A 378 20.18 -0.10 -34.82
CA LEU A 378 19.18 0.54 -33.97
C LEU A 378 19.59 0.35 -32.52
N THR A 379 20.06 -0.86 -32.21
CA THR A 379 20.53 -1.26 -30.89
C THR A 379 21.73 -0.45 -30.41
N LEU A 380 22.83 -0.56 -31.14
CA LEU A 380 24.05 0.15 -30.80
C LEU A 380 23.74 1.62 -30.52
N LEU A 381 22.96 2.23 -31.42
CA LEU A 381 22.57 3.62 -31.28
C LEU A 381 21.74 3.86 -30.02
N SER A 382 20.71 3.06 -29.82
CA SER A 382 19.85 3.22 -28.65
C SER A 382 20.69 3.08 -27.39
N LYS A 383 21.93 2.65 -27.55
CA LYS A 383 22.80 2.47 -26.41
C LYS A 383 23.94 3.48 -26.31
N ASP A 384 24.29 4.14 -27.39
CA ASP A 384 25.39 5.09 -27.33
C ASP A 384 25.01 6.57 -27.37
N LYS A 385 24.96 7.17 -26.18
CA LYS A 385 24.66 8.59 -25.99
C LYS A 385 25.16 9.39 -27.22
N ASP A 386 26.48 9.41 -27.39
CA ASP A 386 27.17 10.12 -28.46
C ASP A 386 26.79 9.74 -29.88
N GLN A 387 26.92 8.47 -30.21
CA GLN A 387 26.60 8.03 -31.57
C GLN A 387 25.19 8.46 -32.01
N PHE A 388 24.26 8.56 -31.07
CA PHE A 388 22.91 8.98 -31.37
C PHE A 388 22.94 10.44 -31.76
N ALA A 389 23.68 11.23 -30.96
CA ALA A 389 23.82 12.66 -31.23
C ALA A 389 24.30 12.75 -32.66
N VAL A 390 25.49 12.20 -32.88
CA VAL A 390 26.17 12.16 -34.18
C VAL A 390 25.30 11.73 -35.37
N GLU A 391 24.67 10.56 -35.27
CA GLU A 391 23.87 10.08 -36.38
C GLU A 391 22.42 10.54 -36.49
N ILE A 392 21.87 11.16 -35.46
CA ILE A 392 20.48 11.59 -35.55
C ILE A 392 20.12 12.95 -34.99
N THR A 393 20.58 13.23 -33.77
CA THR A 393 20.29 14.50 -33.09
C THR A 393 20.92 15.72 -33.71
N SER A 394 22.24 15.69 -33.86
CA SER A 394 22.96 16.82 -34.42
C SER A 394 22.58 17.10 -35.88
N LYS A 395 21.88 16.17 -36.52
CA LYS A 395 21.46 16.33 -37.91
C LYS A 395 20.02 16.86 -38.00
N TYR A 396 19.39 17.03 -36.84
CA TYR A 396 18.04 17.55 -36.75
C TYR A 396 17.00 16.74 -37.52
N PHE A 397 17.01 15.42 -37.35
CA PHE A 397 16.02 14.59 -38.04
C PHE A 397 14.73 14.58 -37.25
N ASN A 398 13.63 14.25 -37.92
CA ASN A 398 12.33 14.11 -37.28
C ASN A 398 12.15 12.60 -37.27
N ILE A 399 11.22 12.09 -36.46
CA ILE A 399 11.02 10.64 -36.39
C ILE A 399 11.22 9.98 -37.75
N ALA A 400 10.44 10.44 -38.72
CA ALA A 400 10.49 9.90 -40.07
C ALA A 400 11.84 10.10 -40.73
N ASP A 401 12.36 11.32 -40.71
CA ASP A 401 13.66 11.62 -41.30
C ASP A 401 14.69 10.61 -40.75
N ALA A 402 14.69 10.48 -39.42
CA ALA A 402 15.60 9.60 -38.72
C ALA A 402 15.55 8.15 -39.17
N LEU A 403 14.36 7.57 -39.15
CA LEU A 403 14.20 6.16 -39.55
C LEU A 403 14.44 5.92 -41.03
N LYS A 404 14.23 6.94 -41.86
CA LYS A 404 14.49 6.76 -43.28
C LYS A 404 16.00 6.58 -43.40
N TYR A 405 16.72 7.41 -42.65
CA TYR A 405 18.17 7.37 -42.64
C TYR A 405 18.72 5.98 -42.33
N LEU A 406 18.35 5.44 -41.17
CA LEU A 406 18.83 4.11 -40.75
C LEU A 406 18.53 2.97 -41.70
N SER A 407 17.39 3.04 -42.38
CA SER A 407 16.96 1.97 -43.28
C SER A 407 17.26 2.19 -44.76
N ASP A 408 17.90 3.30 -45.10
CA ASP A 408 18.19 3.61 -46.50
C ASP A 408 16.93 3.57 -47.33
N GLY A 409 15.80 3.95 -46.75
CA GLY A 409 14.54 3.94 -47.46
C GLY A 409 13.75 2.67 -47.20
N ALA A 410 14.37 1.72 -46.52
CA ALA A 410 13.71 0.47 -46.20
C ALA A 410 12.55 0.82 -45.28
N LYS A 411 11.33 0.53 -45.75
CA LYS A 411 10.13 0.82 -44.97
C LYS A 411 9.98 -0.02 -43.70
N TRP A 412 9.29 0.55 -42.72
CA TRP A 412 9.06 -0.11 -41.44
C TRP A 412 7.58 -0.52 -41.39
N ASP A 413 7.22 -1.49 -42.22
CA ASP A 413 5.85 -1.97 -42.27
C ASP A 413 5.53 -2.81 -41.02
N THR A 414 6.50 -2.91 -40.12
CA THR A 414 6.34 -3.69 -38.90
C THR A 414 5.84 -2.91 -37.69
N VAL A 415 5.99 -1.59 -37.72
CA VAL A 415 5.54 -0.78 -36.59
C VAL A 415 4.03 -0.65 -36.61
N PRO A 416 3.37 -1.14 -35.55
CA PRO A 416 1.91 -1.07 -35.41
C PRO A 416 1.50 0.38 -35.20
N MET A 417 0.24 0.69 -35.44
CA MET A 417 -0.20 2.07 -35.25
C MET A 417 -0.33 2.30 -33.75
N GLN A 418 -0.79 1.25 -33.06
CA GLN A 418 -0.96 1.29 -31.61
C GLN A 418 0.35 1.75 -30.98
N PHE A 419 1.45 1.22 -31.49
CA PHE A 419 2.77 1.57 -31.01
C PHE A 419 2.90 3.10 -31.03
N LEU A 420 2.83 3.63 -32.24
CA LEU A 420 2.93 5.06 -32.50
C LEU A 420 2.04 5.90 -31.62
N VAL A 421 0.77 5.52 -31.57
CA VAL A 421 -0.20 6.26 -30.76
C VAL A 421 0.17 6.33 -29.28
N GLU A 422 1.16 5.55 -28.87
CA GLU A 422 1.60 5.55 -27.48
C GLU A 422 3.06 5.94 -27.37
N SER A 423 3.77 5.82 -28.50
CA SER A 423 5.21 6.10 -28.58
C SER A 423 5.61 7.47 -29.15
N VAL A 424 4.65 8.19 -29.71
CA VAL A 424 4.94 9.51 -30.28
C VAL A 424 4.11 10.53 -29.53
N PRO A 425 4.76 11.58 -29.01
CA PRO A 425 4.12 12.66 -28.25
C PRO A 425 2.89 13.29 -28.91
N GLN A 426 1.92 13.63 -28.07
CA GLN A 426 0.70 14.26 -28.54
C GLN A 426 1.02 15.71 -28.86
N MET A 427 0.40 16.24 -29.90
CA MET A 427 0.64 17.63 -30.32
C MET A 427 0.02 18.60 -29.33
N THR A 428 0.87 19.49 -28.80
CA THR A 428 0.46 20.47 -27.81
C THR A 428 0.23 21.87 -28.38
N PRO A 429 -0.76 22.60 -27.86
CA PRO A 429 -0.95 23.94 -28.42
C PRO A 429 0.27 24.77 -27.99
N ARG A 430 0.66 25.74 -28.81
CA ARG A 430 1.79 26.63 -28.49
C ARG A 430 1.22 27.91 -27.91
N TYR A 431 1.84 28.42 -26.85
CA TYR A 431 1.38 29.64 -26.20
C TYR A 431 2.08 30.88 -26.74
N TYR A 432 1.30 31.95 -26.92
CA TYR A 432 1.81 33.22 -27.41
C TYR A 432 1.29 34.32 -26.50
N SER A 433 2.15 35.29 -26.23
CA SER A 433 1.78 36.40 -25.36
C SER A 433 0.82 37.23 -26.17
N ILE A 434 -0.24 37.69 -25.52
CA ILE A 434 -1.25 38.51 -26.16
C ILE A 434 -0.70 39.92 -26.34
N SER A 435 -0.69 40.37 -27.60
CA SER A 435 -0.18 41.69 -27.97
C SER A 435 -1.21 42.83 -28.03
N SER A 436 -2.48 42.46 -27.96
CA SER A 436 -3.59 43.41 -27.98
C SER A 436 -4.08 43.71 -26.56
N SER A 437 -4.77 44.83 -26.39
CA SER A 437 -5.30 45.21 -25.09
C SER A 437 -6.73 44.74 -25.00
N SER A 438 -7.15 44.27 -23.83
CA SER A 438 -8.52 43.83 -23.68
C SER A 438 -9.40 45.08 -23.69
N LEU A 439 -8.97 46.09 -22.94
CA LEU A 439 -9.71 47.34 -22.86
C LEU A 439 -10.02 47.90 -24.25
N SER A 440 -9.02 48.09 -25.09
CA SER A 440 -9.26 48.65 -26.42
C SER A 440 -9.58 47.63 -27.52
N GLU A 441 -9.47 46.34 -27.22
CA GLU A 441 -9.78 45.30 -28.21
C GLU A 441 -10.39 44.08 -27.53
N LYS A 442 -11.35 44.34 -26.65
CA LYS A 442 -12.04 43.30 -25.89
C LYS A 442 -12.39 42.05 -26.69
N GLN A 443 -12.96 42.23 -27.87
CA GLN A 443 -13.39 41.12 -28.71
C GLN A 443 -12.30 40.46 -29.56
N THR A 444 -11.21 41.16 -29.82
CA THR A 444 -10.16 40.60 -30.66
C THR A 444 -8.84 40.31 -29.94
N VAL A 445 -8.15 39.27 -30.40
CA VAL A 445 -6.87 38.86 -29.83
C VAL A 445 -5.76 38.91 -30.86
N HIS A 446 -4.74 39.72 -30.55
CA HIS A 446 -3.57 39.90 -31.39
C HIS A 446 -2.46 38.98 -30.92
N VAL A 447 -1.73 38.43 -31.89
CA VAL A 447 -0.63 37.53 -31.60
C VAL A 447 0.52 37.76 -32.58
N THR A 448 1.63 38.30 -32.07
CA THR A 448 2.81 38.54 -32.88
C THR A 448 3.71 37.35 -32.67
N SER A 449 3.96 36.58 -33.72
CA SER A 449 4.80 35.38 -33.58
C SER A 449 5.88 35.15 -34.64
N ILE A 450 7.13 35.37 -34.25
CA ILE A 450 8.27 35.22 -35.14
C ILE A 450 8.35 33.81 -35.67
N VAL A 451 8.56 33.68 -36.98
CA VAL A 451 8.61 32.35 -37.56
C VAL A 451 9.94 31.66 -37.36
N GLU A 452 9.88 30.45 -36.82
CA GLU A 452 11.07 29.64 -36.58
C GLU A 452 11.32 28.94 -37.92
N ASN A 453 12.51 29.11 -38.51
CA ASN A 453 12.75 28.49 -39.82
C ASN A 453 14.19 28.65 -40.31
N PHE A 454 15.12 28.00 -39.64
CA PHE A 454 16.53 28.11 -40.01
C PHE A 454 17.12 26.90 -40.74
N PRO A 455 18.21 27.12 -41.49
CA PRO A 455 18.94 26.11 -42.28
C PRO A 455 19.59 25.05 -41.39
N ASN A 456 19.57 23.81 -41.86
CA ASN A 456 20.18 22.68 -41.18
C ASN A 456 21.67 23.03 -41.06
N PRO A 457 22.21 23.13 -39.84
CA PRO A 457 23.63 23.47 -39.73
C PRO A 457 24.57 22.32 -40.05
N GLU A 458 24.01 21.12 -40.20
CA GLU A 458 24.81 19.95 -40.50
C GLU A 458 24.71 19.51 -41.94
N LEU A 459 23.49 19.20 -42.36
CA LEU A 459 23.24 18.78 -43.71
C LEU A 459 22.81 19.96 -44.56
N PRO A 460 23.78 20.68 -45.13
CA PRO A 460 23.43 21.83 -45.96
C PRO A 460 22.34 21.52 -46.98
N ASP A 461 22.44 20.40 -47.68
CA ASP A 461 21.44 20.07 -48.70
C ASP A 461 20.06 19.69 -48.14
N ALA A 462 19.94 19.71 -46.81
CA ALA A 462 18.70 19.32 -46.15
C ALA A 462 17.72 20.44 -45.91
N PRO A 463 16.43 20.09 -45.80
CA PRO A 463 15.30 20.99 -45.57
C PRO A 463 15.43 21.77 -44.27
N PRO A 464 15.07 23.05 -44.29
CA PRO A 464 15.13 23.91 -43.12
C PRO A 464 14.40 23.37 -41.89
N VAL A 465 15.04 23.53 -40.74
CA VAL A 465 14.49 23.11 -39.47
C VAL A 465 13.35 24.07 -39.27
N VAL A 466 12.13 23.60 -39.39
CA VAL A 466 11.00 24.49 -39.22
C VAL A 466 10.17 24.21 -37.97
N GLY A 467 9.54 25.26 -37.45
CA GLY A 467 8.66 25.07 -36.32
C GLY A 467 7.31 24.83 -36.96
N VAL A 468 6.35 24.31 -36.22
CA VAL A 468 5.05 24.03 -36.80
C VAL A 468 4.03 25.15 -36.73
N THR A 469 3.61 25.53 -35.54
CA THR A 469 2.63 26.59 -35.43
C THR A 469 3.08 27.91 -36.09
N THR A 470 4.35 28.25 -36.00
CA THR A 470 4.78 29.52 -36.59
C THR A 470 4.57 29.60 -38.11
N ASN A 471 5.05 28.61 -38.86
CA ASN A 471 4.88 28.59 -40.32
C ASN A 471 3.42 28.42 -40.71
N LEU A 472 2.67 27.69 -39.89
CA LEU A 472 1.24 27.48 -40.15
C LEU A 472 0.54 28.83 -40.17
N LEU A 473 0.91 29.71 -39.26
CA LEU A 473 0.32 31.02 -39.20
C LEU A 473 0.74 31.79 -40.41
N ARG A 474 2.00 31.61 -40.80
CA ARG A 474 2.48 32.33 -41.97
C ARG A 474 1.74 31.88 -43.23
N ASN A 475 1.64 30.56 -43.44
CA ASN A 475 0.95 30.09 -44.62
C ASN A 475 -0.41 30.76 -44.67
N ILE A 476 -1.10 30.80 -43.53
CA ILE A 476 -2.40 31.46 -43.50
C ILE A 476 -2.19 32.93 -43.86
N GLN A 477 -1.45 33.66 -43.04
CA GLN A 477 -1.18 35.08 -43.32
C GLN A 477 -0.97 35.31 -44.81
N LEU A 478 -0.06 34.55 -45.41
CA LEU A 478 0.28 34.66 -46.83
C LEU A 478 -0.96 34.44 -47.69
N ALA A 479 -1.71 33.38 -47.37
CA ALA A 479 -2.93 33.02 -48.09
C ALA A 479 -4.11 33.95 -47.82
N GLN A 480 -4.20 34.46 -46.59
CA GLN A 480 -5.26 35.37 -46.22
C GLN A 480 -5.13 36.61 -47.09
N ASN A 481 -3.95 37.23 -47.05
CA ASN A 481 -3.67 38.35 -47.94
C ASN A 481 -3.60 37.45 -49.18
N ASN A 482 -3.82 37.92 -50.38
CA ASN A 482 -3.77 36.97 -51.50
C ASN A 482 -2.42 36.91 -52.18
N VAL A 483 -1.43 36.47 -51.41
CA VAL A 483 -0.05 36.33 -51.88
C VAL A 483 0.23 35.06 -52.68
N ASN A 484 1.03 35.20 -53.73
CA ASN A 484 1.42 34.07 -54.57
C ASN A 484 2.41 33.24 -53.78
N ILE A 485 1.88 32.42 -52.88
CA ILE A 485 2.74 31.59 -52.04
C ILE A 485 3.84 30.96 -52.86
N ALA A 486 3.46 30.46 -54.05
CA ALA A 486 4.42 29.82 -54.93
C ALA A 486 5.69 30.63 -55.15
N GLU A 487 5.60 31.93 -54.97
CA GLU A 487 6.76 32.81 -55.17
C GLU A 487 7.45 33.16 -53.86
N THR A 488 6.72 33.02 -52.75
CA THR A 488 7.24 33.31 -51.42
C THR A 488 8.31 32.28 -51.06
N ASN A 489 8.98 32.48 -49.92
CA ASN A 489 10.01 31.52 -49.51
C ASN A 489 9.48 30.58 -48.41
N LEU A 490 8.17 30.46 -48.34
CA LEU A 490 7.53 29.59 -47.36
C LEU A 490 8.26 28.26 -47.47
N PRO A 491 8.42 27.54 -46.35
CA PRO A 491 9.10 26.23 -46.33
C PRO A 491 8.19 24.99 -46.38
N VAL A 492 6.97 25.11 -45.86
CA VAL A 492 6.05 23.98 -45.87
C VAL A 492 4.66 24.48 -46.23
N HIS A 493 3.68 23.58 -46.29
CA HIS A 493 2.31 23.97 -46.65
C HIS A 493 1.28 23.26 -45.77
N TYR A 494 0.28 23.98 -45.27
CA TYR A 494 -0.72 23.36 -44.39
C TYR A 494 -2.17 23.25 -44.88
N ASP A 495 -2.85 22.21 -44.40
CA ASP A 495 -4.24 21.97 -44.74
C ASP A 495 -5.04 23.08 -44.10
N LEU A 496 -5.18 24.20 -44.80
CA LEU A 496 -5.91 25.34 -44.28
C LEU A 496 -7.40 25.03 -44.15
N ASN A 497 -7.87 23.95 -44.76
CA ASN A 497 -9.29 23.60 -44.68
C ASN A 497 -9.61 23.01 -43.33
N GLY A 498 -8.75 22.10 -42.89
CA GLY A 498 -8.92 21.46 -41.60
C GLY A 498 -9.56 20.09 -41.61
N PRO A 499 -10.37 19.79 -40.59
CA PRO A 499 -11.07 18.52 -40.42
C PRO A 499 -11.93 18.29 -41.66
N ARG A 500 -13.15 18.80 -41.59
CA ARG A 500 -14.09 18.74 -42.69
C ARG A 500 -14.32 20.22 -42.87
N LYS A 501 -13.36 20.85 -43.54
CA LYS A 501 -13.37 22.29 -43.80
C LYS A 501 -13.88 23.03 -42.58
N LEU A 502 -13.47 22.54 -41.41
CA LEU A 502 -13.86 23.13 -40.14
C LEU A 502 -13.03 24.38 -39.89
N PHE A 503 -11.84 24.42 -40.50
CA PHE A 503 -10.92 25.54 -40.36
C PHE A 503 -11.14 26.60 -41.45
N ALA A 504 -12.15 26.35 -42.29
CA ALA A 504 -12.49 27.25 -43.40
C ALA A 504 -12.56 28.68 -42.93
N ASN A 505 -12.22 29.61 -43.81
CA ASN A 505 -12.22 31.04 -43.50
C ASN A 505 -11.08 31.40 -42.55
N TYR A 506 -9.96 30.71 -42.75
CA TYR A 506 -8.72 30.89 -41.99
C TYR A 506 -8.96 30.91 -40.48
N LYS A 507 -9.32 29.73 -39.98
CA LYS A 507 -9.58 29.54 -38.56
C LYS A 507 -8.58 28.53 -38.03
N LEU A 508 -8.53 28.41 -36.71
CA LEU A 508 -7.66 27.47 -36.02
C LEU A 508 -8.20 27.29 -34.62
N PRO A 509 -7.91 26.17 -33.97
CA PRO A 509 -8.40 25.94 -32.61
C PRO A 509 -7.60 26.80 -31.63
N VAL A 510 -8.29 27.42 -30.69
CA VAL A 510 -7.62 28.28 -29.72
C VAL A 510 -8.38 28.47 -28.41
N HIS A 511 -7.64 28.80 -27.36
CA HIS A 511 -8.23 29.08 -26.06
C HIS A 511 -7.33 30.11 -25.38
N VAL A 512 -7.75 30.61 -24.22
CA VAL A 512 -6.97 31.63 -23.52
C VAL A 512 -6.50 31.23 -22.11
N ARG A 513 -5.18 31.29 -21.88
CA ARG A 513 -4.64 30.97 -20.56
C ARG A 513 -4.52 32.23 -19.71
N ARG A 514 -5.20 32.24 -18.57
CA ARG A 514 -5.12 33.40 -17.69
C ARG A 514 -3.76 33.44 -17.01
N SER A 515 -3.08 34.56 -17.13
CA SER A 515 -1.76 34.72 -16.53
C SER A 515 -1.78 35.70 -15.36
N ASN A 516 -0.58 36.02 -14.86
CA ASN A 516 -0.40 36.95 -13.75
C ASN A 516 0.14 38.25 -14.29
N PHE A 517 0.70 38.19 -15.50
CA PHE A 517 1.29 39.34 -16.16
C PHE A 517 0.28 40.49 -16.26
N ARG A 518 0.33 41.37 -15.28
CA ARG A 518 -0.59 42.50 -15.23
C ARG A 518 0.09 43.83 -14.97
N LEU A 519 -0.51 44.88 -15.51
CA LEU A 519 -0.02 46.24 -15.38
C LEU A 519 -0.54 46.73 -14.03
N PRO A 520 0.29 47.41 -13.23
CA PRO A 520 -0.13 47.91 -11.92
C PRO A 520 -1.59 48.36 -11.86
N SER A 521 -2.20 48.26 -10.67
CA SER A 521 -3.59 48.67 -10.45
C SER A 521 -3.67 50.17 -10.62
N ASN A 522 -2.89 50.85 -9.78
CA ASN A 522 -2.81 52.30 -9.78
C ASN A 522 -2.24 52.78 -11.11
N PRO A 523 -3.07 53.41 -11.95
CA PRO A 523 -2.63 53.92 -13.25
C PRO A 523 -1.48 54.91 -13.09
N SER A 524 -1.16 55.22 -11.84
CA SER A 524 -0.08 56.16 -11.53
C SER A 524 1.26 55.49 -11.23
N THR A 525 1.23 54.26 -10.75
CA THR A 525 2.46 53.55 -10.46
C THR A 525 3.37 53.64 -11.67
N PRO A 526 4.70 53.65 -11.47
CA PRO A 526 5.62 53.72 -12.60
C PRO A 526 5.75 52.34 -13.25
N VAL A 527 6.12 52.30 -14.53
CA VAL A 527 6.29 51.03 -15.23
C VAL A 527 7.57 50.94 -16.06
N ILE A 528 8.31 49.86 -15.80
CA ILE A 528 9.55 49.59 -16.50
C ILE A 528 9.31 48.28 -17.24
N MET A 529 9.45 48.31 -18.56
CA MET A 529 9.25 47.13 -19.38
C MET A 529 10.52 46.75 -20.13
N ILE A 530 10.83 45.47 -20.12
CA ILE A 530 12.01 44.95 -20.79
C ILE A 530 11.57 43.74 -21.61
N GLY A 531 11.44 43.93 -22.92
CA GLY A 531 11.02 42.82 -23.77
C GLY A 531 11.78 42.78 -25.08
N PRO A 532 12.87 42.02 -25.15
CA PRO A 532 13.64 41.95 -26.40
C PRO A 532 12.87 41.28 -27.52
N GLY A 533 12.87 41.92 -28.68
CA GLY A 533 12.18 41.39 -29.83
C GLY A 533 10.79 40.84 -29.56
N THR A 534 10.56 39.63 -30.03
CA THR A 534 9.27 38.97 -29.85
C THR A 534 8.63 39.35 -28.52
N GLY A 535 9.42 39.32 -27.46
CA GLY A 535 8.90 39.64 -26.14
C GLY A 535 8.31 41.02 -25.92
N VAL A 536 8.20 41.83 -26.95
CA VAL A 536 7.64 43.16 -26.76
C VAL A 536 6.11 43.08 -26.73
N ALA A 537 5.59 41.97 -27.21
CA ALA A 537 4.16 41.73 -27.30
C ALA A 537 3.32 42.11 -26.10
N PRO A 538 3.72 41.70 -24.88
CA PRO A 538 2.93 42.04 -23.67
C PRO A 538 2.94 43.54 -23.42
N PHE A 539 3.94 44.22 -23.94
CA PHE A 539 3.99 45.65 -23.73
C PHE A 539 3.22 46.37 -24.81
N ARG A 540 2.96 45.72 -25.94
CA ARG A 540 2.16 46.36 -26.97
C ARG A 540 0.77 46.50 -26.36
N GLY A 541 0.35 45.46 -25.65
CA GLY A 541 -0.94 45.47 -24.98
C GLY A 541 -0.90 46.53 -23.89
N PHE A 542 0.05 46.38 -22.99
CA PHE A 542 0.23 47.34 -21.91
C PHE A 542 0.03 48.79 -22.40
N ILE A 543 0.67 49.17 -23.51
CA ILE A 543 0.52 50.53 -24.00
C ILE A 543 -0.83 50.73 -24.66
N ARG A 544 -1.24 49.83 -25.55
CA ARG A 544 -2.55 49.96 -26.17
C ARG A 544 -3.50 50.18 -25.02
N GLU A 545 -3.45 49.28 -24.05
CA GLU A 545 -4.29 49.33 -22.86
C GLU A 545 -4.19 50.66 -22.10
N ARG A 546 -2.97 51.12 -21.80
CA ARG A 546 -2.79 52.37 -21.08
C ARG A 546 -3.21 53.57 -21.92
N VAL A 547 -3.49 53.33 -23.19
CA VAL A 547 -3.89 54.40 -24.10
C VAL A 547 -5.41 54.42 -24.23
N ALA A 548 -6.01 53.24 -24.33
CA ALA A 548 -7.45 53.18 -24.44
C ALA A 548 -8.04 53.76 -23.16
N PHE A 549 -7.24 53.78 -22.10
CA PHE A 549 -7.66 54.28 -20.79
C PHE A 549 -7.60 55.80 -20.79
N LEU A 550 -6.39 56.33 -20.86
CA LEU A 550 -6.16 57.76 -20.86
C LEU A 550 -7.10 58.42 -21.88
N GLU A 551 -7.52 57.64 -22.87
CA GLU A 551 -8.43 58.11 -23.90
C GLU A 551 -9.78 58.35 -23.23
N SER A 552 -10.28 57.31 -22.55
CA SER A 552 -11.56 57.39 -21.85
C SER A 552 -11.57 58.55 -20.87
N GLN A 553 -10.53 58.65 -20.04
CA GLN A 553 -10.42 59.70 -19.05
C GLN A 553 -10.41 61.09 -19.69
N LYS A 554 -10.01 61.16 -20.95
CA LYS A 554 -9.96 62.42 -21.68
C LYS A 554 -11.36 62.73 -22.19
N LYS A 555 -12.12 61.68 -22.50
CA LYS A 555 -13.47 61.83 -22.99
C LYS A 555 -14.40 62.24 -21.85
N GLY A 556 -13.92 63.11 -20.96
CA GLY A 556 -14.74 63.57 -19.86
C GLY A 556 -14.24 63.35 -18.45
N GLY A 557 -14.32 62.11 -17.99
CA GLY A 557 -13.91 61.72 -16.65
C GLY A 557 -12.74 62.40 -15.96
N ASN A 558 -12.09 63.35 -16.63
CA ASN A 558 -10.96 64.09 -16.08
C ASN A 558 -9.71 63.20 -15.86
N ASN A 559 -8.87 63.12 -16.90
CA ASN A 559 -7.65 62.30 -16.84
C ASN A 559 -6.89 62.57 -15.55
N VAL A 560 -6.78 61.54 -14.70
CA VAL A 560 -6.09 61.67 -13.41
C VAL A 560 -4.64 61.18 -13.43
N SER A 561 -3.73 62.02 -13.90
CA SER A 561 -2.29 61.71 -13.96
C SER A 561 -2.02 60.48 -14.81
N LEU A 562 -0.83 59.90 -14.62
CA LEU A 562 -0.35 58.69 -15.33
C LEU A 562 1.14 58.52 -15.10
N GLY A 563 1.52 57.47 -14.39
CA GLY A 563 2.92 57.22 -14.11
C GLY A 563 3.83 57.17 -15.34
N LYS A 564 5.12 57.24 -15.11
CA LYS A 564 6.09 57.19 -16.20
C LYS A 564 6.23 55.72 -16.62
N HIS A 565 6.07 55.48 -17.92
CA HIS A 565 6.19 54.14 -18.48
C HIS A 565 7.41 54.12 -19.38
N ILE A 566 8.32 53.19 -19.13
CA ILE A 566 9.54 53.08 -19.94
C ILE A 566 9.59 51.68 -20.60
N LEU A 567 9.93 51.63 -21.90
CA LEU A 567 9.97 50.36 -22.62
C LEU A 567 11.30 50.10 -23.27
N PHE A 568 12.04 49.13 -22.76
CA PHE A 568 13.32 48.82 -23.36
C PHE A 568 13.07 47.74 -24.39
N TYR A 569 13.07 48.11 -25.66
CA TYR A 569 12.88 47.15 -26.74
C TYR A 569 14.23 46.80 -27.36
N GLY A 570 14.25 45.79 -28.21
CA GLY A 570 15.49 45.44 -28.85
C GLY A 570 15.36 44.36 -29.90
N SER A 571 16.03 44.57 -31.02
CA SER A 571 16.05 43.61 -32.14
C SER A 571 17.33 43.81 -32.94
N ARG A 572 17.54 42.93 -33.92
CA ARG A 572 18.71 42.95 -34.79
C ARG A 572 19.01 44.30 -35.44
N ASN A 573 17.98 44.88 -36.06
CA ASN A 573 18.11 46.15 -36.75
C ASN A 573 16.76 46.79 -37.00
N THR A 574 16.65 47.54 -38.11
CA THR A 574 15.41 48.22 -38.47
C THR A 574 14.51 47.41 -39.41
N ASP A 575 14.86 46.15 -39.67
CA ASP A 575 14.03 45.31 -40.54
C ASP A 575 13.28 44.27 -39.71
N ASP A 576 13.61 44.19 -38.43
CA ASP A 576 12.95 43.25 -37.55
C ASP A 576 12.37 44.01 -36.37
N PHE A 577 12.39 45.33 -36.50
CA PHE A 577 11.85 46.23 -35.50
C PHE A 577 10.33 46.06 -35.49
N LEU A 578 9.82 45.39 -34.46
CA LEU A 578 8.39 45.16 -34.35
C LEU A 578 7.55 46.42 -34.16
N TYR A 579 6.49 46.52 -34.97
CA TYR A 579 5.55 47.64 -34.92
C TYR A 579 6.23 49.01 -34.91
N GLN A 580 7.40 49.09 -35.52
CA GLN A 580 8.15 50.32 -35.56
C GLN A 580 7.23 51.51 -35.75
N ASP A 581 6.39 51.43 -36.77
CA ASP A 581 5.41 52.45 -37.13
C ASP A 581 4.47 52.91 -35.99
N GLU A 582 4.09 51.99 -35.10
CA GLU A 582 3.13 52.28 -34.04
C GLU A 582 3.55 53.10 -32.83
N TRP A 583 4.76 52.86 -32.32
CA TRP A 583 5.20 53.56 -31.12
C TRP A 583 5.11 55.08 -31.11
N PRO A 584 5.49 55.75 -32.22
CA PRO A 584 5.41 57.22 -32.27
C PRO A 584 3.98 57.70 -32.06
N GLU A 585 3.02 56.87 -32.45
CA GLU A 585 1.62 57.20 -32.30
C GLU A 585 1.24 57.17 -30.85
N TYR A 586 1.59 56.07 -30.19
CA TYR A 586 1.34 55.87 -28.76
C TYR A 586 2.06 56.95 -27.98
N ALA A 587 3.34 57.13 -28.28
CA ALA A 587 4.14 58.12 -27.60
C ALA A 587 3.38 59.43 -27.47
N LYS A 588 2.63 59.79 -28.51
CA LYS A 588 1.87 61.03 -28.49
C LYS A 588 0.68 60.99 -27.51
N LYS A 589 -0.29 60.12 -27.78
CA LYS A 589 -1.45 60.00 -26.92
C LYS A 589 -1.06 59.89 -25.46
N LEU A 590 0.13 59.37 -25.20
CA LEU A 590 0.63 59.19 -23.83
C LEU A 590 1.24 60.40 -23.13
N ASP A 591 1.55 61.45 -23.88
CA ASP A 591 2.17 62.64 -23.29
C ASP A 591 3.60 62.31 -22.91
N GLY A 592 4.16 63.02 -21.93
CA GLY A 592 5.53 62.74 -21.54
C GLY A 592 5.64 61.52 -20.66
N SER A 593 4.55 60.75 -20.58
CA SER A 593 4.50 59.55 -19.75
C SER A 593 5.08 58.32 -20.41
N PHE A 594 5.32 58.40 -21.70
CA PHE A 594 5.89 57.27 -22.41
C PHE A 594 7.33 57.56 -22.83
N GLU A 595 8.09 56.51 -23.09
CA GLU A 595 9.47 56.65 -23.52
C GLU A 595 10.00 55.27 -23.86
N MET A 596 10.38 55.09 -25.11
CA MET A 596 10.87 53.80 -25.56
C MET A 596 12.36 53.86 -25.87
N VAL A 597 13.16 53.09 -25.14
CA VAL A 597 14.60 53.04 -25.37
C VAL A 597 14.80 51.82 -26.26
N VAL A 598 15.55 51.96 -27.34
CA VAL A 598 15.78 50.84 -28.23
C VAL A 598 17.22 50.37 -28.27
N ALA A 599 17.42 49.10 -28.61
CA ALA A 599 18.76 48.54 -28.69
C ALA A 599 18.85 47.59 -29.86
N HIS A 600 19.89 47.73 -30.67
CA HIS A 600 20.02 46.84 -31.80
C HIS A 600 21.30 46.03 -31.66
N SER A 601 21.19 44.72 -31.88
CA SER A 601 22.34 43.86 -31.76
C SER A 601 23.10 43.87 -33.07
N ARG A 602 22.54 43.19 -34.06
CA ARG A 602 23.17 43.09 -35.36
C ARG A 602 23.19 44.38 -36.22
N LEU A 603 23.78 45.45 -35.70
CA LEU A 603 23.83 46.68 -36.47
C LEU A 603 25.23 47.00 -36.98
N PRO A 604 25.41 46.98 -38.32
CA PRO A 604 26.63 47.24 -39.08
C PRO A 604 27.68 48.19 -38.51
N ASN A 605 28.84 47.64 -38.17
CA ASN A 605 29.95 48.42 -37.62
C ASN A 605 29.76 48.86 -36.18
N THR A 606 28.64 48.47 -35.58
CA THR A 606 28.29 48.82 -34.20
C THR A 606 28.41 47.65 -33.23
N LYS A 607 28.94 47.92 -32.04
CA LYS A 607 29.09 46.91 -31.01
C LYS A 607 27.71 46.41 -30.64
N LYS A 608 27.55 45.10 -30.48
CA LYS A 608 26.26 44.54 -30.12
C LYS A 608 25.71 45.26 -28.91
N VAL A 609 24.40 45.24 -28.74
CA VAL A 609 23.82 45.93 -27.61
C VAL A 609 22.46 45.34 -27.31
N TYR A 610 22.29 44.92 -26.07
CA TYR A 610 21.06 44.30 -25.59
C TYR A 610 20.23 45.28 -24.73
N VAL A 611 18.98 44.93 -24.45
CA VAL A 611 18.12 45.80 -23.65
C VAL A 611 18.67 45.90 -22.27
N GLN A 612 19.44 44.91 -21.87
CA GLN A 612 20.06 44.90 -20.55
C GLN A 612 21.21 45.90 -20.46
N ASP A 613 21.75 46.24 -21.62
CA ASP A 613 22.84 47.20 -21.71
C ASP A 613 22.26 48.58 -21.55
N LYS A 614 21.17 48.84 -22.27
CA LYS A 614 20.51 50.13 -22.19
C LYS A 614 20.05 50.40 -20.75
N LEU A 615 19.91 49.34 -19.97
CA LEU A 615 19.51 49.51 -18.58
C LEU A 615 20.64 50.12 -17.77
N LYS A 616 21.85 49.60 -17.94
CA LYS A 616 22.99 50.13 -17.20
C LYS A 616 23.21 51.54 -17.70
N ASP A 617 22.86 51.77 -18.95
CA ASP A 617 23.01 53.09 -19.53
C ASP A 617 22.07 53.97 -18.77
N TYR A 618 20.77 53.64 -18.83
CA TYR A 618 19.71 54.41 -18.15
C TYR A 618 19.56 54.12 -16.66
N GLU A 619 20.55 53.44 -16.06
CA GLU A 619 20.50 53.06 -14.65
C GLU A 619 19.90 54.05 -13.65
N ASP A 620 20.45 55.25 -13.57
CA ASP A 620 19.95 56.22 -12.62
C ASP A 620 18.45 56.48 -12.78
N GLN A 621 17.99 56.63 -14.00
CA GLN A 621 16.58 56.86 -14.24
C GLN A 621 15.82 55.60 -13.80
N VAL A 622 16.36 54.45 -14.18
CA VAL A 622 15.75 53.20 -13.80
C VAL A 622 15.68 53.16 -12.28
N PHE A 623 16.85 53.27 -11.64
CA PHE A 623 16.97 53.24 -10.17
C PHE A 623 15.99 54.18 -9.49
N GLU A 624 15.73 55.34 -10.11
CA GLU A 624 14.78 56.28 -9.51
C GLU A 624 13.36 55.71 -9.63
N MET A 625 12.95 55.35 -10.85
CA MET A 625 11.63 54.81 -11.09
C MET A 625 11.34 53.69 -10.11
N ILE A 626 12.36 52.87 -9.83
CA ILE A 626 12.22 51.77 -8.90
C ILE A 626 11.98 52.31 -7.49
N ASN A 627 12.83 53.24 -7.06
CA ASN A 627 12.69 53.83 -5.75
C ASN A 627 11.33 54.50 -5.62
N ASN A 628 10.67 54.72 -6.76
CA ASN A 628 9.35 55.36 -6.75
C ASN A 628 8.22 54.35 -6.83
N GLY A 629 8.55 53.08 -6.61
CA GLY A 629 7.55 52.02 -6.63
C GLY A 629 7.22 51.43 -7.97
N ALA A 630 7.97 51.80 -9.00
CA ALA A 630 7.74 51.28 -10.35
C ALA A 630 7.55 49.76 -10.35
N PHE A 631 7.03 49.24 -11.46
CA PHE A 631 6.88 47.79 -11.61
C PHE A 631 7.84 47.37 -12.73
N ILE A 632 8.47 46.22 -12.56
CA ILE A 632 9.44 45.73 -13.52
C ILE A 632 8.89 44.52 -14.26
N TYR A 633 8.79 44.66 -15.58
CA TYR A 633 8.28 43.58 -16.43
C TYR A 633 9.34 43.09 -17.39
N VAL A 634 9.67 41.81 -17.31
CA VAL A 634 10.68 41.22 -18.19
C VAL A 634 10.04 40.12 -19.01
N CYS A 635 9.80 40.39 -20.28
CA CYS A 635 9.19 39.38 -21.11
C CYS A 635 10.05 39.03 -22.29
N GLY A 636 9.90 37.81 -22.79
CA GLY A 636 10.65 37.38 -23.93
C GLY A 636 11.24 36.00 -23.83
N ASP A 637 12.11 35.66 -24.77
CA ASP A 637 12.79 34.38 -24.76
C ASP A 637 14.11 34.59 -24.05
N ALA A 638 14.19 34.07 -22.82
CA ALA A 638 15.41 34.23 -22.01
C ALA A 638 16.46 33.17 -22.19
N LYS A 639 17.07 33.11 -23.38
CA LYS A 639 18.13 32.15 -23.61
C LYS A 639 19.10 32.46 -22.49
N GLY A 640 19.26 33.76 -22.22
CA GLY A 640 20.14 34.21 -21.17
C GLY A 640 19.69 35.61 -20.84
N MET A 641 18.48 35.93 -21.26
CA MET A 641 17.90 37.25 -21.06
C MET A 641 17.25 37.44 -19.70
N ALA A 642 16.86 36.35 -19.06
CA ALA A 642 16.26 36.46 -17.74
C ALA A 642 17.38 36.82 -16.80
N LYS A 643 18.31 35.90 -16.61
CA LYS A 643 19.46 36.11 -15.73
C LYS A 643 20.16 37.44 -16.01
N GLY A 644 20.40 37.71 -17.28
CA GLY A 644 21.08 38.94 -17.63
C GLY A 644 20.37 40.18 -17.13
N VAL A 645 19.11 40.33 -17.54
CA VAL A 645 18.33 41.48 -17.14
C VAL A 645 18.23 41.55 -15.61
N SER A 646 18.16 40.38 -14.98
CA SER A 646 18.09 40.32 -13.53
C SER A 646 19.39 40.81 -12.94
N THR A 647 20.49 40.20 -13.40
CA THR A 647 21.81 40.60 -12.95
C THR A 647 21.90 42.12 -13.15
N ALA A 648 21.44 42.58 -14.32
CA ALA A 648 21.48 44.01 -14.65
C ALA A 648 20.77 44.87 -13.59
N LEU A 649 19.52 44.54 -13.27
CA LEU A 649 18.79 45.32 -12.28
C LEU A 649 19.42 45.22 -10.90
N VAL A 650 20.12 44.12 -10.64
CA VAL A 650 20.82 43.95 -9.36
C VAL A 650 22.04 44.86 -9.34
N GLY A 651 22.65 45.02 -10.51
CA GLY A 651 23.81 45.89 -10.65
C GLY A 651 23.33 47.30 -10.34
N ILE A 652 22.24 47.69 -11.02
CA ILE A 652 21.65 49.01 -10.86
C ILE A 652 21.31 49.33 -9.40
N LEU A 653 20.80 48.33 -8.70
CA LEU A 653 20.41 48.50 -7.30
C LEU A 653 21.59 48.51 -6.35
N SER A 654 22.49 47.55 -6.50
CA SER A 654 23.68 47.44 -5.67
C SER A 654 24.44 48.76 -5.72
N ARG A 655 24.65 49.23 -6.94
CA ARG A 655 25.36 50.48 -7.19
C ARG A 655 24.60 51.61 -6.54
N GLY A 656 23.33 51.77 -6.93
CA GLY A 656 22.48 52.82 -6.41
C GLY A 656 22.34 52.93 -4.90
N LYS A 657 22.10 51.81 -4.24
CA LYS A 657 21.97 51.81 -2.79
C LYS A 657 23.33 51.66 -2.13
N SER A 658 24.34 51.42 -2.95
CA SER A 658 25.70 51.27 -2.47
C SER A 658 25.74 50.13 -1.46
N ILE A 659 25.36 48.96 -1.93
CA ILE A 659 25.36 47.78 -1.09
C ILE A 659 26.01 46.62 -1.82
N THR A 660 26.22 45.51 -1.12
CA THR A 660 26.84 44.34 -1.71
C THR A 660 25.99 43.73 -2.83
N THR A 661 26.62 42.92 -3.68
CA THR A 661 25.92 42.29 -4.78
C THR A 661 24.94 41.24 -4.30
N ASP A 662 25.25 40.58 -3.19
CA ASP A 662 24.32 39.56 -2.68
C ASP A 662 23.13 40.30 -2.10
N GLU A 663 23.40 41.35 -1.33
CA GLU A 663 22.32 42.09 -0.71
C GLU A 663 21.32 42.52 -1.78
N ALA A 664 21.80 43.21 -2.80
CA ALA A 664 20.93 43.66 -3.88
C ALA A 664 20.15 42.50 -4.48
N THR A 665 20.86 41.43 -4.82
CA THR A 665 20.23 40.24 -5.39
C THR A 665 18.96 39.93 -4.59
N GLU A 666 19.13 39.88 -3.27
CA GLU A 666 18.05 39.57 -2.34
C GLU A 666 16.90 40.54 -2.58
N LEU A 667 17.27 41.81 -2.59
CA LEU A 667 16.33 42.89 -2.80
C LEU A 667 15.48 42.60 -4.04
N ILE A 668 16.11 42.10 -5.10
CA ILE A 668 15.37 41.79 -6.32
C ILE A 668 14.43 40.63 -6.09
N LYS A 669 14.93 39.60 -5.42
CA LYS A 669 14.12 38.43 -5.15
C LYS A 669 12.89 38.82 -4.34
N MET A 670 13.05 39.77 -3.43
CA MET A 670 11.91 40.21 -2.62
C MET A 670 10.85 40.87 -3.48
N LEU A 671 11.29 41.55 -4.54
CA LEU A 671 10.36 42.20 -5.46
C LEU A 671 9.65 41.14 -6.28
N LYS A 672 10.40 40.15 -6.75
CA LYS A 672 9.80 39.09 -7.53
C LYS A 672 8.74 38.40 -6.70
N THR A 673 8.98 38.36 -5.39
CA THR A 673 8.08 37.71 -4.44
C THR A 673 6.87 38.57 -4.12
N SER A 674 7.09 39.89 -4.05
CA SER A 674 6.00 40.81 -3.78
C SER A 674 5.11 40.88 -5.03
N GLY A 675 5.71 40.98 -6.20
CA GLY A 675 4.96 41.04 -7.45
C GLY A 675 5.32 42.28 -8.24
N ARG A 676 6.35 42.98 -7.78
CA ARG A 676 6.81 44.19 -8.43
C ARG A 676 7.83 43.89 -9.50
N TYR A 677 8.23 42.62 -9.62
CA TYR A 677 9.17 42.23 -10.68
C TYR A 677 8.55 41.00 -11.29
N GLN A 678 7.78 41.19 -12.34
CA GLN A 678 7.12 40.07 -13.01
C GLN A 678 7.90 39.60 -14.21
N GLU A 679 7.88 38.30 -14.47
CA GLU A 679 8.60 37.72 -15.60
C GLU A 679 7.68 36.90 -16.47
N ASP A 680 7.67 37.17 -17.77
CA ASP A 680 6.86 36.39 -18.70
C ASP A 680 7.83 35.93 -19.79
N VAL A 681 8.80 35.13 -19.34
CA VAL A 681 9.84 34.62 -20.20
C VAL A 681 9.67 33.15 -20.52
N TRP A 682 10.10 32.78 -21.73
CA TRP A 682 10.00 31.41 -22.20
C TRP A 682 11.31 31.16 -22.91
N ASN B 38 -15.82 -2.36 7.08
CA ASN B 38 -16.17 -3.07 8.34
C ASN B 38 -15.22 -4.24 8.58
N ARG B 39 -15.48 -5.35 7.91
CA ARG B 39 -14.64 -6.55 8.05
C ARG B 39 -13.64 -6.64 6.89
N ASP B 40 -13.35 -5.50 6.26
CA ASP B 40 -12.41 -5.47 5.15
C ASP B 40 -11.05 -4.96 5.61
N ILE B 41 -10.04 -5.83 5.55
CA ILE B 41 -8.70 -5.50 6.00
C ILE B 41 -8.10 -4.21 5.43
N ALA B 42 -7.80 -4.19 4.14
CA ALA B 42 -7.21 -3.01 3.49
C ALA B 42 -7.93 -1.75 3.93
N GLN B 43 -9.26 -1.84 3.93
CA GLN B 43 -10.09 -0.72 4.34
C GLN B 43 -9.79 -0.30 5.78
N VAL B 44 -10.13 -1.19 6.70
CA VAL B 44 -9.91 -0.95 8.13
C VAL B 44 -8.59 -0.28 8.40
N VAL B 45 -7.54 -0.86 7.85
CA VAL B 45 -6.17 -0.38 8.01
C VAL B 45 -6.01 1.09 7.65
N THR B 46 -6.37 1.42 6.42
CA THR B 46 -6.26 2.77 5.89
C THR B 46 -7.08 3.81 6.66
N GLU B 47 -8.39 3.59 6.71
CA GLU B 47 -9.30 4.48 7.41
C GLU B 47 -8.80 4.86 8.79
N ASN B 48 -8.24 3.89 9.50
CA ASN B 48 -7.73 4.12 10.84
C ASN B 48 -6.27 4.60 10.90
N ASN B 49 -5.73 4.94 9.73
CA ASN B 49 -4.35 5.42 9.64
C ASN B 49 -3.43 4.50 10.43
N LYS B 50 -3.26 3.28 9.96
CA LYS B 50 -2.39 2.35 10.65
C LYS B 50 -1.19 1.93 9.82
N ASN B 51 -0.03 2.45 10.21
CA ASN B 51 1.24 2.18 9.53
C ASN B 51 1.78 0.74 9.52
N TYR B 52 1.33 -0.10 10.45
CA TYR B 52 1.80 -1.49 10.52
C TYR B 52 0.68 -2.42 10.96
N LEU B 53 0.57 -3.57 10.29
CA LEU B 53 -0.46 -4.57 10.57
C LEU B 53 0.10 -5.86 11.16
N VAL B 54 -0.38 -6.22 12.34
CA VAL B 54 0.06 -7.44 12.98
C VAL B 54 -1.13 -8.38 12.94
N LEU B 55 -0.98 -9.49 12.25
CA LEU B 55 -2.03 -10.48 12.16
C LEU B 55 -1.69 -11.65 13.06
N TYR B 56 -2.69 -12.44 13.41
CA TYR B 56 -2.46 -13.59 14.25
C TYR B 56 -3.51 -14.65 13.99
N ALA B 57 -3.04 -15.89 13.81
CA ALA B 57 -3.91 -17.03 13.60
C ALA B 57 -3.59 -18.02 14.71
N SER B 58 -4.14 -17.77 15.90
CA SER B 58 -3.92 -18.61 17.07
C SER B 58 -5.18 -19.42 17.35
N GLN B 59 -5.07 -20.39 18.25
CA GLN B 59 -6.21 -21.23 18.63
C GLN B 59 -6.28 -21.47 20.14
N THR B 60 -5.25 -21.01 20.85
CA THR B 60 -5.19 -21.17 22.29
C THR B 60 -4.59 -19.90 22.86
N GLY B 61 -4.57 -18.87 22.02
CA GLY B 61 -4.05 -17.58 22.42
C GLY B 61 -2.55 -17.37 22.35
N THR B 62 -1.78 -18.45 22.30
CA THR B 62 -0.33 -18.34 22.27
C THR B 62 0.18 -17.38 21.20
N ALA B 63 -0.32 -17.49 19.98
CA ALA B 63 0.13 -16.60 18.92
C ALA B 63 -0.43 -15.20 19.20
N GLU B 64 -1.72 -15.13 19.53
CA GLU B 64 -2.36 -13.87 19.83
C GLU B 64 -1.55 -13.16 20.90
N ASP B 65 -1.08 -13.92 21.88
CA ASP B 65 -0.28 -13.38 22.97
C ASP B 65 0.99 -12.74 22.42
N TYR B 66 1.79 -13.50 21.68
CA TYR B 66 3.00 -12.94 21.12
C TYR B 66 2.73 -11.83 20.10
N ALA B 67 1.72 -12.02 19.24
CA ALA B 67 1.38 -11.00 18.26
C ALA B 67 1.11 -9.68 18.97
N LYS B 68 0.65 -9.73 20.21
CA LYS B 68 0.38 -8.50 20.95
C LYS B 68 1.63 -7.93 21.62
N LYS B 69 2.48 -8.80 22.15
CA LYS B 69 3.73 -8.37 22.79
C LYS B 69 4.53 -7.59 21.78
N PHE B 70 4.61 -8.16 20.57
CA PHE B 70 5.32 -7.60 19.44
C PHE B 70 4.74 -6.23 19.12
N SER B 71 3.49 -6.28 18.68
CA SER B 71 2.72 -5.12 18.31
C SER B 71 2.81 -3.98 19.33
N LYS B 72 2.78 -4.33 20.61
CA LYS B 72 2.85 -3.31 21.66
C LYS B 72 4.26 -2.74 21.75
N GLU B 73 5.27 -3.62 21.64
CA GLU B 73 6.66 -3.20 21.71
C GLU B 73 6.95 -2.32 20.52
N LEU B 74 6.24 -2.58 19.44
CA LEU B 74 6.40 -1.81 18.22
C LEU B 74 6.09 -0.34 18.53
N VAL B 75 5.06 -0.09 19.34
CA VAL B 75 4.70 1.28 19.71
C VAL B 75 5.65 1.73 20.79
N ALA B 76 6.06 0.77 21.61
CA ALA B 76 6.99 1.03 22.70
C ALA B 76 8.26 1.74 22.23
N LYS B 77 8.83 1.28 21.12
CA LYS B 77 10.08 1.85 20.59
C LYS B 77 9.92 2.72 19.35
N PHE B 78 8.78 2.65 18.70
CA PHE B 78 8.62 3.45 17.49
C PHE B 78 7.35 4.25 17.46
N ASN B 79 6.38 3.91 18.30
CA ASN B 79 5.12 4.64 18.33
C ASN B 79 4.24 4.42 17.08
N LEU B 80 4.55 3.39 16.30
CA LEU B 80 3.74 3.12 15.12
C LEU B 80 2.32 2.83 15.58
N ASN B 81 1.38 3.19 14.72
CA ASN B 81 -0.03 2.96 14.98
C ASN B 81 -0.30 1.56 14.46
N VAL B 82 -0.07 0.55 15.29
CA VAL B 82 -0.25 -0.84 14.89
C VAL B 82 -1.67 -1.35 15.01
N MET B 83 -2.01 -2.29 14.12
CA MET B 83 -3.33 -2.89 14.14
C MET B 83 -3.17 -4.41 14.34
N CYS B 84 -3.07 -4.82 15.60
CA CYS B 84 -2.91 -6.25 15.94
C CYS B 84 -4.29 -6.93 15.88
N ALA B 85 -4.59 -7.57 14.77
CA ALA B 85 -5.90 -8.19 14.60
C ALA B 85 -5.97 -9.71 14.39
N ASP B 86 -7.06 -10.30 14.88
CA ASP B 86 -7.28 -11.71 14.75
C ASP B 86 -7.60 -11.98 13.29
N VAL B 87 -6.74 -12.79 12.69
CA VAL B 87 -6.88 -13.16 11.29
C VAL B 87 -8.30 -13.65 10.95
N GLU B 88 -9.12 -13.88 11.98
CA GLU B 88 -10.49 -14.37 11.76
C GLU B 88 -11.52 -13.25 11.58
N ASN B 89 -11.48 -12.28 12.48
CA ASN B 89 -12.43 -11.18 12.45
C ASN B 89 -12.59 -10.57 11.08
N TYR B 90 -11.48 -10.41 10.36
CA TYR B 90 -11.52 -9.76 9.05
C TYR B 90 -11.61 -10.66 7.82
N ASP B 91 -11.63 -9.98 6.68
CA ASP B 91 -11.72 -10.60 5.37
C ASP B 91 -10.46 -10.17 4.63
N PHE B 92 -9.75 -11.13 4.05
CA PHE B 92 -8.51 -10.78 3.40
C PHE B 92 -8.49 -10.72 1.88
N GLU B 93 -9.58 -10.24 1.29
CA GLU B 93 -9.68 -10.14 -0.15
C GLU B 93 -8.83 -8.95 -0.60
N SER B 94 -8.87 -7.90 0.21
CA SER B 94 -8.15 -6.69 -0.11
C SER B 94 -6.76 -6.67 0.54
N LEU B 95 -6.18 -7.83 0.82
CA LEU B 95 -4.86 -7.88 1.47
C LEU B 95 -3.83 -7.12 0.66
N ASN B 96 -3.81 -7.35 -0.65
CA ASN B 96 -2.85 -6.70 -1.53
C ASN B 96 -2.97 -5.16 -1.55
N ASP B 97 -4.12 -4.62 -1.17
CA ASP B 97 -4.27 -3.17 -1.17
C ASP B 97 -3.76 -2.57 0.12
N VAL B 98 -3.30 -3.43 1.01
CA VAL B 98 -2.78 -2.97 2.29
C VAL B 98 -1.48 -2.22 2.06
N PRO B 99 -1.47 -0.92 2.35
CA PRO B 99 -0.33 -0.02 2.19
C PRO B 99 0.74 -0.08 3.28
N VAL B 100 0.73 -1.09 4.13
CA VAL B 100 1.74 -1.17 5.18
C VAL B 100 2.28 -2.59 5.32
N ILE B 101 3.50 -2.69 5.87
CA ILE B 101 4.16 -3.98 6.09
C ILE B 101 3.38 -4.80 7.12
N VAL B 102 3.28 -6.10 6.88
CA VAL B 102 2.51 -7.01 7.71
C VAL B 102 3.26 -8.11 8.46
N SER B 103 2.92 -8.28 9.73
CA SER B 103 3.53 -9.32 10.55
C SER B 103 2.49 -10.45 10.60
N ILE B 104 2.95 -11.70 10.66
CA ILE B 104 2.02 -12.80 10.69
C ILE B 104 2.43 -13.90 11.65
N PHE B 105 1.72 -13.95 12.76
CA PHE B 105 1.98 -14.98 13.76
C PHE B 105 0.94 -16.08 13.54
N ILE B 106 1.43 -17.28 13.23
CA ILE B 106 0.54 -18.40 12.98
C ILE B 106 1.10 -19.70 13.53
N SER B 107 0.26 -20.39 14.31
CA SER B 107 0.65 -21.66 14.90
C SER B 107 0.09 -22.79 14.04
N THR B 108 0.68 -23.98 14.20
CA THR B 108 0.31 -25.18 13.42
C THR B 108 -0.58 -26.16 14.16
N TYR B 109 -1.39 -26.90 13.40
CA TYR B 109 -2.32 -27.89 13.97
C TYR B 109 -2.47 -29.17 13.12
N GLY B 110 -3.55 -29.90 13.37
CA GLY B 110 -3.81 -31.12 12.64
C GLY B 110 -2.61 -31.80 12.00
N GLU B 111 -2.29 -31.41 10.77
CA GLU B 111 -1.15 -31.95 10.01
C GLU B 111 -0.75 -30.85 9.04
N GLY B 112 -0.29 -29.75 9.62
CA GLY B 112 0.12 -28.60 8.83
C GLY B 112 -1.05 -27.63 8.69
N ASP B 113 -2.12 -27.92 9.43
CA ASP B 113 -3.32 -27.11 9.40
C ASP B 113 -3.17 -25.74 10.04
N PHE B 114 -4.09 -24.85 9.70
CA PHE B 114 -4.13 -23.51 10.26
C PHE B 114 -5.15 -23.64 11.37
N PRO B 115 -5.02 -22.87 12.45
CA PRO B 115 -6.01 -22.98 13.52
C PRO B 115 -7.43 -22.85 12.95
N ASP B 116 -8.41 -23.50 13.57
CA ASP B 116 -9.80 -23.42 13.10
C ASP B 116 -10.27 -21.99 13.25
N GLY B 117 -11.31 -21.62 12.51
CA GLY B 117 -11.81 -20.26 12.59
C GLY B 117 -11.06 -19.33 11.66
N ALA B 118 -9.75 -19.56 11.55
CA ALA B 118 -8.90 -18.78 10.68
C ALA B 118 -8.68 -19.53 9.38
N VAL B 119 -9.67 -20.33 8.99
CA VAL B 119 -9.57 -21.13 7.78
C VAL B 119 -9.72 -20.27 6.52
N ASN B 120 -10.51 -19.20 6.62
CA ASN B 120 -10.69 -18.28 5.50
C ASN B 120 -9.31 -17.84 5.06
N PHE B 121 -8.57 -17.25 5.99
CA PHE B 121 -7.21 -16.80 5.73
C PHE B 121 -6.48 -17.96 5.03
N GLU B 122 -6.44 -19.11 5.70
CA GLU B 122 -5.78 -20.30 5.16
C GLU B 122 -6.20 -20.46 3.70
N ASP B 123 -7.49 -20.64 3.46
CA ASP B 123 -7.98 -20.81 2.09
C ASP B 123 -7.43 -19.73 1.17
N PHE B 124 -7.75 -18.48 1.49
CA PHE B 124 -7.30 -17.36 0.69
C PHE B 124 -5.85 -17.56 0.28
N ILE B 125 -4.95 -17.35 1.23
CA ILE B 125 -3.52 -17.51 1.02
C ILE B 125 -3.18 -18.79 0.26
N CYS B 126 -3.73 -19.92 0.71
CA CYS B 126 -3.47 -21.21 0.08
C CYS B 126 -3.89 -21.22 -1.37
N ASN B 127 -4.75 -20.27 -1.74
CA ASN B 127 -5.23 -20.20 -3.11
C ASN B 127 -4.58 -19.14 -3.98
N ALA B 128 -4.62 -17.88 -3.55
CA ALA B 128 -4.03 -16.77 -4.31
C ALA B 128 -2.97 -17.28 -5.28
N GLU B 129 -3.18 -16.99 -6.57
CA GLU B 129 -2.28 -17.43 -7.63
C GLU B 129 -1.03 -16.54 -7.80
N ALA B 130 -0.14 -16.95 -8.70
CA ALA B 130 1.10 -16.21 -8.94
C ALA B 130 0.93 -14.69 -8.89
N GLY B 131 1.98 -14.00 -8.44
CA GLY B 131 1.95 -12.55 -8.35
C GLY B 131 0.79 -11.93 -7.57
N ALA B 132 -0.26 -12.72 -7.33
CA ALA B 132 -1.45 -12.25 -6.63
C ALA B 132 -1.23 -11.25 -5.51
N LEU B 133 -0.15 -11.42 -4.75
CA LEU B 133 0.12 -10.51 -3.63
C LEU B 133 1.42 -9.75 -3.83
N SER B 134 1.62 -9.25 -5.04
CA SER B 134 2.82 -8.49 -5.38
C SER B 134 3.14 -7.38 -4.35
N ASN B 135 2.12 -6.67 -3.94
CA ASN B 135 2.31 -5.56 -3.02
C ASN B 135 2.54 -5.94 -1.56
N LEU B 136 2.61 -7.22 -1.26
CA LEU B 136 2.79 -7.58 0.14
C LEU B 136 4.21 -7.78 0.65
N ARG B 137 4.58 -6.90 1.56
CA ARG B 137 5.86 -6.94 2.23
C ARG B 137 5.42 -7.52 3.58
N TYR B 138 6.06 -8.59 4.03
CA TYR B 138 5.67 -9.23 5.30
C TYR B 138 6.84 -9.98 5.93
N ASN B 139 6.74 -10.19 7.24
CA ASN B 139 7.74 -10.94 8.00
C ASN B 139 6.85 -11.90 8.77
N MET B 140 7.37 -13.04 9.20
CA MET B 140 6.51 -14.01 9.89
C MET B 140 7.12 -14.83 11.04
N PHE B 141 6.28 -15.18 12.00
CA PHE B 141 6.68 -15.97 13.17
C PHE B 141 5.70 -17.13 13.38
N GLY B 142 6.21 -18.36 13.25
CA GLY B 142 5.37 -19.54 13.41
C GLY B 142 5.66 -20.37 14.64
N LEU B 143 4.64 -20.54 15.47
CA LEU B 143 4.75 -21.31 16.70
C LEU B 143 4.30 -22.74 16.50
N GLY B 144 5.16 -23.68 16.87
CA GLY B 144 4.84 -25.08 16.73
C GLY B 144 5.55 -25.94 17.75
N ASN B 145 5.39 -27.25 17.62
CA ASN B 145 5.99 -28.21 18.55
C ASN B 145 6.60 -29.35 17.72
N SER B 146 7.93 -29.37 17.62
CA SER B 146 8.62 -30.39 16.82
C SER B 146 8.20 -31.84 17.06
N THR B 147 7.65 -32.12 18.22
CA THR B 147 7.24 -33.47 18.52
C THR B 147 6.26 -34.01 17.48
N TYR B 148 5.41 -33.13 16.95
CA TYR B 148 4.46 -33.54 15.93
C TYR B 148 5.16 -33.59 14.57
N GLU B 149 4.54 -34.28 13.61
CA GLU B 149 5.09 -34.32 12.25
C GLU B 149 4.53 -32.99 11.72
N PHE B 150 5.16 -32.44 10.71
CA PHE B 150 4.71 -31.14 10.19
C PHE B 150 5.07 -30.07 11.20
N PHE B 151 6.33 -30.09 11.63
CA PHE B 151 6.82 -29.13 12.61
C PHE B 151 6.75 -27.72 12.05
N ASN B 152 5.76 -26.97 12.52
CA ASN B 152 5.54 -25.59 12.12
C ASN B 152 4.96 -25.56 10.72
N GLY B 153 4.29 -26.66 10.37
CA GLY B 153 3.68 -26.77 9.05
C GLY B 153 2.73 -25.68 8.61
N ALA B 154 2.01 -25.08 9.55
CA ALA B 154 1.09 -24.02 9.19
C ALA B 154 1.90 -22.94 8.49
N ALA B 155 2.76 -22.29 9.28
CA ALA B 155 3.63 -21.24 8.80
C ALA B 155 4.41 -21.70 7.56
N LYS B 156 5.13 -22.81 7.68
CA LYS B 156 5.89 -23.29 6.56
C LYS B 156 5.02 -23.24 5.30
N LYS B 157 3.82 -23.82 5.37
CA LYS B 157 2.93 -23.83 4.22
C LYS B 157 2.58 -22.40 3.81
N ALA B 158 2.02 -21.64 4.74
CA ALA B 158 1.65 -20.25 4.46
C ALA B 158 2.72 -19.59 3.60
N GLU B 159 3.90 -19.45 4.17
CA GLU B 159 5.05 -18.82 3.52
C GLU B 159 5.26 -19.33 2.11
N LYS B 160 5.01 -20.61 1.90
CA LYS B 160 5.18 -21.20 0.57
C LYS B 160 4.22 -20.59 -0.45
N HIS B 161 2.99 -20.33 -0.01
CA HIS B 161 1.99 -19.75 -0.88
C HIS B 161 2.17 -18.24 -1.03
N LEU B 162 2.58 -17.57 0.06
CA LEU B 162 2.82 -16.12 0.05
C LEU B 162 4.00 -15.78 -0.87
N SER B 163 4.91 -16.73 -0.97
CA SER B 163 6.08 -16.58 -1.79
C SER B 163 5.62 -16.67 -3.26
N ALA B 164 4.86 -17.71 -3.57
CA ALA B 164 4.37 -17.90 -4.92
C ALA B 164 3.41 -16.77 -5.28
N ALA B 165 2.64 -16.34 -4.27
CA ALA B 165 1.67 -15.27 -4.41
C ALA B 165 2.38 -13.97 -4.78
N GLY B 166 3.69 -14.05 -4.98
CA GLY B 166 4.45 -12.88 -5.35
C GLY B 166 4.74 -11.91 -4.21
N ALA B 167 4.47 -12.28 -2.97
CA ALA B 167 4.74 -11.39 -1.85
C ALA B 167 6.20 -11.51 -1.40
N ILE B 168 6.68 -10.53 -0.66
CA ILE B 168 8.08 -10.50 -0.21
C ILE B 168 8.23 -10.65 1.30
N ARG B 169 8.98 -11.67 1.71
CA ARG B 169 9.26 -11.95 3.11
C ARG B 169 10.39 -11.00 3.50
N LEU B 170 10.40 -10.52 4.74
CA LEU B 170 11.46 -9.60 5.11
C LEU B 170 12.60 -10.25 5.88
N GLY B 171 12.41 -10.58 7.16
CA GLY B 171 13.50 -11.20 7.89
C GLY B 171 13.49 -12.71 7.72
N LYS B 172 14.11 -13.43 8.64
CA LYS B 172 14.11 -14.89 8.55
C LYS B 172 12.75 -15.40 9.02
N LEU B 173 12.43 -16.65 8.75
CA LEU B 173 11.15 -17.18 9.18
C LEU B 173 11.34 -17.73 10.58
N GLY B 174 10.43 -17.38 11.49
CA GLY B 174 10.54 -17.87 12.85
C GLY B 174 9.82 -19.17 13.14
N GLU B 175 10.38 -19.96 14.05
CA GLU B 175 9.82 -21.24 14.47
C GLU B 175 9.93 -21.47 15.98
N ALA B 176 8.88 -21.15 16.73
CA ALA B 176 8.95 -21.38 18.16
C ALA B 176 8.68 -22.87 18.35
N ASP B 177 9.47 -23.53 19.19
CA ASP B 177 9.26 -24.97 19.43
C ASP B 177 8.78 -25.21 20.85
N ASP B 178 7.48 -25.43 20.98
CA ASP B 178 6.88 -25.67 22.28
C ASP B 178 7.28 -27.08 22.67
N GLY B 179 7.83 -27.81 21.71
CA GLY B 179 8.27 -29.16 22.00
C GLY B 179 9.44 -29.12 22.97
N ALA B 180 10.43 -28.29 22.66
CA ALA B 180 11.59 -28.16 23.52
C ALA B 180 11.44 -27.00 24.51
N GLY B 181 10.20 -26.60 24.75
CA GLY B 181 9.93 -25.51 25.68
C GLY B 181 10.82 -24.30 25.49
N THR B 182 10.96 -23.88 24.24
CA THR B 182 11.81 -22.75 23.91
C THR B 182 11.00 -21.58 23.36
N THR B 183 9.74 -21.85 23.01
CA THR B 183 8.86 -20.85 22.41
C THR B 183 9.10 -19.38 22.75
N ASP B 184 9.20 -19.04 24.02
CA ASP B 184 9.43 -17.65 24.41
C ASP B 184 10.82 -17.18 23.99
N GLU B 185 11.86 -17.87 24.45
CA GLU B 185 13.21 -17.48 24.11
C GLU B 185 13.37 -17.39 22.60
N ASP B 186 12.65 -18.25 21.88
CA ASP B 186 12.66 -18.27 20.42
C ASP B 186 12.06 -16.95 19.91
N TYR B 187 10.89 -16.60 20.42
CA TYR B 187 10.27 -15.36 20.03
C TYR B 187 11.24 -14.22 20.26
N MET B 188 11.86 -14.20 21.44
CA MET B 188 12.81 -13.15 21.79
C MET B 188 13.86 -13.02 20.70
N ALA B 189 14.29 -14.14 20.16
CA ALA B 189 15.30 -14.12 19.11
C ALA B 189 14.71 -13.56 17.81
N TRP B 190 13.66 -14.18 17.31
CA TRP B 190 13.05 -13.72 16.08
C TRP B 190 12.62 -12.26 16.18
N LYS B 191 12.22 -11.85 17.38
CA LYS B 191 11.79 -10.49 17.60
C LYS B 191 12.94 -9.50 17.36
N ASP B 192 13.98 -9.63 18.18
CA ASP B 192 15.14 -8.75 18.09
C ASP B 192 15.60 -8.56 16.67
N SER B 193 15.66 -9.64 15.89
CA SER B 193 16.11 -9.56 14.51
C SER B 193 15.14 -8.75 13.65
N ILE B 194 13.88 -9.17 13.61
CA ILE B 194 12.89 -8.46 12.81
C ILE B 194 12.85 -6.98 13.17
N LEU B 195 12.94 -6.66 14.46
CA LEU B 195 12.91 -5.26 14.87
C LEU B 195 14.03 -4.49 14.19
N GLU B 196 15.19 -5.10 14.10
CA GLU B 196 16.32 -4.46 13.44
C GLU B 196 16.00 -4.32 11.95
N VAL B 197 15.41 -5.36 11.38
CA VAL B 197 15.05 -5.36 9.97
C VAL B 197 14.08 -4.22 9.70
N LEU B 198 12.93 -4.24 10.38
CA LEU B 198 11.93 -3.20 10.19
C LEU B 198 12.53 -1.80 10.33
N LYS B 199 13.39 -1.62 11.33
CA LYS B 199 14.01 -0.32 11.54
C LYS B 199 14.59 0.24 10.23
N ASP B 200 15.14 -0.65 9.42
CA ASP B 200 15.73 -0.25 8.15
C ASP B 200 14.66 -0.08 7.10
N GLU B 201 14.00 -1.18 6.75
CA GLU B 201 12.94 -1.18 5.74
C GLU B 201 12.05 0.03 5.82
N LEU B 202 11.85 0.54 7.04
CA LEU B 202 10.99 1.70 7.23
C LEU B 202 11.67 3.00 7.63
N HIS B 203 12.98 2.96 7.78
CA HIS B 203 13.75 4.15 8.18
C HIS B 203 13.08 4.70 9.43
N LEU B 204 13.00 3.88 10.46
CA LEU B 204 12.39 4.31 11.71
C LEU B 204 13.44 4.86 12.66
N ASP B 205 13.04 5.77 13.53
CA ASP B 205 13.99 6.32 14.50
C ASP B 205 13.60 5.76 15.88
N GLU B 206 14.50 4.98 16.46
CA GLU B 206 14.23 4.39 17.77
C GLU B 206 14.26 5.37 18.95
N GLN B 207 13.43 5.07 19.94
CA GLN B 207 13.34 5.86 21.15
C GLN B 207 13.50 4.87 22.28
N GLU B 208 13.33 5.35 23.50
CA GLU B 208 13.45 4.46 24.64
C GLU B 208 12.07 3.92 24.98
N ALA B 209 11.99 2.60 25.11
CA ALA B 209 10.75 1.91 25.42
C ALA B 209 9.88 2.63 26.43
N LYS B 210 8.58 2.71 26.13
CA LYS B 210 7.61 3.35 27.00
C LYS B 210 6.19 2.90 26.62
N PHE B 211 5.48 2.36 27.60
CA PHE B 211 4.11 1.87 27.40
C PHE B 211 3.18 2.89 26.79
N THR B 212 2.10 2.42 26.17
CA THR B 212 1.07 3.27 25.55
C THR B 212 -0.23 2.50 25.65
N SER B 213 -1.23 3.02 26.36
CA SER B 213 -2.49 2.29 26.47
C SER B 213 -3.28 2.44 25.16
N GLN B 214 -3.84 1.34 24.68
CA GLN B 214 -4.63 1.38 23.47
C GLN B 214 -6.07 1.57 23.91
N PHE B 215 -6.23 1.84 25.21
CA PHE B 215 -7.54 2.03 25.83
C PHE B 215 -7.58 3.30 26.64
N GLN B 216 -8.70 3.52 27.31
CA GLN B 216 -8.90 4.67 28.17
C GLN B 216 -9.40 4.12 29.50
N TYR B 217 -8.46 3.99 30.44
CA TYR B 217 -8.70 3.46 31.79
C TYR B 217 -9.22 4.56 32.73
N THR B 218 -10.54 4.61 32.88
CA THR B 218 -11.18 5.59 33.75
C THR B 218 -11.99 4.95 34.86
N VAL B 219 -11.36 4.85 36.03
CA VAL B 219 -11.93 4.28 37.25
C VAL B 219 -13.34 4.79 37.54
N LEU B 220 -14.22 3.89 38.01
CA LEU B 220 -15.58 4.27 38.34
C LEU B 220 -15.86 4.17 39.84
N ASN B 221 -17.14 4.24 40.22
CA ASN B 221 -17.53 4.17 41.64
C ASN B 221 -18.77 3.34 42.02
N GLU B 222 -19.82 3.46 41.21
CA GLU B 222 -21.06 2.72 41.41
C GLU B 222 -20.70 1.29 41.02
N ILE B 223 -21.66 0.37 40.97
CA ILE B 223 -21.35 -0.99 40.54
C ILE B 223 -22.51 -1.58 39.72
N THR B 224 -23.09 -0.74 38.87
CA THR B 224 -24.22 -1.09 38.01
C THR B 224 -24.27 -2.54 37.54
N ASP B 225 -25.49 -3.00 37.25
CA ASP B 225 -25.72 -4.36 36.77
C ASP B 225 -25.61 -4.37 35.25
N SER B 226 -25.13 -3.25 34.70
CA SER B 226 -24.94 -3.11 33.26
C SER B 226 -23.48 -3.50 32.99
N MET B 227 -22.72 -3.66 34.06
CA MET B 227 -21.30 -4.01 33.98
C MET B 227 -21.01 -5.52 33.98
N SER B 228 -20.02 -5.93 34.76
CA SER B 228 -19.64 -7.33 34.87
C SER B 228 -18.73 -7.59 36.06
N LEU B 229 -19.02 -8.66 36.78
CA LEU B 229 -18.24 -9.04 37.94
C LEU B 229 -17.50 -10.36 37.69
N GLY B 230 -17.46 -10.76 36.43
CA GLY B 230 -16.80 -12.01 36.08
C GLY B 230 -17.57 -12.86 35.10
N GLU B 231 -18.76 -12.39 34.70
CA GLU B 231 -19.56 -13.16 33.74
C GLU B 231 -18.75 -13.35 32.48
N PRO B 232 -18.47 -14.60 32.10
CA PRO B 232 -17.70 -14.92 30.91
C PRO B 232 -18.13 -14.01 29.76
N SER B 233 -19.07 -14.48 28.95
CA SER B 233 -19.57 -13.69 27.85
C SER B 233 -20.25 -12.48 28.49
N ALA B 234 -20.74 -11.57 27.66
CA ALA B 234 -21.41 -10.38 28.17
C ALA B 234 -22.90 -10.68 28.33
N HIS B 235 -23.38 -11.72 27.66
CA HIS B 235 -24.79 -12.11 27.74
C HIS B 235 -25.19 -12.44 29.18
N TYR B 236 -24.23 -12.94 29.95
CA TYR B 236 -24.44 -13.30 31.35
C TYR B 236 -24.55 -12.06 32.22
N LEU B 237 -24.64 -10.89 31.59
CA LEU B 237 -24.75 -9.62 32.30
C LEU B 237 -26.20 -9.36 32.68
N PRO B 238 -26.44 -8.92 33.93
CA PRO B 238 -27.81 -8.66 34.35
C PRO B 238 -28.54 -7.86 33.28
N SER B 239 -27.92 -6.75 32.89
CA SER B 239 -28.45 -5.82 31.89
C SER B 239 -29.15 -6.53 30.73
N HIS B 240 -28.89 -7.82 30.58
CA HIS B 240 -29.53 -8.59 29.53
C HIS B 240 -30.39 -9.66 30.20
N GLN B 241 -31.48 -9.24 30.83
CA GLN B 241 -32.37 -10.17 31.51
C GLN B 241 -33.06 -11.09 30.49
N LEU B 242 -32.94 -10.73 29.20
CA LEU B 242 -33.55 -11.51 28.11
C LEU B 242 -32.63 -12.63 27.63
N ASP B 247 -36.07 -19.56 32.21
CA ASP B 247 -35.69 -20.91 32.63
C ASP B 247 -36.03 -21.99 31.60
N GLY B 248 -35.97 -21.62 30.32
CA GLY B 248 -36.27 -22.56 29.26
C GLY B 248 -35.05 -22.91 28.42
N ILE B 249 -35.18 -23.90 27.53
CA ILE B 249 -34.08 -24.32 26.67
C ILE B 249 -33.26 -23.10 26.25
N GLN B 250 -31.95 -23.16 26.49
CA GLN B 250 -31.02 -22.07 26.16
C GLN B 250 -30.34 -22.34 24.81
N LEU B 251 -30.72 -21.58 23.80
CA LEU B 251 -30.20 -21.76 22.44
C LEU B 251 -29.01 -20.87 22.06
N GLY B 252 -28.98 -20.50 20.79
CA GLY B 252 -27.93 -19.64 20.31
C GLY B 252 -26.65 -20.43 20.20
N PRO B 253 -25.75 -20.04 19.28
CA PRO B 253 -24.48 -20.77 19.13
C PRO B 253 -23.47 -20.48 20.24
N PHE B 254 -23.24 -21.50 21.06
CA PHE B 254 -22.30 -21.37 22.16
C PHE B 254 -20.90 -21.67 21.66
N ASP B 255 -19.93 -20.96 22.21
CA ASP B 255 -18.55 -21.16 21.85
C ASP B 255 -17.59 -20.21 22.57
N LEU B 256 -16.44 -19.98 21.95
CA LEU B 256 -15.41 -19.13 22.51
C LEU B 256 -15.93 -17.74 22.82
N SER B 257 -16.95 -17.31 22.09
CA SER B 257 -17.55 -15.98 22.29
C SER B 257 -18.64 -16.04 23.35
N GLN B 258 -19.46 -17.09 23.24
CA GLN B 258 -20.58 -17.30 24.15
C GLN B 258 -20.66 -18.75 24.65
N PRO B 259 -19.95 -19.06 25.75
CA PRO B 259 -19.97 -20.43 26.29
C PRO B 259 -21.39 -20.85 26.65
N TYR B 260 -21.52 -21.76 27.59
CA TYR B 260 -22.83 -22.21 28.09
C TYR B 260 -22.56 -22.67 29.51
N ILE B 261 -23.01 -21.89 30.50
CA ILE B 261 -22.77 -22.32 31.86
C ILE B 261 -23.53 -23.63 32.00
N ALA B 262 -22.81 -24.72 32.25
CA ALA B 262 -23.42 -26.02 32.42
C ALA B 262 -22.98 -26.53 33.78
N PRO B 263 -23.84 -27.34 34.43
CA PRO B 263 -23.55 -27.91 35.75
C PRO B 263 -22.93 -29.30 35.69
N ILE B 264 -22.10 -29.61 36.68
CA ILE B 264 -21.47 -30.91 36.74
C ILE B 264 -22.37 -31.80 37.58
N VAL B 265 -23.27 -32.52 36.92
CA VAL B 265 -24.19 -33.40 37.62
C VAL B 265 -23.45 -34.43 38.51
N LYS B 266 -22.49 -35.15 37.93
CA LYS B 266 -21.72 -36.16 38.67
C LYS B 266 -20.21 -35.93 38.58
N SER B 267 -19.48 -36.52 39.53
CA SER B 267 -18.03 -36.43 39.58
C SER B 267 -17.48 -37.46 40.56
N ARG B 268 -16.37 -38.09 40.19
CA ARG B 268 -15.73 -39.10 41.04
C ARG B 268 -14.24 -39.18 40.76
N GLU B 269 -13.45 -39.45 41.80
CA GLU B 269 -12.00 -39.59 41.65
C GLU B 269 -11.77 -40.79 40.72
N LEU B 270 -10.58 -40.91 40.14
CA LEU B 270 -10.32 -42.05 39.25
C LEU B 270 -9.04 -42.78 39.57
N PHE B 271 -8.21 -42.19 40.44
CA PHE B 271 -6.94 -42.80 40.84
C PHE B 271 -6.92 -43.23 42.31
N SER B 272 -6.36 -44.42 42.58
CA SER B 272 -6.23 -44.92 43.94
C SER B 272 -4.88 -44.48 44.46
N SER B 273 -4.34 -43.41 43.87
CA SER B 273 -3.04 -42.91 44.29
C SER B 273 -3.18 -41.89 45.39
N ASN B 274 -2.07 -41.74 46.11
CA ASN B 274 -1.95 -40.85 47.25
C ASN B 274 -1.42 -39.48 46.90
N ASP B 275 -0.82 -39.36 45.72
CA ASP B 275 -0.24 -38.10 45.26
C ASP B 275 -0.90 -37.57 44.01
N ARG B 276 -1.11 -38.42 43.03
CA ARG B 276 -1.76 -37.96 41.80
C ARG B 276 -3.24 -38.28 41.81
N ASN B 277 -4.02 -37.43 41.13
CA ASN B 277 -5.46 -37.60 41.06
C ASN B 277 -5.97 -37.26 39.67
N CYS B 278 -7.13 -37.79 39.33
CA CYS B 278 -7.74 -37.51 38.04
C CYS B 278 -9.25 -37.48 38.21
N ILE B 279 -9.88 -36.47 37.62
CA ILE B 279 -11.33 -36.30 37.77
C ILE B 279 -12.21 -36.66 36.58
N HIS B 280 -13.30 -37.38 36.89
CA HIS B 280 -14.31 -37.77 35.90
C HIS B 280 -15.49 -36.82 36.12
N SER B 281 -15.72 -35.91 35.18
CA SER B 281 -16.81 -34.96 35.35
C SER B 281 -17.90 -35.06 34.28
N GLU B 282 -19.14 -35.12 34.75
CA GLU B 282 -20.30 -35.21 33.87
C GLU B 282 -21.04 -33.87 33.85
N PHE B 283 -21.02 -33.19 32.70
CA PHE B 283 -21.70 -31.91 32.60
C PHE B 283 -23.03 -32.12 31.92
N ASP B 284 -24.07 -31.46 32.41
CA ASP B 284 -25.39 -31.61 31.82
C ASP B 284 -25.65 -30.49 30.84
N LEU B 285 -25.72 -30.83 29.55
CA LEU B 285 -25.94 -29.84 28.50
C LEU B 285 -27.40 -29.70 28.08
N SER B 286 -28.26 -30.58 28.60
CA SER B 286 -29.69 -30.57 28.28
C SER B 286 -30.30 -29.19 28.22
N GLY B 287 -30.07 -28.38 29.25
CA GLY B 287 -30.63 -27.04 29.27
C GLY B 287 -30.46 -26.25 27.98
N SER B 288 -29.53 -26.69 27.12
CA SER B 288 -29.28 -26.02 25.85
C SER B 288 -29.45 -26.97 24.67
N ASN B 289 -29.25 -26.45 23.46
CA ASN B 289 -29.40 -27.27 22.27
C ASN B 289 -28.05 -27.60 21.63
N ILE B 290 -27.07 -27.94 22.48
CA ILE B 290 -25.72 -28.32 22.04
C ILE B 290 -25.58 -29.83 21.82
N LYS B 291 -25.64 -30.26 20.55
CA LYS B 291 -25.56 -31.67 20.18
C LYS B 291 -24.17 -32.19 19.79
N TYR B 292 -23.34 -32.57 20.76
CA TYR B 292 -21.99 -33.05 20.45
C TYR B 292 -21.96 -34.41 19.75
N SER B 293 -20.78 -34.78 19.24
CA SER B 293 -20.60 -36.07 18.57
C SER B 293 -19.44 -36.78 19.24
N THR B 294 -19.58 -38.09 19.42
CA THR B 294 -18.52 -38.86 20.05
C THR B 294 -17.18 -38.57 19.39
N GLY B 295 -16.21 -38.13 20.19
CA GLY B 295 -14.91 -37.82 19.64
C GLY B 295 -14.63 -36.34 19.48
N ASP B 296 -15.49 -35.50 20.06
CA ASP B 296 -15.32 -34.05 19.98
C ASP B 296 -14.58 -33.63 21.25
N HIS B 297 -14.41 -32.32 21.45
CA HIS B 297 -13.72 -31.81 22.63
C HIS B 297 -14.55 -30.82 23.43
N LEU B 298 -14.25 -30.71 24.72
CA LEU B 298 -14.97 -29.79 25.57
C LEU B 298 -14.06 -28.68 26.07
N ALA B 299 -14.55 -27.44 26.00
CA ALA B 299 -13.78 -26.30 26.44
C ALA B 299 -14.27 -25.89 27.82
N VAL B 300 -13.35 -25.89 28.77
CA VAL B 300 -13.69 -25.55 30.15
C VAL B 300 -13.04 -24.21 30.55
N TRP B 301 -13.87 -23.17 30.74
CA TRP B 301 -13.40 -21.83 31.11
C TRP B 301 -13.24 -21.74 32.62
N PRO B 302 -12.01 -21.57 33.09
CA PRO B 302 -11.76 -21.50 34.53
C PRO B 302 -11.89 -20.15 35.22
N SER B 303 -11.11 -20.04 36.27
CA SER B 303 -10.99 -18.88 37.13
C SER B 303 -9.72 -19.30 37.84
N ASN B 304 -8.88 -18.35 38.19
CA ASN B 304 -7.64 -18.77 38.82
C ASN B 304 -7.87 -19.15 40.27
N PRO B 305 -6.86 -19.77 40.90
CA PRO B 305 -6.91 -20.20 42.30
C PRO B 305 -6.90 -18.96 43.16
N LEU B 306 -7.68 -18.98 44.22
CA LEU B 306 -7.76 -17.86 45.14
C LEU B 306 -6.39 -17.52 45.74
N GLU B 307 -5.68 -18.55 46.21
CA GLU B 307 -4.36 -18.34 46.79
C GLU B 307 -3.55 -17.50 45.84
N LYS B 308 -3.69 -17.79 44.55
CA LYS B 308 -2.96 -17.09 43.49
C LYS B 308 -3.53 -15.71 43.17
N VAL B 309 -4.81 -15.62 42.82
CA VAL B 309 -5.44 -14.34 42.50
C VAL B 309 -4.98 -13.31 43.51
N GLU B 310 -4.91 -13.74 44.77
CA GLU B 310 -4.48 -12.88 45.85
C GLU B 310 -3.02 -12.52 45.70
N GLN B 311 -2.14 -13.51 45.72
CA GLN B 311 -0.71 -13.25 45.57
C GLN B 311 -0.40 -12.28 44.45
N PHE B 312 -1.35 -12.14 43.52
CA PHE B 312 -1.19 -11.24 42.38
C PHE B 312 -1.51 -9.82 42.84
N LEU B 313 -2.77 -9.63 43.24
CA LEU B 313 -3.27 -8.35 43.71
C LEU B 313 -2.38 -7.78 44.83
N SER B 314 -1.69 -8.67 45.52
CA SER B 314 -0.82 -8.32 46.65
C SER B 314 0.50 -7.64 46.32
N ILE B 315 1.17 -8.14 45.29
CA ILE B 315 2.46 -7.60 44.90
C ILE B 315 2.37 -6.25 44.20
N PHE B 316 1.19 -5.96 43.67
CA PHE B 316 0.96 -4.69 42.99
C PHE B 316 0.38 -3.70 43.99
N ASN B 317 -0.39 -4.23 44.94
CA ASN B 317 -1.04 -3.45 46.00
C ASN B 317 -2.37 -2.94 45.49
N LEU B 318 -2.89 -3.62 44.48
CA LEU B 318 -4.15 -3.26 43.86
C LEU B 318 -5.40 -3.65 44.64
N ASP B 319 -6.39 -2.77 44.68
CA ASP B 319 -7.62 -3.09 45.39
C ASP B 319 -8.55 -3.80 44.44
N PRO B 320 -8.90 -5.04 44.78
CA PRO B 320 -9.80 -5.88 43.99
C PRO B 320 -11.06 -5.12 43.61
N GLU B 321 -11.59 -4.37 44.57
CA GLU B 321 -12.82 -3.62 44.37
C GLU B 321 -12.79 -2.62 43.22
N THR B 322 -11.70 -1.88 43.10
CA THR B 322 -11.59 -0.87 42.05
C THR B 322 -12.40 -1.23 40.82
N ILE B 323 -13.56 -0.61 40.67
CA ILE B 323 -14.36 -0.88 39.49
C ILE B 323 -13.73 -0.02 38.41
N PHE B 324 -13.74 -0.50 37.18
CA PHE B 324 -13.17 0.26 36.06
C PHE B 324 -13.80 -0.09 34.71
N ASP B 325 -13.35 0.62 33.68
CA ASP B 325 -13.86 0.38 32.35
C ASP B 325 -12.77 0.66 31.31
N LEU B 326 -12.91 0.05 30.15
CA LEU B 326 -11.96 0.22 29.06
C LEU B 326 -12.61 0.78 27.81
N LYS B 327 -12.01 1.85 27.30
CA LYS B 327 -12.48 2.55 26.11
C LYS B 327 -11.44 2.33 25.00
N PRO B 328 -11.85 1.66 23.91
CA PRO B 328 -11.02 1.34 22.75
C PRO B 328 -10.66 2.60 21.99
N LEU B 329 -9.38 2.94 21.97
CA LEU B 329 -8.96 4.17 21.28
C LEU B 329 -9.37 4.29 19.82
N ASP B 330 -9.62 3.17 19.15
CA ASP B 330 -10.10 3.18 17.76
C ASP B 330 -10.73 1.85 17.42
N PRO B 331 -11.58 1.81 16.36
CA PRO B 331 -12.27 0.60 15.90
C PRO B 331 -11.44 -0.70 15.80
N THR B 332 -10.12 -0.55 15.72
CA THR B 332 -9.20 -1.68 15.62
C THR B 332 -9.01 -2.46 16.94
N VAL B 333 -8.75 -1.70 18.00
CA VAL B 333 -8.53 -2.21 19.35
C VAL B 333 -9.83 -2.77 19.97
N LYS B 334 -9.90 -4.09 20.11
CA LYS B 334 -11.07 -4.76 20.68
C LYS B 334 -10.87 -5.07 22.16
N VAL B 335 -11.90 -4.79 22.95
CA VAL B 335 -11.83 -5.01 24.38
C VAL B 335 -11.57 -6.48 24.69
N PRO B 336 -10.61 -6.74 25.60
CA PRO B 336 -10.20 -8.07 26.04
C PRO B 336 -11.27 -8.87 26.74
N PHE B 337 -12.21 -8.18 27.38
CA PHE B 337 -13.24 -8.87 28.15
C PHE B 337 -14.41 -7.96 28.53
N PRO B 338 -15.48 -8.56 29.09
CA PRO B 338 -16.69 -7.82 29.51
C PRO B 338 -16.33 -6.59 30.34
N THR B 339 -16.91 -5.46 29.98
CA THR B 339 -16.65 -4.21 30.70
C THR B 339 -17.88 -3.27 30.80
N PRO B 340 -17.93 -2.44 31.86
CA PRO B 340 -16.92 -2.32 32.91
C PRO B 340 -16.87 -3.54 33.82
N THR B 341 -15.93 -3.54 34.75
CA THR B 341 -15.81 -4.63 35.68
C THR B 341 -14.87 -4.26 36.80
N THR B 342 -14.87 -5.06 37.85
CA THR B 342 -14.00 -4.80 38.98
C THR B 342 -12.62 -5.35 38.63
N ILE B 343 -11.63 -4.96 39.42
CA ILE B 343 -10.26 -5.39 39.24
C ILE B 343 -10.02 -6.81 39.77
N GLY B 344 -10.94 -7.28 40.60
CA GLY B 344 -10.85 -8.62 41.15
C GLY B 344 -11.38 -9.61 40.15
N ALA B 345 -12.47 -9.24 39.49
CA ALA B 345 -13.10 -10.12 38.49
C ALA B 345 -12.19 -10.33 37.28
N ALA B 346 -11.34 -9.35 36.99
CA ALA B 346 -10.44 -9.46 35.85
C ALA B 346 -9.26 -10.36 36.19
N ILE B 347 -8.79 -10.28 37.43
CA ILE B 347 -7.67 -11.09 37.88
C ILE B 347 -8.09 -12.49 38.33
N LYS B 348 -9.40 -12.72 38.39
CA LYS B 348 -9.95 -14.01 38.80
C LYS B 348 -10.61 -14.73 37.64
N HIS B 349 -11.21 -13.99 36.71
CA HIS B 349 -11.88 -14.63 35.59
C HIS B 349 -11.35 -14.27 34.20
N TYR B 350 -10.54 -13.21 34.10
CA TYR B 350 -10.06 -12.75 32.80
C TYR B 350 -8.55 -12.83 32.49
N LEU B 351 -7.72 -12.63 33.51
CA LEU B 351 -6.28 -12.65 33.30
C LEU B 351 -5.55 -13.92 33.67
N GLU B 352 -4.96 -14.56 32.66
CA GLU B 352 -4.18 -15.76 32.91
C GLU B 352 -2.93 -15.36 33.69
N ILE B 353 -3.12 -15.04 34.96
CA ILE B 353 -2.04 -14.60 35.86
C ILE B 353 -0.99 -15.66 36.12
N THR B 354 -1.45 -16.90 36.25
CA THR B 354 -0.60 -18.04 36.52
C THR B 354 0.10 -18.48 35.25
N GLY B 355 1.11 -19.34 35.39
CA GLY B 355 1.84 -19.83 34.23
C GLY B 355 3.23 -19.23 34.13
N PRO B 356 4.09 -19.76 33.23
CA PRO B 356 5.46 -19.28 33.04
C PRO B 356 5.54 -17.79 32.81
N VAL B 357 6.67 -17.20 33.15
CA VAL B 357 6.79 -15.75 32.96
C VAL B 357 7.60 -15.38 31.71
N SER B 358 6.98 -14.62 30.82
CA SER B 358 7.64 -14.20 29.59
C SER B 358 8.75 -13.19 29.86
N ARG B 359 9.94 -13.49 29.38
CA ARG B 359 11.08 -12.60 29.55
C ARG B 359 10.78 -11.22 28.95
N GLN B 360 9.86 -11.18 27.98
CA GLN B 360 9.47 -9.92 27.35
C GLN B 360 8.72 -9.06 28.38
N LEU B 361 8.00 -9.70 29.30
CA LEU B 361 7.26 -8.93 30.29
C LEU B 361 8.22 -8.22 31.23
N PHE B 362 9.32 -8.88 31.58
CA PHE B 362 10.30 -8.23 32.44
C PHE B 362 10.83 -6.97 31.77
N SER B 363 11.19 -7.10 30.50
CA SER B 363 11.72 -5.98 29.71
C SER B 363 10.71 -4.86 29.52
N SER B 364 9.43 -5.15 29.77
CA SER B 364 8.40 -4.13 29.63
C SER B 364 7.99 -3.57 31.00
N LEU B 365 8.74 -3.91 32.04
CA LEU B 365 8.44 -3.44 33.38
C LEU B 365 9.44 -2.41 33.88
N ILE B 366 10.65 -2.45 33.35
CA ILE B 366 11.68 -1.51 33.76
C ILE B 366 11.09 -0.11 33.95
N GLN B 367 10.08 0.24 33.17
CA GLN B 367 9.42 1.54 33.30
C GLN B 367 8.95 1.70 34.74
N PHE B 368 8.14 0.75 35.17
CA PHE B 368 7.54 0.76 36.49
C PHE B 368 8.31 0.07 37.60
N ALA B 369 9.64 0.21 37.57
CA ALA B 369 10.45 -0.40 38.62
C ALA B 369 9.88 0.06 39.95
N PRO B 370 10.29 -0.57 41.06
CA PRO B 370 9.78 -0.18 42.38
C PRO B 370 10.73 0.86 42.92
N ASN B 371 12.01 0.57 42.76
CA ASN B 371 13.07 1.43 43.20
C ASN B 371 14.19 1.38 42.16
N ALA B 372 15.26 2.15 42.40
CA ALA B 372 16.40 2.24 41.50
C ALA B 372 17.18 0.94 41.33
N ASP B 373 17.38 0.22 42.42
CA ASP B 373 18.12 -1.03 42.33
C ASP B 373 17.39 -2.01 41.41
N VAL B 374 16.08 -2.18 41.66
CA VAL B 374 15.27 -3.10 40.87
C VAL B 374 15.33 -2.77 39.39
N LYS B 375 15.00 -1.52 39.05
CA LYS B 375 15.01 -1.11 37.66
C LYS B 375 16.28 -1.64 36.99
N GLU B 376 17.38 -1.68 37.73
CA GLU B 376 18.65 -2.16 37.18
C GLU B 376 18.64 -3.69 36.99
N LYS B 377 18.30 -4.42 38.06
CA LYS B 377 18.22 -5.88 38.02
C LYS B 377 17.30 -6.26 36.87
N LEU B 378 16.07 -5.76 36.94
CA LEU B 378 15.06 -6.02 35.93
C LEU B 378 15.69 -5.90 34.56
N THR B 379 16.47 -4.86 34.37
CA THR B 379 17.12 -4.63 33.09
C THR B 379 18.03 -5.80 32.72
N LEU B 380 19.11 -5.95 33.46
CA LEU B 380 20.07 -7.01 33.23
C LEU B 380 19.44 -8.39 33.00
N LEU B 381 18.26 -8.60 33.61
CA LEU B 381 17.53 -9.86 33.47
C LEU B 381 16.83 -9.90 32.11
N SER B 382 16.06 -8.85 31.84
CA SER B 382 15.32 -8.75 30.59
C SER B 382 16.27 -8.89 29.42
N LYS B 383 17.56 -8.86 29.69
CA LYS B 383 18.56 -8.95 28.65
C LYS B 383 19.44 -10.19 28.68
N ASP B 384 19.21 -11.10 29.60
CA ASP B 384 20.06 -12.28 29.66
C ASP B 384 19.21 -13.54 29.60
N LYS B 385 19.21 -14.17 28.43
CA LYS B 385 18.46 -15.41 28.21
C LYS B 385 18.63 -16.43 29.34
N ASP B 386 19.87 -16.56 29.79
CA ASP B 386 20.29 -17.48 30.85
C ASP B 386 19.83 -17.07 32.25
N GLN B 387 20.37 -15.95 32.73
CA GLN B 387 20.04 -15.45 34.06
C GLN B 387 18.55 -15.53 34.32
N PHE B 388 17.74 -15.15 33.32
CA PHE B 388 16.28 -15.19 33.45
C PHE B 388 15.88 -16.59 33.80
N ALA B 389 16.44 -17.55 33.07
CA ALA B 389 16.15 -18.94 33.32
C ALA B 389 16.44 -19.18 34.78
N VAL B 390 17.72 -19.08 35.13
CA VAL B 390 18.16 -19.31 36.51
C VAL B 390 17.40 -18.61 37.63
N GLU B 391 17.15 -17.31 37.52
CA GLU B 391 16.43 -16.65 38.60
C GLU B 391 14.94 -16.38 38.44
N ILE B 392 14.28 -17.09 37.52
CA ILE B 392 12.83 -16.92 37.34
C ILE B 392 12.11 -18.11 36.74
N THR B 393 12.53 -18.54 35.55
CA THR B 393 11.88 -19.66 34.87
C THR B 393 12.12 -21.05 35.43
N SER B 394 13.37 -21.36 35.74
CA SER B 394 13.71 -22.67 36.28
C SER B 394 13.15 -22.88 37.69
N LYS B 395 12.76 -21.79 38.33
CA LYS B 395 12.20 -21.87 39.68
C LYS B 395 10.67 -21.90 39.69
N TYR B 396 10.06 -21.80 38.51
CA TYR B 396 8.61 -21.83 38.35
C TYR B 396 7.88 -20.73 39.10
N PHE B 397 8.17 -19.48 38.78
CA PHE B 397 7.47 -18.38 39.42
C PHE B 397 6.31 -17.94 38.54
N ASN B 398 5.25 -17.46 39.16
CA ASN B 398 4.15 -16.94 38.37
C ASN B 398 4.53 -15.48 38.28
N ILE B 399 3.79 -14.67 37.51
CA ILE B 399 4.13 -13.26 37.38
C ILE B 399 4.34 -12.65 38.76
N ALA B 400 3.37 -12.90 39.65
CA ALA B 400 3.44 -12.38 41.00
C ALA B 400 4.63 -12.97 41.74
N ASP B 401 4.70 -14.30 41.78
CA ASP B 401 5.78 -14.98 42.48
C ASP B 401 7.16 -14.58 41.95
N ALA B 402 7.18 -14.00 40.75
CA ALA B 402 8.41 -13.57 40.12
C ALA B 402 8.83 -12.17 40.59
N LEU B 403 7.91 -11.22 40.47
CA LEU B 403 8.18 -9.86 40.89
C LEU B 403 8.53 -9.85 42.37
N LYS B 404 7.66 -10.44 43.20
CA LYS B 404 7.88 -10.52 44.63
C LYS B 404 9.34 -10.83 44.87
N TYR B 405 9.85 -11.80 44.13
CA TYR B 405 11.24 -12.21 44.26
C TYR B 405 12.21 -11.06 44.08
N LEU B 406 12.14 -10.41 42.92
CA LEU B 406 13.02 -9.31 42.57
C LEU B 406 12.99 -8.10 43.49
N SER B 407 11.82 -7.80 44.04
CA SER B 407 11.65 -6.64 44.93
C SER B 407 11.57 -6.97 46.42
N ASP B 408 11.97 -8.17 46.81
CA ASP B 408 11.92 -8.57 48.21
C ASP B 408 10.68 -8.09 48.95
N GLY B 409 9.52 -8.24 48.30
CA GLY B 409 8.27 -7.83 48.91
C GLY B 409 7.89 -6.42 48.56
N ALA B 410 8.85 -5.65 48.04
CA ALA B 410 8.61 -4.26 47.67
C ALA B 410 7.51 -4.24 46.62
N LYS B 411 6.40 -3.61 46.97
CA LYS B 411 5.25 -3.57 46.07
C LYS B 411 5.37 -2.61 44.87
N TRP B 412 4.89 -3.09 43.73
CA TRP B 412 4.94 -2.39 42.45
C TRP B 412 3.73 -1.52 42.14
N ASP B 413 3.37 -0.68 43.13
CA ASP B 413 2.26 0.27 43.08
C ASP B 413 2.26 1.11 41.81
N THR B 414 3.39 1.10 41.12
CA THR B 414 3.61 1.85 39.90
C THR B 414 2.90 1.29 38.66
N VAL B 415 2.86 -0.03 38.53
CA VAL B 415 2.23 -0.69 37.38
C VAL B 415 0.73 -0.40 37.19
N PRO B 416 0.37 0.38 36.15
CA PRO B 416 -1.04 0.70 35.91
C PRO B 416 -1.82 -0.56 35.55
N MET B 417 -3.13 -0.58 35.79
CA MET B 417 -3.92 -1.76 35.45
C MET B 417 -3.99 -1.91 33.94
N GLN B 418 -4.16 -0.78 33.26
CA GLN B 418 -4.23 -0.76 31.81
C GLN B 418 -3.02 -1.53 31.30
N PHE B 419 -1.88 -1.33 31.95
CA PHE B 419 -0.66 -2.03 31.56
C PHE B 419 -0.97 -3.52 31.54
N LEU B 420 -1.28 -4.05 32.72
CA LEU B 420 -1.59 -5.45 32.89
C LEU B 420 -2.64 -5.93 31.88
N VAL B 421 -3.78 -5.25 31.81
CA VAL B 421 -4.82 -5.65 30.88
C VAL B 421 -4.31 -5.85 29.45
N GLU B 422 -3.10 -5.39 29.19
CA GLU B 422 -2.54 -5.53 27.85
C GLU B 422 -1.20 -6.26 27.88
N SER B 423 -0.72 -6.58 29.08
CA SER B 423 0.57 -7.26 29.23
C SER B 423 0.44 -8.70 29.74
N VAL B 424 -0.68 -9.04 30.35
CA VAL B 424 -0.84 -10.38 30.83
C VAL B 424 -1.92 -11.13 30.08
N PRO B 425 -1.51 -12.22 29.43
CA PRO B 425 -2.34 -13.11 28.62
C PRO B 425 -3.74 -13.35 29.14
N GLN B 426 -4.71 -13.33 28.21
CA GLN B 426 -6.10 -13.59 28.55
C GLN B 426 -6.24 -15.07 28.89
N MET B 427 -7.08 -15.37 29.87
CA MET B 427 -7.30 -16.76 30.28
C MET B 427 -8.10 -17.50 29.21
N THR B 428 -7.50 -18.56 28.69
CA THR B 428 -8.09 -19.38 27.64
C THR B 428 -8.74 -20.63 28.18
N PRO B 429 -9.81 -21.09 27.52
CA PRO B 429 -10.46 -22.30 27.98
C PRO B 429 -9.42 -23.40 27.79
N ARG B 430 -9.70 -24.58 28.31
CA ARG B 430 -8.81 -25.71 28.17
C ARG B 430 -9.67 -26.69 27.40
N TYR B 431 -9.05 -27.54 26.59
CA TYR B 431 -9.83 -28.50 25.84
C TYR B 431 -9.61 -29.90 26.39
N TYR B 432 -10.67 -30.70 26.46
CA TYR B 432 -10.57 -32.05 26.97
C TYR B 432 -11.31 -32.96 26.02
N SER B 433 -10.76 -34.14 25.78
CA SER B 433 -11.37 -35.09 24.87
C SER B 433 -12.61 -35.64 25.57
N ILE B 434 -13.73 -35.67 24.86
CA ILE B 434 -14.99 -36.14 25.45
C ILE B 434 -15.10 -37.65 25.60
N SER B 435 -15.02 -38.12 26.85
CA SER B 435 -15.08 -39.53 27.15
C SER B 435 -16.45 -40.20 27.05
N SER B 436 -17.52 -39.42 26.94
CA SER B 436 -18.84 -40.02 26.81
C SER B 436 -19.31 -40.08 25.36
N SER B 437 -20.04 -41.13 25.02
CA SER B 437 -20.56 -41.29 23.67
C SER B 437 -21.69 -40.30 23.51
N SER B 438 -22.08 -40.05 22.25
CA SER B 438 -23.16 -39.12 21.99
C SER B 438 -24.42 -39.96 21.89
N LEU B 439 -24.29 -41.11 21.25
CA LEU B 439 -25.44 -41.98 21.08
C LEU B 439 -26.01 -42.48 22.41
N SER B 440 -25.17 -42.98 23.30
CA SER B 440 -25.65 -43.49 24.59
C SER B 440 -25.81 -42.46 25.69
N GLU B 441 -25.39 -41.21 25.44
CA GLU B 441 -25.52 -40.15 26.45
C GLU B 441 -25.60 -38.78 25.80
N LYS B 442 -26.40 -38.68 24.75
CA LYS B 442 -26.56 -37.43 24.00
C LYS B 442 -26.63 -36.11 24.80
N GLN B 443 -27.31 -36.13 25.94
CA GLN B 443 -27.44 -34.91 26.72
C GLN B 443 -26.30 -34.61 27.69
N THR B 444 -25.48 -35.60 27.98
CA THR B 444 -24.40 -35.37 28.93
C THR B 444 -23.01 -35.55 28.35
N VAL B 445 -22.07 -34.80 28.89
CA VAL B 445 -20.69 -34.89 28.45
C VAL B 445 -19.80 -35.33 29.60
N HIS B 446 -18.96 -36.32 29.32
CA HIS B 446 -18.04 -36.82 30.32
C HIS B 446 -16.69 -36.22 30.07
N VAL B 447 -15.97 -35.89 31.14
CA VAL B 447 -14.65 -35.30 31.00
C VAL B 447 -13.60 -35.84 31.98
N THR B 448 -12.77 -36.75 31.48
CA THR B 448 -11.70 -37.34 32.28
C THR B 448 -10.54 -36.39 32.19
N SER B 449 -10.13 -35.87 33.34
CA SER B 449 -9.04 -34.91 33.36
C SER B 449 -8.09 -35.14 34.52
N ILE B 450 -6.87 -35.55 34.21
CA ILE B 450 -5.87 -35.78 35.23
C ILE B 450 -5.58 -34.45 35.88
N VAL B 451 -5.21 -34.46 37.16
CA VAL B 451 -4.91 -33.21 37.85
C VAL B 451 -3.42 -32.90 37.79
N GLU B 452 -3.09 -31.78 37.18
CA GLU B 452 -1.71 -31.35 37.08
C GLU B 452 -1.40 -30.71 38.41
N ASN B 453 -0.38 -31.24 39.08
CA ASN B 453 0.05 -30.74 40.36
C ASN B 453 1.26 -31.51 40.81
N PHE B 454 2.41 -30.86 40.78
CA PHE B 454 3.63 -31.49 41.23
C PHE B 454 4.51 -30.53 42.03
N PRO B 455 5.42 -31.09 42.84
CA PRO B 455 6.32 -30.28 43.67
C PRO B 455 7.28 -29.44 42.83
N ASN B 456 7.70 -28.30 43.38
CA ASN B 456 8.65 -27.43 42.68
C ASN B 456 10.03 -28.07 42.71
N PRO B 457 10.50 -28.61 41.58
CA PRO B 457 11.83 -29.25 41.54
C PRO B 457 12.91 -28.43 42.26
N GLU B 458 13.07 -27.17 41.87
CA GLU B 458 14.06 -26.28 42.45
C GLU B 458 13.87 -25.89 43.90
N LEU B 459 12.80 -25.15 44.15
CA LEU B 459 12.50 -24.65 45.48
C LEU B 459 11.65 -25.61 46.28
N PRO B 460 12.30 -26.61 46.93
CA PRO B 460 11.54 -27.58 47.73
C PRO B 460 10.45 -26.87 48.55
N ASP B 461 10.90 -26.00 49.45
CA ASP B 461 9.98 -25.26 50.32
C ASP B 461 9.28 -24.22 49.48
N ALA B 462 8.54 -24.68 48.48
CA ALA B 462 7.78 -23.81 47.58
C ALA B 462 6.48 -24.50 47.20
N PRO B 463 5.40 -23.73 47.02
CA PRO B 463 4.12 -24.30 46.65
C PRO B 463 4.23 -25.19 45.42
N PRO B 464 3.28 -26.13 45.25
CA PRO B 464 3.31 -27.04 44.10
C PRO B 464 2.88 -26.34 42.80
N VAL B 465 3.65 -26.61 41.76
CA VAL B 465 3.38 -26.08 40.44
C VAL B 465 1.99 -26.62 40.11
N VAL B 466 0.97 -25.78 40.17
CA VAL B 466 -0.38 -26.28 39.91
C VAL B 466 -1.05 -25.77 38.66
N GLY B 467 -1.76 -26.66 37.98
CA GLY B 467 -2.48 -26.24 36.79
C GLY B 467 -3.79 -25.71 37.31
N VAL B 468 -4.42 -24.79 36.59
CA VAL B 468 -5.67 -24.23 37.07
C VAL B 468 -6.89 -25.09 36.82
N THR B 469 -7.39 -25.09 35.60
CA THR B 469 -8.58 -25.85 35.26
C THR B 469 -8.67 -27.26 35.84
N THR B 470 -7.54 -27.93 36.03
CA THR B 470 -7.58 -29.28 36.56
C THR B 470 -7.99 -29.24 38.02
N ASN B 471 -7.20 -28.60 38.87
CA ASN B 471 -7.55 -28.54 40.29
C ASN B 471 -8.91 -27.95 40.57
N LEU B 472 -9.35 -27.02 39.73
CA LEU B 472 -10.66 -26.41 39.92
C LEU B 472 -11.69 -27.55 39.91
N LEU B 473 -11.66 -28.35 38.84
CA LEU B 473 -12.57 -29.48 38.72
C LEU B 473 -12.49 -30.34 39.97
N ARG B 474 -11.27 -30.60 40.44
CA ARG B 474 -11.07 -31.40 41.63
C ARG B 474 -11.79 -30.76 42.80
N ASN B 475 -11.51 -29.47 43.02
CA ASN B 475 -12.17 -28.77 44.11
C ASN B 475 -13.65 -29.08 43.97
N ILE B 476 -14.22 -28.77 42.81
CA ILE B 476 -15.63 -29.04 42.53
C ILE B 476 -15.98 -30.49 42.90
N GLN B 477 -15.27 -31.43 42.29
CA GLN B 477 -15.49 -32.84 42.54
C GLN B 477 -15.51 -33.10 44.05
N LEU B 478 -14.40 -32.77 44.73
CA LEU B 478 -14.29 -32.94 46.20
C LEU B 478 -15.51 -32.40 46.91
N ALA B 479 -15.79 -31.12 46.64
CA ALA B 479 -16.92 -30.44 47.22
C ALA B 479 -18.23 -31.16 46.88
N GLN B 480 -18.52 -31.27 45.59
CA GLN B 480 -19.74 -31.92 45.15
C GLN B 480 -20.06 -33.20 45.91
N ASN B 481 -19.05 -34.05 46.11
CA ASN B 481 -19.27 -35.31 46.82
C ASN B 481 -19.03 -35.21 48.33
N ASN B 482 -19.39 -34.06 48.90
CA ASN B 482 -19.26 -33.78 50.33
C ASN B 482 -18.02 -34.36 50.96
N VAL B 483 -16.87 -33.82 50.59
CA VAL B 483 -15.63 -34.32 51.16
C VAL B 483 -14.99 -33.24 52.00
N ASN B 484 -14.34 -33.65 53.09
CA ASN B 484 -13.66 -32.73 53.97
C ASN B 484 -12.40 -32.26 53.24
N ILE B 485 -12.60 -31.27 52.38
CA ILE B 485 -11.52 -30.72 51.59
C ILE B 485 -10.37 -30.33 52.48
N ALA B 486 -10.69 -29.92 53.70
CA ALA B 486 -9.68 -29.52 54.66
C ALA B 486 -8.72 -30.68 54.94
N GLU B 487 -9.21 -31.90 54.82
CA GLU B 487 -8.38 -33.06 55.09
C GLU B 487 -7.73 -33.63 53.84
N THR B 488 -8.30 -33.29 52.69
CA THR B 488 -7.76 -33.75 51.41
C THR B 488 -6.32 -33.20 51.25
N ASN B 489 -5.76 -33.27 50.04
CA ASN B 489 -4.41 -32.73 49.83
C ASN B 489 -4.46 -31.59 48.80
N LEU B 490 -5.67 -31.21 48.43
CA LEU B 490 -5.92 -30.15 47.46
C LEU B 490 -4.99 -28.97 47.74
N PRO B 491 -4.25 -28.52 46.71
CA PRO B 491 -3.28 -27.41 46.71
C PRO B 491 -3.82 -25.98 46.72
N VAL B 492 -4.92 -25.76 46.01
CA VAL B 492 -5.51 -24.42 45.96
C VAL B 492 -7.02 -24.56 46.06
N HIS B 493 -7.71 -23.44 46.27
CA HIS B 493 -9.16 -23.45 46.42
C HIS B 493 -9.79 -22.43 45.51
N TYR B 494 -11.01 -22.69 45.04
CA TYR B 494 -11.65 -21.75 44.11
C TYR B 494 -12.98 -21.15 44.57
N ASP B 495 -13.41 -20.10 43.86
CA ASP B 495 -14.67 -19.41 44.11
C ASP B 495 -15.75 -20.20 43.37
N LEU B 496 -16.16 -21.33 43.95
CA LEU B 496 -17.15 -22.19 43.33
C LEU B 496 -18.45 -21.47 43.02
N ASN B 497 -18.70 -20.34 43.67
CA ASN B 497 -19.93 -19.63 43.42
C ASN B 497 -19.89 -18.90 42.09
N GLY B 498 -18.76 -18.26 41.80
CA GLY B 498 -18.61 -17.55 40.55
C GLY B 498 -19.17 -16.15 40.56
N PRO B 499 -19.31 -15.52 39.37
CA PRO B 499 -19.82 -14.17 39.17
C PRO B 499 -21.28 -14.09 39.62
N ARG B 500 -21.50 -13.50 40.80
CA ARG B 500 -22.85 -13.38 41.33
C ARG B 500 -23.49 -14.75 41.38
N LYS B 501 -22.87 -15.65 42.15
CA LYS B 501 -23.36 -17.01 42.29
C LYS B 501 -23.95 -17.49 40.96
N LEU B 502 -23.19 -17.32 39.88
CA LEU B 502 -23.63 -17.73 38.55
C LEU B 502 -23.12 -19.15 38.35
N PHE B 503 -22.10 -19.50 39.12
CA PHE B 503 -21.51 -20.84 39.06
C PHE B 503 -22.04 -21.64 40.23
N ALA B 504 -23.26 -21.31 40.65
CA ALA B 504 -23.92 -21.99 41.76
C ALA B 504 -24.48 -23.31 41.23
N ASN B 505 -24.40 -24.36 42.05
CA ASN B 505 -24.84 -25.70 41.67
C ASN B 505 -23.71 -26.30 40.82
N TYR B 506 -22.48 -26.15 41.31
CA TYR B 506 -21.30 -26.65 40.63
C TYR B 506 -21.41 -26.57 39.11
N LYS B 507 -21.34 -25.34 38.61
CA LYS B 507 -21.40 -25.05 37.19
C LYS B 507 -20.11 -24.36 36.71
N LEU B 508 -19.86 -24.42 35.42
CA LEU B 508 -18.69 -23.78 34.84
C LEU B 508 -19.02 -23.39 33.40
N PRO B 509 -18.30 -22.40 32.86
CA PRO B 509 -18.56 -21.95 31.49
C PRO B 509 -18.00 -23.00 30.54
N VAL B 510 -18.76 -23.39 29.52
CA VAL B 510 -18.29 -24.43 28.61
C VAL B 510 -18.93 -24.34 27.23
N HIS B 511 -18.29 -24.97 26.25
CA HIS B 511 -18.82 -25.05 24.89
C HIS B 511 -18.10 -26.22 24.25
N VAL B 512 -18.64 -26.70 23.13
CA VAL B 512 -18.06 -27.86 22.50
C VAL B 512 -17.40 -27.60 21.15
N ARG B 513 -16.18 -28.10 21.00
CA ARG B 513 -15.44 -27.94 19.75
C ARG B 513 -15.60 -29.17 18.88
N ARG B 514 -16.08 -28.96 17.68
CA ARG B 514 -16.28 -30.04 16.73
C ARG B 514 -14.87 -30.49 16.39
N SER B 515 -14.68 -31.77 16.10
CA SER B 515 -13.35 -32.27 15.75
C SER B 515 -13.48 -33.31 14.65
N ASN B 516 -12.37 -33.87 14.21
CA ASN B 516 -12.43 -34.88 13.16
C ASN B 516 -12.02 -36.25 13.64
N PHE B 517 -12.11 -36.46 14.95
CA PHE B 517 -11.76 -37.73 15.58
C PHE B 517 -13.06 -38.54 15.54
N ARG B 518 -13.20 -39.40 14.54
CA ARG B 518 -14.42 -40.18 14.39
C ARG B 518 -14.24 -41.66 14.02
N LEU B 519 -14.92 -42.54 14.76
CA LEU B 519 -14.88 -43.97 14.51
C LEU B 519 -15.25 -44.14 13.05
N PRO B 520 -14.89 -45.28 12.46
CA PRO B 520 -15.25 -45.44 11.04
C PRO B 520 -16.74 -45.27 10.84
N SER B 521 -17.17 -45.26 9.58
CA SER B 521 -18.58 -45.14 9.22
C SER B 521 -19.17 -46.53 9.31
N ASN B 522 -18.51 -47.46 8.62
CA ASN B 522 -18.93 -48.86 8.58
C ASN B 522 -18.62 -49.55 9.91
N PRO B 523 -19.68 -49.82 10.72
CA PRO B 523 -19.52 -50.48 12.02
C PRO B 523 -18.69 -51.75 11.91
N SER B 524 -18.44 -52.15 10.66
CA SER B 524 -17.67 -53.35 10.40
C SER B 524 -16.17 -53.11 10.31
N THR B 525 -15.76 -51.97 9.77
CA THR B 525 -14.34 -51.69 9.64
C THR B 525 -13.61 -51.81 10.98
N PRO B 526 -12.46 -52.53 10.99
CA PRO B 526 -11.62 -52.76 12.17
C PRO B 526 -11.19 -51.46 12.87
N VAL B 527 -10.82 -51.57 14.14
CA VAL B 527 -10.41 -50.38 14.87
C VAL B 527 -9.27 -50.60 15.87
N ILE B 528 -8.13 -49.98 15.58
CA ILE B 528 -6.97 -50.05 16.48
C ILE B 528 -6.94 -48.74 17.26
N MET B 529 -6.86 -48.80 18.58
CA MET B 529 -6.84 -47.58 19.36
C MET B 529 -5.71 -47.49 20.37
N ILE B 530 -4.84 -46.52 20.17
CA ILE B 530 -3.72 -46.30 21.08
C ILE B 530 -3.99 -45.00 21.82
N GLY B 531 -4.08 -45.07 23.14
CA GLY B 531 -4.36 -43.88 23.92
C GLY B 531 -3.88 -44.04 25.34
N PRO B 532 -2.58 -43.81 25.56
CA PRO B 532 -1.88 -43.92 26.85
C PRO B 532 -2.43 -43.00 27.93
N GLY B 533 -2.91 -43.64 29.00
CA GLY B 533 -3.46 -42.90 30.13
C GLY B 533 -4.60 -41.99 29.75
N THR B 534 -4.55 -40.78 30.30
CA THR B 534 -5.58 -39.80 30.04
C THR B 534 -6.03 -39.80 28.58
N GLY B 535 -5.19 -40.27 27.68
CA GLY B 535 -5.55 -40.28 26.28
C GLY B 535 -6.63 -41.29 25.90
N VAL B 536 -6.90 -42.22 26.81
CA VAL B 536 -7.90 -43.26 26.60
C VAL B 536 -9.31 -42.68 26.46
N ALA B 537 -9.48 -41.45 26.93
CA ALA B 537 -10.78 -40.79 26.91
C ALA B 537 -11.61 -40.96 25.63
N PRO B 538 -11.06 -40.56 24.47
CA PRO B 538 -11.79 -40.68 23.22
C PRO B 538 -12.36 -42.08 23.03
N PHE B 539 -11.56 -43.06 23.39
CA PHE B 539 -11.92 -44.45 23.25
C PHE B 539 -13.06 -44.90 24.16
N ARG B 540 -13.10 -44.39 25.39
CA ARG B 540 -14.19 -44.77 26.29
C ARG B 540 -15.48 -44.36 25.61
N GLY B 541 -15.39 -43.35 24.76
CA GLY B 541 -16.56 -42.89 24.01
C GLY B 541 -16.76 -43.89 22.90
N PHE B 542 -15.71 -44.09 22.10
CA PHE B 542 -15.74 -45.03 21.02
C PHE B 542 -16.46 -46.32 21.43
N ILE B 543 -16.05 -46.90 22.55
CA ILE B 543 -16.65 -48.14 23.05
C ILE B 543 -18.10 -47.88 23.46
N ARG B 544 -18.29 -47.03 24.45
CA ARG B 544 -19.62 -46.67 24.95
C ARG B 544 -20.53 -46.45 23.76
N GLU B 545 -19.98 -45.81 22.73
CA GLU B 545 -20.71 -45.52 21.51
C GLU B 545 -21.04 -46.84 20.82
N ARG B 546 -19.99 -47.58 20.45
CA ARG B 546 -20.13 -48.87 19.79
C ARG B 546 -21.10 -49.79 20.54
N VAL B 547 -21.06 -49.76 21.87
CA VAL B 547 -21.96 -50.60 22.64
C VAL B 547 -23.39 -50.12 22.45
N ALA B 548 -23.66 -48.88 22.81
CA ALA B 548 -25.02 -48.32 22.66
C ALA B 548 -25.60 -48.72 21.31
N PHE B 549 -24.73 -48.89 20.33
CA PHE B 549 -25.13 -49.27 18.97
C PHE B 549 -25.59 -50.71 18.93
N LEU B 550 -24.64 -51.61 19.12
CA LEU B 550 -24.89 -53.04 19.11
C LEU B 550 -26.12 -53.36 19.94
N GLU B 551 -26.28 -52.64 21.04
CA GLU B 551 -27.41 -52.85 21.93
C GLU B 551 -28.72 -52.46 21.26
N SER B 552 -28.64 -51.51 20.33
CA SER B 552 -29.81 -51.03 19.59
C SER B 552 -30.15 -52.01 18.48
N GLN B 553 -29.12 -52.68 17.97
CA GLN B 553 -29.28 -53.65 16.90
C GLN B 553 -30.04 -54.88 17.40
N LYS B 554 -29.73 -55.31 18.62
CA LYS B 554 -30.42 -56.46 19.22
C LYS B 554 -31.93 -56.18 19.18
N LYS B 555 -32.28 -54.92 19.45
CA LYS B 555 -33.66 -54.48 19.45
C LYS B 555 -34.12 -54.24 18.00
N GLY B 556 -34.23 -55.31 17.23
CA GLY B 556 -34.69 -55.19 15.86
C GLY B 556 -33.59 -55.34 14.81
N GLY B 557 -33.18 -54.20 14.24
CA GLY B 557 -32.16 -54.18 13.21
C GLY B 557 -30.96 -55.09 13.44
N ASN B 558 -30.78 -56.05 12.54
CA ASN B 558 -29.67 -57.01 12.62
C ASN B 558 -28.31 -56.33 12.69
N ASN B 559 -27.58 -56.57 13.79
CA ASN B 559 -26.26 -56.01 14.01
C ASN B 559 -25.21 -56.71 13.18
N VAL B 560 -25.54 -56.97 11.92
CA VAL B 560 -24.64 -57.64 10.98
C VAL B 560 -23.19 -57.34 11.34
N SER B 561 -22.43 -58.39 11.64
CA SER B 561 -21.02 -58.29 12.02
C SER B 561 -20.75 -57.14 13.01
N LEU B 562 -19.48 -56.77 13.13
CA LEU B 562 -19.01 -55.72 14.03
C LEU B 562 -17.51 -55.87 14.09
N GLY B 563 -16.80 -55.11 13.27
CA GLY B 563 -15.35 -55.20 13.24
C GLY B 563 -14.58 -55.21 14.55
N LYS B 564 -13.54 -56.04 14.57
CA LYS B 564 -12.65 -56.22 15.72
C LYS B 564 -12.02 -54.91 16.21
N HIS B 565 -12.33 -54.52 17.44
CA HIS B 565 -11.78 -53.29 17.99
C HIS B 565 -10.75 -53.59 19.07
N ILE B 566 -9.54 -53.08 18.89
CA ILE B 566 -8.52 -53.30 19.89
C ILE B 566 -8.00 -52.01 20.48
N LEU B 567 -8.01 -51.94 21.80
CA LEU B 567 -7.52 -50.76 22.50
C LEU B 567 -6.24 -51.04 23.25
N PHE B 568 -5.23 -50.25 22.95
CA PHE B 568 -3.95 -50.37 23.61
C PHE B 568 -3.88 -49.27 24.65
N TYR B 569 -4.17 -49.63 25.89
CA TYR B 569 -4.14 -48.67 26.97
C TYR B 569 -2.84 -48.81 27.78
N GLY B 570 -2.57 -47.81 28.63
CA GLY B 570 -1.38 -47.81 29.46
C GLY B 570 -1.56 -46.92 30.68
N SER B 571 -0.66 -47.07 31.64
CA SER B 571 -0.68 -46.27 32.87
C SER B 571 0.37 -46.78 33.85
N ARG B 572 0.89 -45.88 34.67
CA ARG B 572 1.90 -46.25 35.64
C ARG B 572 1.64 -47.60 36.30
N ASN B 573 0.43 -47.79 36.83
CA ASN B 573 0.12 -49.04 37.48
C ASN B 573 -1.37 -49.26 37.59
N THR B 574 -1.75 -50.06 38.58
CA THR B 574 -3.15 -50.39 38.83
C THR B 574 -3.80 -49.50 39.88
N ASP B 575 -3.39 -48.23 39.90
CA ASP B 575 -3.93 -47.24 40.83
C ASP B 575 -4.35 -46.05 40.00
N ASP B 576 -3.74 -45.95 38.81
CA ASP B 576 -4.00 -44.88 37.86
C ASP B 576 -4.65 -45.52 36.61
N PHE B 577 -5.12 -46.75 36.80
CA PHE B 577 -5.77 -47.51 35.75
C PHE B 577 -7.13 -46.86 35.58
N LEU B 578 -7.28 -46.04 34.54
CA LEU B 578 -8.54 -45.35 34.28
C LEU B 578 -9.71 -46.29 33.97
N TYR B 579 -10.83 -46.06 34.65
CA TYR B 579 -12.04 -46.85 34.44
C TYR B 579 -11.79 -48.35 34.43
N GLN B 580 -10.82 -48.82 35.22
CA GLN B 580 -10.49 -50.24 35.28
C GLN B 580 -11.76 -51.07 35.37
N ASP B 581 -12.62 -50.64 36.27
CA ASP B 581 -13.90 -51.24 36.58
C ASP B 581 -14.84 -51.51 35.39
N GLU B 582 -14.87 -50.58 34.44
CA GLU B 582 -15.79 -50.67 33.31
C GLU B 582 -15.46 -51.60 32.14
N TRP B 583 -14.20 -51.63 31.73
CA TRP B 583 -13.77 -52.45 30.59
C TRP B 583 -14.30 -53.89 30.56
N PRO B 584 -14.26 -54.62 31.69
CA PRO B 584 -14.78 -55.99 31.60
C PRO B 584 -16.20 -55.92 31.03
N GLU B 585 -17.00 -55.02 31.61
CA GLU B 585 -18.37 -54.82 31.17
C GLU B 585 -18.38 -54.77 29.67
N TYR B 586 -17.98 -53.63 29.13
CA TYR B 586 -17.94 -53.42 27.69
C TYR B 586 -17.52 -54.68 26.96
N ALA B 587 -16.37 -55.23 27.35
CA ALA B 587 -15.82 -56.44 26.73
C ALA B 587 -16.78 -57.60 26.78
N LYS B 588 -17.96 -57.38 27.34
CA LYS B 588 -18.99 -58.41 27.41
C LYS B 588 -19.95 -58.05 26.29
N LYS B 589 -20.71 -56.96 26.49
CA LYS B 589 -21.66 -56.51 25.49
C LYS B 589 -21.04 -56.41 24.10
N LEU B 590 -19.73 -56.54 23.99
CA LEU B 590 -19.11 -56.42 22.69
C LEU B 590 -18.59 -57.69 22.06
N ASP B 591 -19.02 -58.83 22.57
CA ASP B 591 -18.62 -60.10 21.97
C ASP B 591 -17.10 -60.18 21.82
N GLY B 592 -16.63 -61.16 21.06
CA GLY B 592 -15.22 -61.31 20.82
C GLY B 592 -14.79 -60.26 19.83
N SER B 593 -15.43 -59.09 19.90
CA SER B 593 -15.12 -57.99 19.00
C SER B 593 -14.18 -57.00 19.71
N PHE B 594 -14.20 -57.03 21.03
CA PHE B 594 -13.36 -56.13 21.82
C PHE B 594 -12.27 -56.81 22.63
N GLU B 595 -11.06 -56.29 22.48
CA GLU B 595 -9.89 -56.78 23.20
C GLU B 595 -9.02 -55.59 23.57
N MET B 596 -8.73 -55.47 24.87
CA MET B 596 -7.92 -54.38 25.39
C MET B 596 -6.55 -54.88 25.84
N VAL B 597 -5.50 -54.37 25.23
CA VAL B 597 -4.11 -54.74 25.57
C VAL B 597 -3.60 -53.68 26.53
N VAL B 598 -3.12 -54.09 27.70
CA VAL B 598 -2.69 -53.12 28.71
C VAL B 598 -1.23 -53.08 29.13
N ALA B 599 -0.64 -51.90 28.99
CA ALA B 599 0.76 -51.69 29.37
C ALA B 599 0.88 -50.91 30.67
N HIS B 600 1.94 -51.16 31.41
CA HIS B 600 2.23 -50.47 32.67
C HIS B 600 3.70 -50.04 32.65
N SER B 601 3.95 -48.76 32.89
CA SER B 601 5.30 -48.19 32.82
C SER B 601 5.95 -47.76 34.12
N ARG B 602 5.39 -48.20 35.25
CA ARG B 602 5.94 -47.85 36.55
C ARG B 602 5.64 -49.03 37.46
N LEU B 603 5.78 -50.23 36.88
CA LEU B 603 5.56 -51.47 37.60
C LEU B 603 6.81 -51.88 38.37
N PRO B 604 6.60 -52.37 39.60
CA PRO B 604 7.68 -52.82 40.47
C PRO B 604 8.49 -53.91 39.80
N ASN B 605 9.80 -53.77 39.81
CA ASN B 605 10.66 -54.80 39.26
C ASN B 605 10.50 -55.13 37.77
N THR B 606 9.52 -54.54 37.10
CA THR B 606 9.31 -54.83 35.67
C THR B 606 9.68 -53.71 34.72
N LYS B 607 10.48 -54.05 33.71
CA LYS B 607 10.92 -53.09 32.71
C LYS B 607 9.76 -52.23 32.24
N LYS B 608 10.07 -50.96 31.99
CA LYS B 608 9.08 -50.00 31.53
C LYS B 608 8.46 -50.52 30.24
N VAL B 609 7.18 -50.22 30.04
CA VAL B 609 6.49 -50.67 28.86
C VAL B 609 5.41 -49.70 28.45
N TYR B 610 5.51 -49.20 27.22
CA TYR B 610 4.52 -48.27 26.69
C TYR B 610 3.60 -48.96 25.73
N VAL B 611 2.48 -48.31 25.41
CA VAL B 611 1.53 -48.89 24.47
C VAL B 611 2.22 -49.22 23.16
N GLN B 612 3.20 -48.40 22.79
CA GLN B 612 3.95 -48.61 21.55
C GLN B 612 4.83 -49.87 21.63
N ASP B 613 5.03 -50.36 22.85
CA ASP B 613 5.81 -51.58 23.06
C ASP B 613 4.91 -52.76 22.76
N LYS B 614 3.69 -52.69 23.28
CA LYS B 614 2.71 -53.76 23.08
C LYS B 614 2.32 -53.86 21.60
N LEU B 615 2.61 -52.83 20.83
CA LEU B 615 2.29 -52.87 19.41
C LEU B 615 3.30 -53.78 18.71
N LYS B 616 4.56 -53.69 19.09
CA LYS B 616 5.60 -54.53 18.49
C LYS B 616 5.41 -55.95 19.05
N ASP B 617 4.60 -56.02 20.10
CA ASP B 617 4.29 -57.26 20.77
C ASP B 617 3.05 -57.93 20.14
N TYR B 618 2.19 -57.13 19.52
CA TYR B 618 0.99 -57.64 18.87
C TYR B 618 1.07 -57.29 17.37
N GLU B 619 2.28 -57.04 16.90
CA GLU B 619 2.51 -56.64 15.52
C GLU B 619 1.90 -57.49 14.41
N ASP B 620 1.73 -58.79 14.61
CA ASP B 620 1.16 -59.61 13.55
C ASP B 620 -0.34 -59.35 13.48
N GLN B 621 -0.97 -59.29 14.64
CA GLN B 621 -2.39 -59.06 14.72
C GLN B 621 -2.64 -57.64 14.23
N VAL B 622 -1.80 -56.70 14.67
CA VAL B 622 -1.91 -55.31 14.27
C VAL B 622 -1.79 -55.23 12.75
N PHE B 623 -0.70 -55.78 12.22
CA PHE B 623 -0.40 -55.80 10.77
C PHE B 623 -1.58 -56.36 10.02
N GLU B 624 -2.21 -57.40 10.57
CA GLU B 624 -3.38 -57.98 9.92
C GLU B 624 -4.42 -56.88 9.86
N MET B 625 -5.04 -56.60 11.01
CA MET B 625 -6.08 -55.58 11.11
C MET B 625 -5.89 -54.44 10.13
N ILE B 626 -4.66 -53.95 10.04
CA ILE B 626 -4.35 -52.85 9.14
C ILE B 626 -4.62 -53.30 7.70
N ASN B 627 -4.00 -54.40 7.27
CA ASN B 627 -4.21 -54.90 5.93
C ASN B 627 -5.60 -55.50 5.75
N ASN B 628 -6.55 -54.97 6.52
CA ASN B 628 -7.95 -55.38 6.49
C ASN B 628 -8.72 -54.08 6.62
N GLY B 629 -8.05 -52.99 6.31
CA GLY B 629 -8.66 -51.68 6.38
C GLY B 629 -9.05 -51.21 7.77
N ALA B 630 -8.24 -51.52 8.78
CA ALA B 630 -8.56 -51.07 10.14
C ALA B 630 -8.19 -49.59 10.28
N PHE B 631 -8.83 -48.91 11.23
CA PHE B 631 -8.56 -47.50 11.49
C PHE B 631 -7.63 -47.30 12.69
N ILE B 632 -6.59 -46.50 12.50
CA ILE B 632 -5.60 -46.27 13.54
C ILE B 632 -5.77 -44.98 14.29
N TYR B 633 -6.23 -45.09 15.53
CA TYR B 633 -6.46 -43.92 16.39
C TYR B 633 -5.39 -43.76 17.47
N VAL B 634 -4.67 -42.64 17.42
CA VAL B 634 -3.65 -42.35 18.39
C VAL B 634 -4.04 -41.09 19.14
N CYS B 635 -4.41 -41.24 20.41
CA CYS B 635 -4.79 -40.09 21.21
C CYS B 635 -4.13 -40.03 22.57
N GLY B 636 -3.77 -38.82 22.98
CA GLY B 636 -3.14 -38.65 24.27
C GLY B 636 -2.16 -37.51 24.30
N ASP B 637 -1.30 -37.56 25.31
CA ASP B 637 -0.26 -36.58 25.50
C ASP B 637 0.51 -36.42 24.20
N ALA B 638 1.64 -37.11 24.11
CA ALA B 638 2.55 -37.11 22.96
C ALA B 638 3.86 -36.41 23.30
N LYS B 639 4.35 -36.59 24.52
CA LYS B 639 5.62 -35.97 24.89
C LYS B 639 6.64 -36.59 23.91
N GLY B 640 6.32 -37.78 23.44
CA GLY B 640 7.15 -38.48 22.49
C GLY B 640 6.30 -39.60 21.94
N MET B 641 5.07 -39.65 22.47
CA MET B 641 4.07 -40.66 22.10
C MET B 641 3.70 -40.69 20.62
N ALA B 642 3.49 -39.53 20.03
CA ALA B 642 3.13 -39.46 18.62
C ALA B 642 4.23 -40.11 17.78
N LYS B 643 5.43 -39.51 17.82
CA LYS B 643 6.60 -39.99 17.07
C LYS B 643 7.04 -41.42 17.46
N GLY B 644 6.62 -41.87 18.62
CA GLY B 644 7.00 -43.22 19.03
C GLY B 644 6.07 -44.23 18.39
N VAL B 645 4.78 -44.08 18.72
CA VAL B 645 3.76 -44.95 18.16
C VAL B 645 3.90 -44.93 16.65
N SER B 646 3.99 -43.73 16.10
CA SER B 646 4.16 -43.57 14.66
C SER B 646 5.34 -44.47 14.22
N THR B 647 6.53 -44.24 14.80
CA THR B 647 7.71 -45.02 14.45
C THR B 647 7.50 -46.51 14.72
N ALA B 648 6.49 -46.82 15.53
CA ALA B 648 6.17 -48.22 15.85
C ALA B 648 5.38 -48.83 14.69
N LEU B 649 4.30 -48.15 14.32
CA LEU B 649 3.46 -48.62 13.23
C LEU B 649 4.31 -48.75 11.97
N VAL B 650 5.27 -47.84 11.80
CA VAL B 650 6.15 -47.92 10.63
C VAL B 650 6.94 -49.23 10.76
N GLY B 651 7.50 -49.45 11.94
CA GLY B 651 8.27 -50.65 12.19
C GLY B 651 7.50 -51.91 11.88
N ILE B 652 6.22 -51.90 12.21
CA ILE B 652 5.36 -53.05 11.95
C ILE B 652 5.07 -53.21 10.46
N LEU B 653 4.85 -52.10 9.76
CA LEU B 653 4.56 -52.13 8.32
C LEU B 653 5.79 -52.49 7.50
N SER B 654 6.94 -51.91 7.84
CA SER B 654 8.18 -52.17 7.09
C SER B 654 8.61 -53.62 7.20
N ARG B 655 8.31 -54.21 8.35
CA ARG B 655 8.66 -55.60 8.60
C ARG B 655 7.60 -56.53 8.07
N GLY B 656 6.34 -56.09 8.10
CA GLY B 656 5.28 -56.93 7.58
C GLY B 656 5.43 -57.03 6.07
N LYS B 657 5.37 -55.88 5.40
CA LYS B 657 5.48 -55.82 3.96
C LYS B 657 6.90 -56.09 3.48
N SER B 658 7.84 -56.07 4.42
CA SER B 658 9.26 -56.30 4.12
C SER B 658 9.91 -55.21 3.28
N ILE B 659 9.43 -53.98 3.44
CA ILE B 659 9.95 -52.85 2.69
C ILE B 659 10.82 -51.95 3.56
N THR B 660 11.52 -51.04 2.90
CA THR B 660 12.41 -50.11 3.56
C THR B 660 11.68 -49.18 4.54
N THR B 661 12.37 -48.80 5.61
CA THR B 661 11.79 -47.91 6.59
C THR B 661 11.07 -46.74 5.92
N ASP B 662 11.83 -45.97 5.15
CA ASP B 662 11.29 -44.81 4.46
C ASP B 662 9.98 -45.16 3.75
N GLU B 663 10.01 -46.18 2.90
CA GLU B 663 8.82 -46.60 2.16
C GLU B 663 7.62 -46.74 3.09
N ALA B 664 7.84 -47.42 4.21
CA ALA B 664 6.80 -47.64 5.19
C ALA B 664 6.39 -46.34 5.83
N THR B 665 7.37 -45.50 6.16
CA THR B 665 7.06 -44.22 6.78
C THR B 665 6.07 -43.46 5.92
N GLU B 666 6.27 -43.53 4.60
CA GLU B 666 5.37 -42.85 3.68
C GLU B 666 3.99 -43.49 3.71
N LEU B 667 3.97 -44.83 3.70
CA LEU B 667 2.70 -45.56 3.78
C LEU B 667 1.91 -44.88 4.89
N ILE B 668 2.56 -44.77 6.04
CA ILE B 668 1.97 -44.15 7.21
C ILE B 668 1.34 -42.83 6.84
N LYS B 669 2.15 -41.93 6.28
CA LYS B 669 1.64 -40.62 5.90
C LYS B 669 0.41 -40.69 5.01
N MET B 670 0.44 -41.56 4.02
CA MET B 670 -0.72 -41.68 3.12
C MET B 670 -1.97 -41.99 3.93
N LEU B 671 -1.82 -42.83 4.95
CA LEU B 671 -2.96 -43.20 5.78
C LEU B 671 -3.43 -42.01 6.59
N LYS B 672 -2.49 -41.21 7.10
CA LYS B 672 -2.87 -40.06 7.89
C LYS B 672 -3.63 -39.06 7.01
N THR B 673 -3.22 -38.97 5.75
CA THR B 673 -3.85 -38.06 4.81
C THR B 673 -5.17 -38.64 4.32
N SER B 674 -5.26 -39.96 4.28
CA SER B 674 -6.46 -40.67 3.83
C SER B 674 -7.45 -40.77 4.99
N GLY B 675 -7.00 -40.39 6.18
CA GLY B 675 -7.88 -40.43 7.34
C GLY B 675 -7.70 -41.64 8.23
N ARG B 676 -7.39 -42.78 7.63
CA ARG B 676 -7.24 -44.02 8.37
C ARG B 676 -6.39 -43.90 9.63
N TYR B 677 -5.44 -42.97 9.65
CA TYR B 677 -4.59 -42.79 10.83
C TYR B 677 -4.83 -41.40 11.43
N GLN B 678 -5.76 -41.34 12.37
CA GLN B 678 -6.13 -40.10 13.02
C GLN B 678 -5.40 -39.91 14.35
N GLU B 679 -5.05 -38.67 14.65
CA GLU B 679 -4.32 -38.38 15.86
C GLU B 679 -4.90 -37.27 16.70
N ASP B 680 -5.43 -37.61 17.87
CA ASP B 680 -5.93 -36.56 18.74
C ASP B 680 -4.93 -36.54 19.89
N VAL B 681 -3.79 -35.90 19.61
CA VAL B 681 -2.70 -35.80 20.55
C VAL B 681 -2.52 -34.32 20.94
N TRP B 682 -1.90 -34.05 22.09
CA TRP B 682 -1.71 -32.67 22.57
C TRP B 682 -0.55 -32.49 23.54
PA FAD C . 7.87 23.74 -32.80
O1A FAD C . 7.37 23.19 -34.08
O2A FAD C . 7.55 23.04 -31.54
O5B FAD C . 9.43 23.95 -33.02
C5B FAD C . 10.29 24.47 -32.03
C4B FAD C . 11.67 24.68 -32.66
O4B FAD C . 12.29 23.40 -32.94
C3B FAD C . 11.74 25.48 -33.97
O3B FAD C . 12.76 26.46 -33.97
C2B FAD C . 11.90 24.39 -35.03
O2B FAD C . 12.40 24.75 -36.30
C1B FAD C . 12.74 23.37 -34.30
N9A FAD C . 12.63 21.97 -34.75
C8A FAD C . 11.62 21.35 -35.44
N7A FAD C . 11.82 20.08 -35.68
C5A FAD C . 13.06 19.85 -35.11
C6A FAD C . 13.86 18.66 -35.03
N6A FAD C . 13.45 17.50 -35.55
N1A FAD C . 15.07 18.75 -34.39
C2A FAD C . 15.45 19.94 -33.87
N3A FAD C . 14.79 21.11 -33.90
C4A FAD C . 13.56 20.97 -34.56
N1 FAD C . 6.50 33.00 -29.48
C2 FAD C . 6.29 34.14 -30.22
O2 FAD C . 6.67 34.26 -31.41
N3 FAD C . 5.60 35.21 -29.63
C4 FAD C . 5.11 35.23 -28.30
O4 FAD C . 4.50 36.23 -27.86
C4X FAD C . 5.37 34.05 -27.55
N5 FAD C . 4.92 33.99 -26.22
C5X FAD C . 5.12 32.79 -25.51
C6 FAD C . 4.65 32.70 -24.15
C7 FAD C . 4.79 31.55 -23.40
C7M FAD C . 4.25 31.56 -21.97
C8 FAD C . 5.41 30.41 -23.96
C8M FAD C . 5.58 29.11 -23.19
C9 FAD C . 5.91 30.48 -25.31
C9A FAD C . 5.79 31.65 -26.10
N10 FAD C . 6.26 31.76 -27.46
C10 FAD C . 6.05 32.95 -28.17
C1' FAD C . 6.96 30.67 -28.16
C2' FAD C . 5.96 29.86 -28.98
O2' FAD C . 4.93 29.35 -28.14
C3' FAD C . 6.62 28.74 -29.75
O3' FAD C . 7.72 28.16 -29.08
C4' FAD C . 7.06 29.22 -31.15
O4' FAD C . 5.97 29.84 -31.86
C5' FAD C . 7.62 28.05 -31.88
O5' FAD C . 6.44 27.41 -32.42
P FAD C . 6.50 26.20 -33.40
O1P FAD C . 5.13 25.76 -33.64
O2P FAD C . 7.32 26.63 -34.58
O3P FAD C . 7.37 25.18 -32.60
N1 FMN D . 12.61 25.68 -15.51
C2 FMN D . 13.22 25.84 -14.30
O2 FMN D . 14.09 25.04 -13.92
N3 FMN D . 12.80 26.94 -13.57
C4 FMN D . 11.85 27.90 -13.94
O4 FMN D . 11.60 28.82 -13.17
C4A FMN D . 11.23 27.69 -15.23
N5 FMN D . 10.27 28.62 -15.64
C5A FMN D . 9.74 28.35 -16.88
C6 FMN D . 8.76 29.27 -17.37
C7 FMN D . 8.16 29.11 -18.63
C7M FMN D . 7.13 30.13 -19.11
C8 FMN D . 8.52 28.00 -19.44
C8M FMN D . 7.92 27.75 -20.79
C9 FMN D . 9.44 27.12 -18.98
C9A FMN D . 10.08 27.24 -17.73
N10 FMN D . 11.06 26.33 -17.26
C10 FMN D . 11.67 26.55 -15.96
C1' FMN D . 11.42 25.18 -18.13
C2' FMN D . 10.65 23.86 -18.00
O2' FMN D . 10.77 23.28 -16.70
C3' FMN D . 11.12 22.84 -19.05
O3' FMN D . 11.18 23.34 -20.40
C4' FMN D . 10.26 21.54 -19.13
O4' FMN D . 10.76 20.72 -20.17
C5' FMN D . 8.77 21.82 -19.35
O5' FMN D . 7.98 20.61 -19.40
P FMN D . 6.39 20.58 -19.60
O1P FMN D . 6.23 21.16 -20.93
O2P FMN D . 6.13 19.14 -19.50
O3P FMN D . 5.86 21.34 -18.47
PA NAP E . 15.77 37.33 -31.42
O1A NAP E . 15.34 38.27 -32.53
O2A NAP E . 17.09 36.62 -31.52
O5B NAP E . 15.85 38.03 -30.00
C5B NAP E . 15.52 39.40 -29.87
C4B NAP E . 16.74 40.23 -29.60
O4B NAP E . 17.43 39.86 -28.41
C3B NAP E . 17.83 40.21 -30.63
O3B NAP E . 18.24 41.57 -30.80
C2B NAP E . 18.88 39.30 -30.04
O2B NAP E . 20.21 39.60 -30.61
C1B NAP E . 18.82 39.65 -28.65
N9A NAP E . 19.29 38.64 -27.67
C8A NAP E . 19.76 37.39 -27.78
N7A NAP E . 20.07 36.88 -26.56
C5A NAP E . 19.77 37.86 -25.73
C6A NAP E . 19.91 37.88 -24.34
N6A NAP E . 20.38 36.87 -23.64
N1A NAP E . 19.54 39.01 -23.68
C2A NAP E . 19.04 40.09 -24.32
N3A NAP E . 18.91 40.10 -25.67
C4A NAP E . 19.28 38.97 -26.39
O3 NAP E . 14.58 36.32 -31.03
PN NAP E . 13.10 36.54 -30.49
O1N NAP E . 12.40 37.32 -31.51
O2N NAP E . 13.23 37.13 -29.11
O5D NAP E . 12.75 35.00 -30.49
C5D NAP E . 13.16 34.06 -31.57
C4D NAP E . 12.76 32.62 -31.37
O4D NAP E . 13.91 31.88 -30.94
C3D NAP E . 11.63 32.31 -30.31
O3D NAP E . 10.68 31.35 -30.81
C2D NAP E . 12.41 31.81 -29.11
O2D NAP E . 11.66 30.95 -28.27
C1D NAP E . 13.61 31.16 -29.71
N1N NAP E . 14.91 31.22 -28.99
P2B NAP E . 21.30 38.61 -31.21
O1X NAP E . 20.70 37.24 -31.08
O2X NAP E . 22.53 38.82 -30.42
O3X NAP E . 21.30 39.10 -32.59
PA FAD F . -2.26 -24.79 33.38
O1A FAD F . -2.72 -24.19 34.66
O2A FAD F . -2.17 -23.91 32.18
O5B FAD F . -0.88 -25.46 33.70
C5B FAD F . -0.08 -26.13 32.75
C4B FAD F . 1.12 -26.71 33.48
O4B FAD F . 2.12 -25.68 33.77
C3B FAD F . 0.85 -27.43 34.83
O3B FAD F . 1.50 -28.67 34.98
C2B FAD F . 1.29 -26.38 35.84
O2B FAD F . 1.52 -26.75 37.18
C1B FAD F . 2.49 -25.78 35.16
N9A FAD F . 2.90 -24.48 35.67
C8A FAD F . 2.18 -23.59 36.40
N7A FAD F . 2.84 -22.49 36.71
C5A FAD F . 4.08 -22.68 36.13
C6A FAD F . 5.26 -21.84 36.10
N6A FAD F . 5.30 -20.64 36.71
N1A FAD F . 6.36 -22.31 35.44
C2A FAD F . 6.28 -23.53 34.83
N3A FAD F . 5.23 -24.38 34.81
C4A FAD F . 4.13 -23.86 35.50
N1 FAD F . -6.19 -33.10 29.17
C2 FAD F . -6.76 -34.13 29.84
O2 FAD F . -6.52 -34.37 31.06
N3 FAD F . -7.69 -34.95 29.16
C4 FAD F . -8.04 -34.82 27.81
O4 FAD F . -8.88 -35.59 27.30
C4X FAD F . -7.40 -33.78 27.10
N5 FAD F . -7.69 -33.58 25.73
C5X FAD F . -7.10 -32.51 25.09
C6 FAD F . -7.40 -32.28 23.69
C7 FAD F . -6.85 -31.22 22.99
C7M FAD F . -7.23 -31.05 21.51
C8 FAD F . -5.98 -30.29 23.65
C8M FAD F . -5.35 -29.09 22.97
C9 FAD F . -5.66 -30.51 25.06
C9A FAD F . -6.19 -31.59 25.78
N10 FAD F . -5.91 -31.83 27.19
C10 FAD F . -6.50 -32.92 27.84
C1' FAD F . -5.01 -30.98 28.02
C2' FAD F . -5.82 -29.93 28.83
O2' FAD F . -6.56 -29.11 27.93
C3' FAD F . -4.94 -29.06 29.70
O3' FAD F . -3.67 -28.85 29.11
C4' FAD F . -4.76 -29.64 31.13
O4' FAD F . -6.01 -29.87 31.76
C5' FAD F . -3.94 -28.70 31.95
O5' FAD F . -4.88 -27.74 32.47
P FAD F . -4.50 -26.72 33.58
O1P FAD F . -5.66 -25.87 33.79
O2P FAD F . -4.02 -27.51 34.74
O3P FAD F . -3.21 -25.98 32.98
N1 FMN G . 2.79 -28.17 16.02
C2 FMN G . 3.46 -28.47 14.90
O2 FMN G . 4.57 -27.99 14.72
N3 FMN G . 2.83 -29.31 14.02
C4 FMN G . 1.57 -29.90 14.18
O4 FMN G . 1.13 -30.64 13.29
C4A FMN G . 0.88 -29.55 15.39
N5 FMN G . -0.37 -30.12 15.56
C5A FMN G . -0.96 -29.75 16.75
C6 FMN G . -2.26 -30.31 16.99
C7 FMN G . -2.99 -30.02 18.14
C7M FMN G . -4.36 -30.64 18.32
C8 FMN G . -2.41 -29.14 19.13
C8M FMN G . -3.13 -28.77 20.40
C9 FMN G . -1.18 -28.60 18.92
C9A FMN G . -0.41 -28.87 17.75
N10 FMN G . 0.89 -28.31 17.50
C10 FMN G . 1.56 -28.67 16.27
C1' FMN G . 1.53 -27.39 18.48
C2' FMN G . 1.01 -25.94 18.52
O2' FMN G . 1.10 -25.30 17.24
C3' FMN G . 1.76 -25.10 19.58
O3' FMN G . 1.52 -25.53 20.92
C4' FMN G . 1.41 -23.58 19.56
O4' FMN G . 2.12 -22.94 20.59
C5' FMN G . -0.12 -23.29 19.73
O5' FMN G . -0.41 -21.86 19.67
P FMN G . -1.84 -21.15 19.79
O1P FMN G . -2.07 -21.04 21.23
O2P FMN G . -1.58 -19.88 19.13
O3P FMN G . -2.77 -22.00 19.05
PA NAP H . 0.98 -39.87 32.20
O1A NAP H . 0.01 -40.40 33.21
O2A NAP H . 2.40 -39.65 32.57
O5B NAP H . 1.02 -40.73 30.87
C5B NAP H . 0.20 -41.88 30.73
C4B NAP H . 1.02 -43.06 30.32
O4B NAP H . 1.84 -42.81 29.14
C3B NAP H . 2.03 -43.55 31.33
O3B NAP H . 1.96 -44.98 31.30
C2B NAP H . 3.32 -42.92 30.82
O2B NAP H . 4.55 -43.49 31.38
C1B NAP H . 3.20 -43.15 29.40
N9A NAP H . 4.11 -42.35 28.53
C8A NAP H . 5.07 -41.41 28.78
N7A NAP H . 5.65 -40.98 27.64
C5A NAP H . 5.04 -41.68 26.70
C6A NAP H . 5.28 -41.63 25.32
N6A NAP H . 6.18 -40.85 24.76
N1A NAP H . 4.52 -42.46 24.51
C2A NAP H . 3.57 -43.29 25.03
N3A NAP H . 3.34 -43.35 26.34
C4A NAP H . 4.07 -42.54 27.21
O3 NAP H . 0.32 -38.63 31.44
PN NAP H . -1.13 -38.47 30.87
O1N NAP H . -2.02 -39.13 31.86
O2N NAP H . -1.09 -39.02 29.46
O5D NAP H . -1.09 -36.86 30.96
C5D NAP H . -0.54 -36.10 32.13
C4D NAP H . -0.57 -34.60 32.00
O4D NAP H . 0.36 -34.17 31.01
C3D NAP H . -1.94 -33.91 31.65
O3D NAP H . -2.40 -33.14 32.75
C2D NAP H . -1.71 -33.08 30.40
O2D NAP H . -2.08 -31.71 30.55
C1D NAP H . -0.26 -33.27 30.05
N1N NAP H . 0.09 -33.91 28.74
P2B NAP H . 5.50 -42.87 32.47
O1X NAP H . 4.86 -41.57 32.84
O2X NAP H . 6.82 -42.74 31.80
O3X NAP H . 5.35 -43.89 33.51
#